data_7AUA
#
_entry.id   7AUA
#
_cell.length_a   1.00
_cell.length_b   1.00
_cell.length_c   1.00
_cell.angle_alpha   90.00
_cell.angle_beta   90.00
_cell.angle_gamma   90.00
#
_symmetry.space_group_name_H-M   'P 1'
#
loop_
_entity.id
_entity.type
_entity.pdbx_description
1 polymer 'Exostosin-like 3'
2 branched 2-acetamido-2-deoxy-beta-D-glucopyranose-(1-4)-2-acetamido-2-deoxy-beta-D-glucopyranose
3 branched alpha-D-mannopyranose-(1-3)-beta-D-mannopyranose-(1-4)-2-acetamido-2-deoxy-beta-D-glucopyranose-(1-4)-2-acetamido-2-deoxy-beta-D-glucopyranose
4 non-polymer 'MANGANESE (II) ION'
5 non-polymer "URIDINE-5'-DIPHOSPHATE"
#
_entity_poly.entity_id   1
_entity_poly.type   'polypeptide(L)'
_entity_poly.pdbx_seq_one_letter_code
;APQLHHHHHHDLYENLYFQGKLTTLDEADEAGKRIFGPRVGNELCEVKHVLDLCRIRESVSEELLQLEAKRQELNSEIAK
LNLKIEACKKSIENAKQDLLQLKNVISQTEHSYKELMAQNQPKLSLPIRLLPEKDDAGLPPPKATRGCRLHNCFDYSRCP
LTSGFPVYVYDSDQFVFGSYLDPLVKQAFQATARANVYVTENADIACLYVILVGEMQEPVVLRPAELEKQLYSLPHWRTD
GHNHVIINLSRKSDTQNLLYNVSTGRAMVAQSTFYTVQYRPGFDLVVSPLVHAMSEPNFMEIPPQVPVKRKYLFTFQGEK
IESLRSSLQEARSFEEEMEGDPPADYDDRIIATLKAVQDSKLDQVLVEFTCKNQPKPSLPTEWALCGEREDRLELLKLST
FALIITPGDPRLVISSGCATRLFEALEVGAVPVVLGEQVQLPYQDMLQWNEAALVVPKPRVTEVHFLLRSLSDSDLLAMR
RQGRFLWETYFSTADSIFNTVLAMIRTRIQIPAAPIREEAAAEIPHRSGKAAGTDPNMADNGDLDLGPVETEPPYASPRY
LRNFTLTVTDFYRSWNCAPGPFHLFPHTPFDPVLPSEAKFLGSGTGFRPIGGGAGGSGKEFQAALGGNVPREQFTVVMLT
YEREEVLMNSLERLNGLPYLNKVVVVWNSPKLPSEDLLWPDIGVPIMVVRTEKNSLNNRFLPWNEIETEAILSIDDDAHL
RHDEIMFGFRVWREARDRIVGFPGRYHAWDIPHQSWLYNSNYSCELSMVLTGAAFFHKYYAYLYSYVMPQAIRDMVDEYI
NCEDIAMNFLVSHITRKPPIKVTSRWTFRCPGCPQALSHDDSHFHERHKCINFFVKVYGYMPLLYTQFRVDSVLFKTRLP
HDKTKCFKFI
;
_entity_poly.pdbx_strand_id   A,B
#
# COMPACT_ATOMS: atom_id res chain seq x y z
N GLY A 147 19.36 16.84 24.20
CA GLY A 147 18.59 15.85 24.93
C GLY A 147 17.10 16.02 24.78
N CYS A 148 16.67 17.19 24.30
CA CYS A 148 15.25 17.43 24.09
C CYS A 148 14.66 16.44 23.10
N ARG A 149 13.42 16.06 23.38
CA ARG A 149 12.57 15.33 22.45
C ARG A 149 11.23 16.04 22.42
N LEU A 150 10.43 15.72 21.40
CA LEU A 150 9.23 16.49 21.15
C LEU A 150 8.25 16.44 22.30
N HIS A 151 8.39 15.49 23.22
CA HIS A 151 7.48 15.34 24.33
C HIS A 151 7.86 16.18 25.55
N ASN A 152 9.03 16.81 25.55
CA ASN A 152 9.49 17.54 26.72
C ASN A 152 10.06 18.92 26.43
N CYS A 153 10.32 19.28 25.17
CA CYS A 153 10.74 20.63 24.82
C CYS A 153 9.85 21.22 23.74
N PHE A 154 8.56 20.90 23.78
CA PHE A 154 7.56 21.49 22.91
C PHE A 154 6.30 21.75 23.70
N ASP A 155 5.65 22.88 23.43
CA ASP A 155 4.45 23.30 24.16
C ASP A 155 3.22 23.00 23.32
N TYR A 156 2.37 22.09 23.81
CA TYR A 156 1.15 21.74 23.10
C TYR A 156 -0.01 22.65 23.44
N SER A 157 0.08 23.43 24.51
CA SER A 157 -1.03 24.28 24.90
C SER A 157 -1.35 25.34 23.87
N ARG A 158 -0.39 25.66 23.00
CA ARG A 158 -0.62 26.63 21.95
C ARG A 158 -1.28 26.03 20.72
N CYS A 159 -1.48 24.71 20.67
CA CYS A 159 -1.94 24.02 19.47
C CYS A 159 -3.08 23.09 19.80
N PRO A 160 -4.28 23.62 20.01
CA PRO A 160 -5.46 22.76 19.99
C PRO A 160 -5.67 22.16 18.62
N LEU A 161 -6.16 20.92 18.61
CA LEU A 161 -6.35 20.23 17.35
C LEU A 161 -7.35 20.96 16.45
N THR A 162 -8.19 21.81 17.02
CA THR A 162 -9.31 22.40 16.32
C THR A 162 -9.05 23.84 15.87
N SER A 163 -7.90 24.41 16.21
CA SER A 163 -7.61 25.81 15.93
C SER A 163 -6.71 25.99 14.72
N GLY A 164 -6.45 24.94 13.96
CA GLY A 164 -5.58 25.04 12.82
C GLY A 164 -4.11 25.01 13.21
N PHE A 165 -3.27 25.39 12.25
CA PHE A 165 -1.82 25.36 12.41
C PHE A 165 -1.23 26.69 11.97
N PRO A 166 -1.51 27.76 12.72
CA PRO A 166 -0.93 29.06 12.37
C PRO A 166 0.57 29.05 12.53
N VAL A 167 1.24 29.81 11.66
CA VAL A 167 2.70 29.88 11.62
C VAL A 167 3.11 31.33 11.50
N TYR A 168 4.13 31.73 12.25
CA TYR A 168 4.69 33.07 12.21
C TYR A 168 6.13 33.00 11.71
N VAL A 169 6.46 33.84 10.74
CA VAL A 169 7.78 33.89 10.16
C VAL A 169 8.43 35.21 10.53
N TYR A 170 9.61 35.13 11.13
CA TYR A 170 10.39 36.32 11.40
C TYR A 170 10.95 36.90 10.10
N ASP A 171 10.87 38.22 9.96
CA ASP A 171 11.45 38.90 8.82
C ASP A 171 12.92 39.15 9.12
N SER A 172 13.80 38.45 8.39
CA SER A 172 15.22 38.50 8.69
C SER A 172 15.89 39.79 8.23
N ASP A 173 15.21 40.59 7.42
CA ASP A 173 15.72 41.91 7.10
C ASP A 173 15.74 42.82 8.32
N GLN A 174 14.95 42.50 9.33
CA GLN A 174 14.88 43.25 10.57
C GLN A 174 15.86 42.75 11.61
N PHE A 175 16.82 41.92 11.21
CA PHE A 175 17.78 41.33 12.14
C PHE A 175 19.13 41.21 11.45
N VAL A 176 20.16 40.96 12.26
CA VAL A 176 21.53 40.96 11.77
C VAL A 176 21.82 39.84 10.77
N PHE A 177 21.01 38.78 10.75
CA PHE A 177 21.22 37.72 9.78
C PHE A 177 21.09 38.24 8.35
N GLY A 178 20.10 39.10 8.12
CA GLY A 178 19.64 39.35 6.77
C GLY A 178 20.73 39.77 5.82
N SER A 179 21.63 40.63 6.28
CA SER A 179 22.54 41.27 5.35
C SER A 179 23.60 40.31 4.85
N TYR A 180 23.93 39.30 5.64
CA TYR A 180 24.88 38.28 5.23
C TYR A 180 24.25 37.06 4.60
N LEU A 181 22.93 36.97 4.55
CA LEU A 181 22.33 35.79 3.94
C LEU A 181 22.60 35.78 2.45
N ASP A 182 22.64 34.58 1.88
CA ASP A 182 22.79 34.44 0.46
C ASP A 182 21.58 35.06 -0.23
N PRO A 183 21.76 35.94 -1.21
CA PRO A 183 20.59 36.65 -1.76
C PRO A 183 19.52 35.73 -2.31
N LEU A 184 19.92 34.67 -3.02
CA LEU A 184 18.94 33.82 -3.65
C LEU A 184 18.13 33.04 -2.62
N VAL A 185 18.81 32.47 -1.62
CA VAL A 185 18.11 31.75 -0.56
C VAL A 185 17.11 32.67 0.11
N LYS A 186 17.55 33.88 0.48
CA LYS A 186 16.68 34.83 1.16
C LYS A 186 15.47 35.16 0.32
N GLN A 187 15.70 35.47 -0.96
CA GLN A 187 14.60 35.87 -1.83
C GLN A 187 13.59 34.74 -1.99
N ALA A 188 14.08 33.53 -2.26
CA ALA A 188 13.18 32.41 -2.46
C ALA A 188 12.39 32.09 -1.20
N PHE A 189 13.05 32.09 -0.06
CA PHE A 189 12.35 31.78 1.18
C PHE A 189 11.30 32.82 1.50
N GLN A 190 11.64 34.10 1.34
CA GLN A 190 10.66 35.14 1.60
C GLN A 190 9.48 35.02 0.65
N ALA A 191 9.75 34.74 -0.63
CA ALA A 191 8.67 34.60 -1.59
C ALA A 191 7.74 33.47 -1.21
N THR A 192 8.28 32.28 -0.95
CA THR A 192 7.42 31.14 -0.65
C THR A 192 6.67 31.35 0.66
N ALA A 193 7.34 31.90 1.68
CA ALA A 193 6.67 32.12 2.96
C ALA A 193 5.58 33.17 2.84
N ARG A 194 5.73 34.13 1.93
CA ARG A 194 4.67 35.12 1.74
C ARG A 194 3.40 34.47 1.21
N ALA A 195 3.52 33.50 0.32
CA ALA A 195 2.38 32.92 -0.37
C ALA A 195 1.76 31.74 0.35
N ASN A 196 2.42 31.19 1.36
CA ASN A 196 1.89 30.00 2.01
C ASN A 196 0.61 30.32 2.77
N VAL A 197 -0.18 29.28 3.01
CA VAL A 197 -1.51 29.45 3.55
C VAL A 197 -1.54 29.41 5.08
N TYR A 198 -0.66 28.63 5.71
CA TYR A 198 -0.65 28.55 7.16
C TYR A 198 -0.14 29.82 7.81
N VAL A 199 0.62 30.63 7.07
CA VAL A 199 1.32 31.75 7.67
C VAL A 199 0.34 32.84 8.09
N THR A 200 0.69 33.53 9.17
CA THR A 200 -0.10 34.63 9.69
C THR A 200 0.84 35.71 10.20
N GLU A 201 0.28 36.90 10.45
CA GLU A 201 1.03 37.99 11.03
C GLU A 201 0.80 38.14 12.53
N ASN A 202 -0.26 37.55 13.07
CA ASN A 202 -0.57 37.63 14.49
C ASN A 202 0.31 36.63 15.23
N ALA A 203 1.41 37.14 15.80
CA ALA A 203 2.34 36.28 16.52
C ALA A 203 1.80 35.80 17.85
N ASP A 204 0.66 36.33 18.30
CA ASP A 204 0.14 35.95 19.62
C ASP A 204 -0.50 34.57 19.60
N ILE A 205 -0.99 34.12 18.45
CA ILE A 205 -1.74 32.87 18.36
C ILE A 205 -0.92 31.74 17.75
N ALA A 206 0.27 32.02 17.27
CA ALA A 206 1.02 31.03 16.50
C ALA A 206 1.53 29.90 17.37
N CYS A 207 1.41 28.67 16.85
CA CYS A 207 2.19 27.56 17.37
C CYS A 207 3.67 27.67 17.06
N LEU A 208 4.03 28.08 15.85
CA LEU A 208 5.38 27.84 15.37
C LEU A 208 5.97 29.13 14.86
N TYR A 209 7.20 29.41 15.27
CA TYR A 209 7.93 30.61 14.87
C TYR A 209 9.13 30.17 14.05
N VAL A 210 9.24 30.71 12.84
CA VAL A 210 10.24 30.31 11.87
C VAL A 210 11.21 31.46 11.66
N ILE A 211 12.49 31.17 11.78
CA ILE A 211 13.56 32.14 11.56
C ILE A 211 14.59 31.51 10.65
N LEU A 212 14.94 32.21 9.58
CA LEU A 212 15.89 31.73 8.59
C LEU A 212 17.25 32.35 8.87
N VAL A 213 18.18 31.53 9.39
CA VAL A 213 19.57 31.92 9.45
C VAL A 213 20.31 31.54 8.18
N GLY A 214 19.84 30.51 7.47
CA GLY A 214 20.26 30.22 6.13
C GLY A 214 21.75 30.04 5.94
N GLU A 215 22.13 29.79 4.69
CA GLU A 215 23.54 29.77 4.31
C GLU A 215 24.02 31.21 4.15
N MET A 216 25.05 31.57 4.89
CA MET A 216 25.59 32.92 4.85
C MET A 216 26.72 33.01 3.84
N GLN A 217 27.00 34.24 3.42
CA GLN A 217 28.05 34.47 2.44
C GLN A 217 29.39 34.01 2.98
N GLU A 218 30.20 33.40 2.12
CA GLU A 218 31.51 32.94 2.52
C GLU A 218 32.55 34.00 2.25
N PRO A 219 33.50 34.24 3.17
CA PRO A 219 33.64 33.60 4.47
C PRO A 219 32.62 34.10 5.48
N VAL A 220 32.28 33.25 6.45
CA VAL A 220 31.30 33.63 7.46
C VAL A 220 31.87 34.75 8.32
N VAL A 221 31.07 35.78 8.55
CA VAL A 221 31.51 36.94 9.33
C VAL A 221 31.08 36.82 10.78
N LEU A 222 29.82 36.44 11.04
CA LEU A 222 29.33 36.37 12.40
C LEU A 222 30.05 35.27 13.18
N ARG A 223 30.28 35.54 14.43
CA ARG A 223 30.81 34.55 15.34
C ARG A 223 29.66 33.81 16.04
N PRO A 224 29.89 32.57 16.48
CA PRO A 224 28.79 31.83 17.12
C PRO A 224 28.17 32.57 18.28
N ALA A 225 28.97 33.27 19.08
CA ALA A 225 28.42 34.00 20.21
C ALA A 225 27.48 35.10 19.74
N GLU A 226 27.86 35.81 18.68
CA GLU A 226 27.01 36.88 18.15
C GLU A 226 25.68 36.31 17.67
N LEU A 227 25.74 35.19 16.94
CA LEU A 227 24.53 34.56 16.45
C LEU A 227 23.64 34.12 17.59
N GLU A 228 24.23 33.51 18.61
CA GLU A 228 23.46 33.07 19.77
C GLU A 228 22.81 34.26 20.47
N LYS A 229 23.55 35.35 20.63
CA LYS A 229 22.99 36.53 21.27
C LYS A 229 21.81 37.07 20.48
N GLN A 230 21.94 37.09 19.15
CA GLN A 230 20.82 37.55 18.33
C GLN A 230 19.62 36.63 18.51
N LEU A 231 19.84 35.32 18.60
CA LEU A 231 18.73 34.39 18.74
C LEU A 231 17.94 34.69 20.01
N TYR A 232 18.62 34.76 21.16
CA TYR A 232 17.95 34.98 22.42
C TYR A 232 17.34 36.37 22.53
N SER A 233 17.67 37.28 21.61
CA SER A 233 17.14 38.63 21.60
C SER A 233 15.85 38.74 20.78
N LEU A 234 15.35 37.65 20.24
CA LEU A 234 14.17 37.70 19.40
C LEU A 234 12.94 38.05 20.22
N PRO A 235 11.97 38.74 19.64
CA PRO A 235 10.83 39.22 20.43
C PRO A 235 10.08 38.12 21.17
N HIS A 236 9.87 36.98 20.54
CA HIS A 236 9.06 35.90 21.10
C HIS A 236 9.91 34.71 21.53
N TRP A 237 11.22 34.90 21.58
CA TRP A 237 12.08 33.86 22.14
C TRP A 237 11.94 33.86 23.64
N ARG A 238 10.76 33.49 24.14
CA ARG A 238 10.60 33.33 25.57
C ARG A 238 11.73 32.45 26.07
N THR A 239 12.08 32.58 27.35
CA THR A 239 13.43 32.31 27.84
C THR A 239 14.14 31.17 27.10
N ASP A 240 13.46 30.07 26.85
CA ASP A 240 14.09 28.87 26.30
C ASP A 240 13.89 28.72 24.80
N GLY A 241 13.15 29.63 24.17
CA GLY A 241 12.94 29.55 22.73
C GLY A 241 12.15 28.34 22.30
N HIS A 242 11.09 28.00 23.02
CA HIS A 242 10.27 26.86 22.64
C HIS A 242 9.41 27.18 21.43
N ASN A 243 8.99 26.11 20.74
CA ASN A 243 8.13 26.23 19.58
C ASN A 243 8.78 27.05 18.46
N HIS A 244 10.10 26.99 18.37
CA HIS A 244 10.86 27.66 17.33
C HIS A 244 11.57 26.62 16.49
N VAL A 245 11.63 26.87 15.19
CA VAL A 245 12.38 26.04 14.25
C VAL A 245 13.36 26.93 13.52
N ILE A 246 14.63 26.50 13.49
CA ILE A 246 15.71 27.24 12.88
C ILE A 246 16.09 26.57 11.58
N ILE A 247 16.14 27.34 10.50
CA ILE A 247 16.29 26.84 9.15
C ILE A 247 17.62 27.30 8.59
N ASN A 248 18.39 26.35 8.04
CA ASN A 248 19.69 26.63 7.45
C ASN A 248 19.80 25.82 6.16
N LEU A 249 19.40 26.44 5.05
CA LEU A 249 19.39 25.77 3.76
C LEU A 249 20.74 25.93 3.08
N SER A 250 21.22 24.85 2.47
CA SER A 250 22.51 24.84 1.79
C SER A 250 22.30 24.94 0.28
N ARG A 251 23.02 25.87 -0.35
CA ARG A 251 22.96 26.06 -1.79
C ARG A 251 24.32 25.89 -2.46
N LYS A 252 25.36 26.51 -1.91
CA LYS A 252 26.66 26.61 -2.57
C LYS A 252 27.77 25.91 -1.82
N SER A 253 27.81 26.04 -0.50
CA SER A 253 28.92 25.53 0.31
C SER A 253 28.48 24.26 1.02
N ASP A 254 29.27 23.21 0.88
CA ASP A 254 29.04 21.93 1.56
C ASP A 254 29.86 21.78 2.82
N THR A 255 30.61 22.81 3.22
CA THR A 255 31.50 22.75 4.37
C THR A 255 31.12 23.75 5.45
N GLN A 256 29.93 24.32 5.39
CA GLN A 256 29.48 25.33 6.33
C GLN A 256 28.63 24.68 7.42
N ASN A 257 28.97 24.97 8.68
CA ASN A 257 28.23 24.43 9.83
C ASN A 257 28.17 25.55 10.87
N LEU A 258 27.06 26.32 10.82
CA LEU A 258 26.94 27.52 11.62
C LEU A 258 26.63 27.22 13.08
N LEU A 259 25.83 26.20 13.33
CA LEU A 259 25.22 25.98 14.63
C LEU A 259 25.98 24.99 15.50
N TYR A 260 27.20 24.60 15.09
CA TYR A 260 27.95 23.61 15.86
C TYR A 260 28.29 24.12 17.25
N ASN A 261 28.69 25.39 17.36
CA ASN A 261 29.10 25.99 18.62
C ASN A 261 28.01 26.84 19.24
N VAL A 262 26.78 26.72 18.77
CA VAL A 262 25.68 27.56 19.22
C VAL A 262 24.76 26.75 20.12
N SER A 263 24.13 27.43 21.07
CA SER A 263 23.13 26.84 21.95
C SER A 263 21.76 27.29 21.48
N THR A 264 20.99 26.36 20.94
CA THR A 264 19.67 26.67 20.40
C THR A 264 18.56 26.52 21.42
N GLY A 265 18.88 26.15 22.66
CA GLY A 265 17.84 25.98 23.64
C GLY A 265 16.93 24.83 23.28
N ARG A 266 15.63 25.12 23.25
CA ARG A 266 14.62 24.13 22.92
C ARG A 266 14.15 24.23 21.49
N ALA A 267 14.81 25.04 20.67
CA ALA A 267 14.41 25.20 19.29
C ALA A 267 14.80 23.97 18.47
N MET A 268 14.02 23.72 17.42
CA MET A 268 14.34 22.69 16.45
C MET A 268 15.19 23.26 15.34
N VAL A 269 15.95 22.38 14.70
CA VAL A 269 16.93 22.76 13.69
C VAL A 269 16.65 21.96 12.43
N ALA A 270 16.63 22.66 11.29
CA ALA A 270 16.41 22.05 9.99
C ALA A 270 17.57 22.41 9.09
N GLN A 271 18.39 21.43 8.75
CA GLN A 271 19.53 21.65 7.87
C GLN A 271 19.94 20.32 7.26
N SER A 272 20.83 20.39 6.28
CA SER A 272 21.26 19.24 5.51
C SER A 272 22.53 18.60 6.05
N THR A 273 23.09 19.12 7.14
CA THR A 273 24.31 18.59 7.73
C THR A 273 24.12 18.41 9.23
N PHE A 274 24.72 17.36 9.78
CA PHE A 274 24.54 17.06 11.19
C PHE A 274 25.73 16.26 11.71
N TYR A 275 25.99 16.43 12.99
CA TYR A 275 26.88 15.58 13.77
C TYR A 275 26.08 14.94 14.89
N THR A 276 26.48 13.72 15.27
CA THR A 276 25.74 12.99 16.29
C THR A 276 25.57 13.83 17.56
N VAL A 277 26.57 14.65 17.88
CA VAL A 277 26.51 15.47 19.08
C VAL A 277 25.39 16.49 19.00
N GLN A 278 24.93 16.83 17.79
CA GLN A 278 23.94 17.89 17.61
C GLN A 278 22.72 17.42 16.84
N TYR A 279 22.52 16.11 16.71
CA TYR A 279 21.34 15.56 16.06
C TYR A 279 20.46 14.89 17.10
N ARG A 280 19.17 15.25 17.10
CA ARG A 280 18.20 14.77 18.07
C ARG A 280 17.05 14.12 17.31
N PRO A 281 17.11 12.82 17.06
CA PRO A 281 16.08 12.20 16.21
C PRO A 281 14.69 12.35 16.80
N GLY A 282 13.72 12.56 15.91
CA GLY A 282 12.36 12.84 16.32
C GLY A 282 12.10 14.28 16.67
N PHE A 283 13.15 15.10 16.78
CA PHE A 283 13.02 16.51 17.09
C PHE A 283 13.56 17.39 15.96
N ASP A 284 14.79 17.14 15.53
CA ASP A 284 15.37 17.88 14.43
C ASP A 284 14.93 17.30 13.10
N LEU A 285 15.27 18.00 12.03
CA LEU A 285 14.85 17.63 10.68
C LEU A 285 16.03 17.67 9.73
N VAL A 286 16.01 16.78 8.76
CA VAL A 286 17.01 16.74 7.70
C VAL A 286 16.30 17.09 6.40
N VAL A 287 16.73 18.18 5.77
CA VAL A 287 16.05 18.72 4.61
C VAL A 287 17.02 18.70 3.44
N SER A 288 16.46 18.73 2.25
CA SER A 288 17.27 18.72 1.05
C SER A 288 17.89 20.08 0.80
N PRO A 289 19.02 20.13 0.10
CA PRO A 289 19.61 21.43 -0.24
C PRO A 289 18.78 22.15 -1.27
N LEU A 290 18.89 23.48 -1.27
CA LEU A 290 18.17 24.33 -2.20
C LEU A 290 19.04 24.52 -3.44
N VAL A 291 18.56 23.99 -4.57
CA VAL A 291 19.31 24.05 -5.81
C VAL A 291 18.59 25.00 -6.77
N HIS A 292 17.34 24.70 -7.09
CA HIS A 292 16.58 25.47 -8.08
C HIS A 292 16.06 26.75 -7.43
N ALA A 293 17.01 27.61 -7.07
CA ALA A 293 16.68 28.92 -6.54
C ALA A 293 16.46 29.89 -7.70
N MET A 294 15.27 30.49 -7.75
CA MET A 294 14.94 31.46 -8.79
C MET A 294 14.98 30.81 -10.17
N SER A 295 14.68 29.51 -10.24
CA SER A 295 14.72 28.77 -11.48
C SER A 295 13.61 27.73 -11.48
N GLU A 296 13.29 27.24 -12.68
CA GLU A 296 12.19 26.31 -12.85
C GLU A 296 12.70 24.90 -13.03
N PRO A 297 12.26 23.93 -12.23
CA PRO A 297 12.64 22.52 -12.48
C PRO A 297 11.82 21.88 -13.58
N ASN A 298 11.92 22.45 -14.78
CA ASN A 298 11.13 21.97 -15.91
C ASN A 298 11.53 20.55 -16.28
N PHE A 299 10.54 19.75 -16.68
CA PHE A 299 10.72 18.35 -16.95
C PHE A 299 11.29 18.07 -18.34
N MET A 300 11.47 19.10 -19.17
CA MET A 300 11.84 18.87 -20.55
C MET A 300 13.25 18.30 -20.69
N GLU A 301 14.15 18.64 -19.77
CA GLU A 301 15.51 18.16 -19.85
C GLU A 301 15.68 16.74 -19.33
N ILE A 302 14.70 16.23 -18.59
CA ILE A 302 14.83 14.90 -17.99
C ILE A 302 14.74 13.85 -19.09
N PRO A 303 15.61 12.84 -19.09
CA PRO A 303 15.49 11.78 -20.09
C PRO A 303 14.34 10.85 -19.75
N PRO A 304 13.88 10.06 -20.71
CA PRO A 304 12.75 9.18 -20.46
C PRO A 304 13.09 8.06 -19.50
N GLN A 305 12.07 7.60 -18.77
CA GLN A 305 12.23 6.45 -17.91
C GLN A 305 12.51 5.18 -18.68
N VAL A 306 12.25 5.18 -19.98
CA VAL A 306 12.47 4.02 -20.84
C VAL A 306 13.33 4.46 -22.00
N PRO A 307 14.33 3.67 -22.44
CA PRO A 307 14.69 2.32 -22.02
C PRO A 307 15.16 2.20 -20.59
N VAL A 308 15.10 0.99 -20.05
CA VAL A 308 15.44 0.77 -18.65
C VAL A 308 16.95 0.80 -18.46
N LYS A 309 17.65 -0.10 -19.12
CA LYS A 309 19.10 -0.10 -19.09
C LYS A 309 19.64 1.05 -19.93
N ARG A 310 20.74 1.61 -19.47
CA ARG A 310 21.40 2.72 -20.14
C ARG A 310 22.85 2.32 -20.45
N LYS A 311 23.63 3.29 -20.91
CA LYS A 311 24.99 2.98 -21.34
C LYS A 311 25.82 2.39 -20.22
N TYR A 312 25.72 2.96 -19.02
CA TYR A 312 26.52 2.54 -17.88
C TYR A 312 25.63 1.92 -16.81
N LEU A 313 26.11 0.82 -16.23
CA LEU A 313 25.39 0.20 -15.12
C LEU A 313 25.39 1.11 -13.90
N PHE A 314 26.57 1.60 -13.52
CA PHE A 314 26.67 2.56 -12.44
C PHE A 314 27.93 3.38 -12.65
N THR A 315 27.95 4.55 -12.01
CA THR A 315 29.04 5.51 -12.19
C THR A 315 29.32 6.21 -10.87
N PHE A 316 30.52 6.78 -10.78
CA PHE A 316 30.93 7.50 -9.58
C PHE A 316 32.01 8.51 -9.96
N GLN A 317 32.04 9.61 -9.22
CA GLN A 317 33.05 10.65 -9.42
C GLN A 317 33.27 11.34 -8.09
N GLY A 318 34.45 11.13 -7.51
CA GLY A 318 34.74 11.75 -6.23
C GLY A 318 36.23 11.77 -5.97
N GLU A 319 36.59 12.47 -4.89
CA GLU A 319 37.97 12.58 -4.46
C GLU A 319 38.01 12.77 -2.96
N LYS A 320 39.00 12.19 -2.32
CA LYS A 320 39.10 12.23 -0.86
C LYS A 320 40.43 12.82 -0.42
N ASP A 345 38.40 0.26 7.99
CA ASP A 345 39.19 0.87 6.92
C ASP A 345 38.71 0.36 5.57
N TYR A 346 37.40 0.40 5.35
CA TYR A 346 36.77 -0.23 4.20
C TYR A 346 37.06 0.47 2.88
N ASP A 347 37.66 1.66 2.91
CA ASP A 347 37.81 2.46 1.69
C ASP A 347 38.61 1.72 0.63
N ASP A 348 39.78 1.20 1.00
CA ASP A 348 40.67 0.60 0.01
C ASP A 348 40.03 -0.61 -0.64
N ARG A 349 39.36 -1.45 0.15
CA ARG A 349 38.71 -2.62 -0.42
C ARG A 349 37.63 -2.21 -1.40
N ILE A 350 36.85 -1.18 -1.06
CA ILE A 350 35.84 -0.67 -1.96
C ILE A 350 36.46 -0.24 -3.28
N ILE A 351 37.53 0.54 -3.19
CA ILE A 351 38.16 1.08 -4.39
C ILE A 351 38.68 -0.05 -5.28
N ALA A 352 39.35 -1.02 -4.65
CA ALA A 352 39.89 -2.14 -5.42
C ALA A 352 38.78 -2.94 -6.08
N THR A 353 37.70 -3.20 -5.34
CA THR A 353 36.60 -3.98 -5.88
C THR A 353 35.99 -3.28 -7.08
N LEU A 354 35.76 -1.98 -6.97
CA LEU A 354 35.12 -1.26 -8.07
C LEU A 354 36.04 -1.16 -9.27
N LYS A 355 37.34 -0.96 -9.04
CA LYS A 355 38.28 -0.94 -10.16
C LYS A 355 38.32 -2.30 -10.85
N ALA A 356 38.28 -3.39 -10.08
CA ALA A 356 38.22 -4.71 -10.67
C ALA A 356 36.96 -4.89 -11.50
N VAL A 357 35.81 -4.42 -10.99
CA VAL A 357 34.58 -4.53 -11.75
C VAL A 357 34.70 -3.79 -13.07
N GLN A 358 35.29 -2.60 -13.04
CA GLN A 358 35.46 -1.84 -14.27
C GLN A 358 36.36 -2.58 -15.24
N ASP A 359 37.44 -3.19 -14.73
CA ASP A 359 38.35 -3.93 -15.59
C ASP A 359 37.72 -5.19 -16.17
N SER A 360 36.76 -5.79 -15.47
CA SER A 360 36.19 -7.07 -15.91
C SER A 360 35.28 -6.91 -17.11
N LYS A 361 34.71 -5.72 -17.30
CA LYS A 361 33.88 -5.40 -18.47
C LYS A 361 32.84 -6.49 -18.77
N LEU A 362 32.26 -7.07 -17.71
CA LEU A 362 31.02 -7.79 -17.90
C LEU A 362 29.91 -6.85 -18.34
N ASP A 363 29.83 -5.68 -17.70
CA ASP A 363 28.96 -4.60 -18.13
C ASP A 363 29.71 -3.29 -17.95
N GLN A 364 29.37 -2.31 -18.76
CA GLN A 364 30.08 -1.04 -18.72
C GLN A 364 29.83 -0.30 -17.43
N VAL A 365 30.88 0.34 -16.91
CA VAL A 365 30.79 1.24 -15.77
C VAL A 365 31.80 2.36 -15.98
N LEU A 366 31.80 3.31 -15.04
CA LEU A 366 32.68 4.46 -15.13
C LEU A 366 32.88 4.99 -13.71
N VAL A 367 34.04 4.69 -13.14
CA VAL A 367 34.36 5.07 -11.77
C VAL A 367 35.61 5.93 -11.79
N GLU A 368 35.54 7.08 -11.14
CA GLU A 368 36.66 8.01 -11.05
C GLU A 368 36.84 8.41 -9.60
N PHE A 369 38.06 8.26 -9.10
CA PHE A 369 38.41 8.64 -7.74
C PHE A 369 39.30 9.87 -7.69
N THR A 370 39.45 10.58 -8.81
CA THR A 370 40.16 11.84 -8.87
C THR A 370 39.43 12.79 -9.80
N CYS A 371 39.20 14.02 -9.35
CA CYS A 371 38.46 15.00 -10.11
C CYS A 371 39.41 15.82 -10.96
N LYS A 372 39.20 15.79 -12.28
CA LYS A 372 39.98 16.65 -13.16
C LYS A 372 39.63 18.11 -12.92
N ASN A 373 38.34 18.43 -12.90
CA ASN A 373 37.92 19.74 -12.42
C ASN A 373 38.27 19.87 -10.94
N GLN A 374 38.75 21.05 -10.56
CA GLN A 374 39.27 21.23 -9.22
C GLN A 374 38.23 20.79 -8.19
N PRO A 375 38.56 19.85 -7.30
CA PRO A 375 37.54 19.31 -6.40
C PRO A 375 36.96 20.38 -5.50
N LYS A 376 35.65 20.30 -5.30
CA LYS A 376 34.96 21.25 -4.44
C LYS A 376 35.35 20.99 -2.99
N PRO A 377 35.37 22.04 -2.16
CA PRO A 377 35.69 21.84 -0.75
C PRO A 377 34.72 20.89 -0.08
N SER A 378 35.23 20.14 0.90
CA SER A 378 34.44 19.11 1.54
C SER A 378 34.89 18.95 2.98
N LEU A 379 34.15 18.11 3.72
CA LEU A 379 34.46 17.81 5.10
C LEU A 379 35.68 16.90 5.15
N PRO A 380 36.28 16.74 6.33
CA PRO A 380 37.60 16.08 6.40
C PRO A 380 37.62 14.68 5.80
N THR A 381 36.58 13.89 6.00
CA THR A 381 36.59 12.51 5.53
C THR A 381 35.41 12.23 4.61
N GLU A 382 35.15 13.15 3.68
CA GLU A 382 34.04 13.05 2.76
C GLU A 382 34.57 13.04 1.33
N TRP A 383 33.87 12.31 0.47
CA TRP A 383 34.18 12.29 -0.94
C TRP A 383 33.74 13.60 -1.58
N ALA A 384 34.67 14.25 -2.28
CA ALA A 384 34.41 15.56 -2.82
C ALA A 384 33.75 15.47 -4.18
N LEU A 385 32.94 16.48 -4.49
CA LEU A 385 32.28 16.57 -5.78
C LEU A 385 33.23 17.10 -6.83
N CYS A 386 33.09 16.60 -8.05
CA CYS A 386 33.93 17.00 -9.17
C CYS A 386 33.17 17.95 -10.09
N GLY A 387 33.79 19.08 -10.38
CA GLY A 387 33.25 19.97 -11.39
C GLY A 387 31.94 20.63 -10.98
N GLU A 388 31.25 21.11 -12.02
CA GLU A 388 30.00 21.82 -11.83
C GLU A 388 28.81 20.87 -11.86
N ARG A 389 27.64 21.42 -11.59
CA ARG A 389 26.42 20.61 -11.54
C ARG A 389 26.12 19.98 -12.89
N GLU A 390 26.29 20.74 -13.97
CA GLU A 390 25.94 20.22 -15.29
C GLU A 390 26.90 19.12 -15.72
N ASP A 391 28.18 19.26 -15.38
CA ASP A 391 29.16 18.26 -15.77
C ASP A 391 28.87 16.90 -15.13
N ARG A 392 28.13 16.89 -14.02
CA ARG A 392 27.73 15.65 -13.38
C ARG A 392 26.44 15.09 -13.98
N LEU A 393 25.48 15.97 -14.27
CA LEU A 393 24.24 15.52 -14.86
C LEU A 393 24.46 14.94 -16.24
N GLU A 394 25.37 15.53 -17.02
CA GLU A 394 25.61 15.03 -18.37
C GLU A 394 26.09 13.58 -18.36
N LEU A 395 26.60 13.12 -17.22
CA LEU A 395 27.01 11.72 -17.07
C LEU A 395 25.94 10.88 -16.39
N LEU A 396 25.28 11.41 -15.36
CA LEU A 396 24.22 10.64 -14.70
C LEU A 396 23.10 10.27 -15.66
N LYS A 397 22.87 11.09 -16.68
CA LYS A 397 21.82 10.80 -17.64
C LYS A 397 22.07 9.50 -18.39
N LEU A 398 23.30 9.02 -18.40
CA LEU A 398 23.68 7.81 -19.10
C LEU A 398 23.83 6.60 -18.19
N SER A 399 23.51 6.73 -16.91
CA SER A 399 23.79 5.71 -15.92
C SER A 399 22.48 5.16 -15.35
N THR A 400 22.41 3.84 -15.23
CA THR A 400 21.25 3.19 -14.65
C THR A 400 21.21 3.39 -13.13
N PHE A 401 22.35 3.21 -12.47
CA PHE A 401 22.46 3.37 -11.04
C PHE A 401 23.47 4.46 -10.72
N ALA A 402 23.22 5.15 -9.61
CA ALA A 402 24.12 6.20 -9.12
C ALA A 402 24.69 5.75 -7.78
N LEU A 403 26.01 5.77 -7.68
CA LEU A 403 26.69 5.27 -6.50
C LEU A 403 26.86 6.39 -5.48
N ILE A 404 26.66 6.05 -4.22
CA ILE A 404 26.77 7.01 -3.12
C ILE A 404 27.49 6.35 -1.96
N ILE A 405 28.71 6.79 -1.69
CA ILE A 405 29.51 6.24 -0.60
C ILE A 405 29.47 7.21 0.56
N THR A 406 29.14 6.70 1.74
CA THR A 406 29.01 7.54 2.91
C THR A 406 30.37 7.85 3.51
N PRO A 407 30.46 8.90 4.32
CA PRO A 407 31.75 9.26 4.92
C PRO A 407 32.22 8.19 5.89
N GLY A 408 33.55 8.12 6.03
CA GLY A 408 34.15 7.20 6.98
C GLY A 408 34.05 7.63 8.43
N ASP A 409 33.77 8.90 8.68
CA ASP A 409 33.66 9.38 10.04
C ASP A 409 32.36 8.85 10.66
N PRO A 410 32.41 8.07 11.73
CA PRO A 410 31.16 7.59 12.34
C PRO A 410 30.33 8.70 12.96
N ARG A 411 30.92 9.84 13.29
CA ARG A 411 30.19 10.93 13.92
C ARG A 411 29.39 11.75 12.92
N LEU A 412 29.63 11.60 11.63
CA LEU A 412 28.98 12.41 10.60
C LEU A 412 27.72 11.69 10.15
N VAL A 413 26.57 12.13 10.65
CA VAL A 413 25.32 11.47 10.34
C VAL A 413 24.96 11.64 8.87
N ILE A 414 25.03 12.87 8.38
CA ILE A 414 24.61 13.19 7.03
C ILE A 414 25.34 14.44 6.59
N SER A 415 25.69 14.49 5.31
CA SER A 415 26.42 15.61 4.75
C SER A 415 25.66 16.20 3.57
N SER A 416 25.88 17.49 3.35
CA SER A 416 25.24 18.16 2.21
C SER A 416 25.71 17.58 0.88
N GLY A 417 26.91 17.01 0.85
CA GLY A 417 27.41 16.45 -0.41
C GLY A 417 26.64 15.20 -0.81
N CYS A 418 26.44 14.29 0.13
CA CYS A 418 25.68 13.08 -0.17
C CYS A 418 24.25 13.41 -0.56
N ALA A 419 23.64 14.38 0.15
CA ALA A 419 22.31 14.82 -0.21
C ALA A 419 22.28 15.41 -1.60
N THR A 420 23.31 16.18 -1.96
CA THR A 420 23.39 16.74 -3.31
C THR A 420 23.46 15.63 -4.35
N ARG A 421 24.26 14.59 -4.10
CA ARG A 421 24.35 13.48 -5.03
C ARG A 421 23.00 12.79 -5.18
N LEU A 422 22.31 12.59 -4.06
CA LEU A 422 20.99 11.95 -4.10
C LEU A 422 20.01 12.79 -4.91
N PHE A 423 20.01 14.11 -4.67
CA PHE A 423 19.18 15.03 -5.43
C PHE A 423 19.45 14.90 -6.92
N GLU A 424 20.71 14.97 -7.31
CA GLU A 424 21.07 14.92 -8.72
C GLU A 424 20.66 13.59 -9.34
N ALA A 425 20.85 12.49 -8.61
CA ALA A 425 20.49 11.18 -9.13
C ALA A 425 18.99 11.08 -9.35
N LEU A 426 18.19 11.49 -8.36
CA LEU A 426 16.75 11.43 -8.52
C LEU A 426 16.26 12.33 -9.64
N GLU A 427 16.96 13.44 -9.87
CA GLU A 427 16.50 14.38 -10.90
C GLU A 427 16.54 13.78 -12.30
N VAL A 428 17.39 12.79 -12.55
CA VAL A 428 17.56 12.24 -13.89
C VAL A 428 17.26 10.75 -13.94
N GLY A 429 16.61 10.21 -12.92
CA GLY A 429 16.15 8.84 -12.97
C GLY A 429 17.19 7.79 -12.68
N ALA A 430 18.42 8.17 -12.38
CA ALA A 430 19.42 7.21 -11.95
C ALA A 430 19.09 6.72 -10.55
N VAL A 431 19.06 5.40 -10.38
CA VAL A 431 18.64 4.81 -9.12
C VAL A 431 19.79 4.87 -8.14
N PRO A 432 19.63 5.53 -6.99
CA PRO A 432 20.72 5.59 -6.02
C PRO A 432 21.08 4.22 -5.48
N VAL A 433 22.38 4.03 -5.25
CA VAL A 433 22.89 2.88 -4.53
C VAL A 433 23.79 3.41 -3.44
N VAL A 434 23.41 3.15 -2.18
CA VAL A 434 24.05 3.76 -1.03
C VAL A 434 24.84 2.69 -0.30
N LEU A 435 26.09 3.01 0.02
CA LEU A 435 26.96 2.12 0.76
C LEU A 435 27.09 2.66 2.18
N GLY A 436 26.51 1.94 3.14
CA GLY A 436 26.48 2.37 4.51
C GLY A 436 25.07 2.46 5.07
N GLU A 437 24.79 1.69 6.10
CA GLU A 437 23.47 1.64 6.71
C GLU A 437 23.24 2.73 7.74
N GLN A 438 24.30 3.37 8.21
CA GLN A 438 24.23 4.35 9.30
C GLN A 438 23.86 5.74 8.82
N VAL A 439 23.39 5.89 7.59
CA VAL A 439 23.13 7.21 7.03
C VAL A 439 21.68 7.59 7.26
N GLN A 440 21.45 8.84 7.64
CA GLN A 440 20.11 9.38 7.80
C GLN A 440 19.75 10.14 6.53
N LEU A 441 18.82 9.60 5.78
CA LEU A 441 18.36 10.25 4.56
C LEU A 441 17.29 11.27 4.88
N PRO A 442 17.09 12.25 4.00
CA PRO A 442 16.10 13.30 4.26
C PRO A 442 14.71 12.72 4.44
N TYR A 443 13.98 13.30 5.40
CA TYR A 443 12.58 12.95 5.64
C TYR A 443 12.43 11.44 5.86
N GLN A 444 13.49 10.80 6.34
CA GLN A 444 13.51 9.34 6.44
C GLN A 444 12.46 8.82 7.39
N ASP A 445 12.11 9.57 8.43
CA ASP A 445 11.08 9.14 9.34
C ASP A 445 9.69 9.11 8.71
N MET A 446 9.54 9.72 7.52
CA MET A 446 8.26 9.74 6.84
C MET A 446 8.24 8.92 5.54
N LEU A 447 9.37 8.81 4.86
CA LEU A 447 9.43 8.18 3.55
C LEU A 447 10.09 6.81 3.65
N GLN A 448 9.69 5.92 2.75
CA GLN A 448 10.31 4.61 2.62
C GLN A 448 11.29 4.69 1.46
N TRP A 449 12.54 5.00 1.79
CA TRP A 449 13.58 5.15 0.78
C TRP A 449 13.94 3.81 0.16
N ASN A 450 13.57 2.70 0.80
CA ASN A 450 13.82 1.40 0.22
C ASN A 450 13.09 1.22 -1.10
N GLU A 451 11.96 1.91 -1.29
CA GLU A 451 11.23 1.84 -2.54
C GLU A 451 11.86 2.66 -3.66
N ALA A 452 12.83 3.50 -3.34
CA ALA A 452 13.44 4.38 -4.33
C ALA A 452 14.95 4.24 -4.41
N ALA A 453 15.59 3.65 -3.40
CA ALA A 453 17.04 3.54 -3.38
C ALA A 453 17.44 2.22 -2.75
N LEU A 454 18.65 1.78 -3.07
CA LEU A 454 19.23 0.58 -2.51
C LEU A 454 20.28 0.96 -1.48
N VAL A 455 20.12 0.44 -0.27
CA VAL A 455 21.07 0.67 0.82
C VAL A 455 21.79 -0.64 1.08
N VAL A 456 23.10 -0.62 0.94
CA VAL A 456 23.91 -1.82 1.06
C VAL A 456 25.05 -1.57 2.05
N PRO A 457 25.31 -2.48 2.98
CA PRO A 457 26.48 -2.32 3.84
C PRO A 457 27.78 -2.40 3.06
N LYS A 458 28.77 -1.66 3.55
CA LYS A 458 30.07 -1.66 2.91
C LYS A 458 30.68 -3.06 2.83
N PRO A 459 30.58 -3.91 3.84
CA PRO A 459 31.14 -5.26 3.73
C PRO A 459 30.63 -6.03 2.52
N ARG A 460 29.37 -5.81 2.14
CA ARG A 460 28.76 -6.49 1.01
C ARG A 460 29.12 -5.85 -0.32
N VAL A 461 30.16 -5.01 -0.35
CA VAL A 461 30.52 -4.32 -1.59
C VAL A 461 30.91 -5.33 -2.67
N THR A 462 31.51 -6.45 -2.26
CA THR A 462 31.96 -7.44 -3.23
C THR A 462 30.81 -8.16 -3.93
N GLU A 463 29.58 -7.96 -3.45
CA GLU A 463 28.41 -8.61 -4.03
C GLU A 463 27.49 -7.64 -4.75
N VAL A 464 27.91 -6.38 -4.89
CA VAL A 464 27.03 -5.37 -5.45
C VAL A 464 26.82 -5.60 -6.94
N HIS A 465 27.87 -5.97 -7.66
CA HIS A 465 27.76 -6.16 -9.10
C HIS A 465 26.72 -7.22 -9.43
N PHE A 466 26.84 -8.38 -8.79
CA PHE A 466 25.86 -9.45 -8.99
C PHE A 466 24.47 -9.01 -8.58
N LEU A 467 24.35 -8.33 -7.44
CA LEU A 467 23.04 -7.91 -6.95
C LEU A 467 22.35 -6.98 -7.93
N LEU A 468 23.10 -6.02 -8.47
CA LEU A 468 22.52 -5.12 -9.47
C LEU A 468 22.15 -5.88 -10.73
N ARG A 469 23.01 -6.78 -11.18
CA ARG A 469 22.69 -7.56 -12.37
C ARG A 469 21.46 -8.42 -12.18
N SER A 470 21.13 -8.76 -10.94
CA SER A 470 20.03 -9.68 -10.67
C SER A 470 18.66 -9.03 -10.83
N LEU A 471 18.54 -7.74 -10.53
CA LEU A 471 17.23 -7.10 -10.48
C LEU A 471 16.57 -7.10 -11.85
N SER A 472 15.24 -7.23 -11.84
CA SER A 472 14.46 -7.25 -13.06
C SER A 472 14.14 -5.83 -13.51
N ASP A 473 13.74 -5.73 -14.78
CA ASP A 473 13.46 -4.42 -15.36
C ASP A 473 12.27 -3.75 -14.70
N SER A 474 11.23 -4.52 -14.40
CA SER A 474 10.02 -3.93 -13.85
C SER A 474 10.26 -3.30 -12.48
N ASP A 475 10.98 -4.00 -11.61
CA ASP A 475 11.26 -3.47 -10.29
C ASP A 475 12.11 -2.20 -10.38
N LEU A 476 13.11 -2.22 -11.25
CA LEU A 476 13.98 -1.06 -11.39
C LEU A 476 13.18 0.13 -11.91
N LEU A 477 12.29 -0.12 -12.87
CA LEU A 477 11.46 0.94 -13.42
C LEU A 477 10.55 1.51 -12.34
N ALA A 478 10.02 0.63 -11.48
CA ALA A 478 9.18 1.09 -10.37
C ALA A 478 9.96 1.98 -9.42
N MET A 479 11.20 1.58 -9.09
CA MET A 479 12.00 2.42 -8.21
C MET A 479 12.27 3.77 -8.86
N ARG A 480 12.56 3.77 -10.16
CA ARG A 480 12.82 5.02 -10.86
C ARG A 480 11.59 5.93 -10.82
N ARG A 481 10.42 5.35 -11.04
CA ARG A 481 9.18 6.12 -11.00
C ARG A 481 8.94 6.71 -9.62
N GLN A 482 9.15 5.91 -8.58
CA GLN A 482 8.93 6.40 -7.22
C GLN A 482 9.93 7.49 -6.88
N GLY A 483 11.18 7.35 -7.33
CA GLY A 483 12.15 8.41 -7.11
C GLY A 483 11.78 9.69 -7.81
N ARG A 484 11.28 9.59 -9.03
CA ARG A 484 10.75 10.75 -9.73
C ARG A 484 9.68 11.43 -8.90
N PHE A 485 8.73 10.64 -8.38
CA PHE A 485 7.66 11.22 -7.57
C PHE A 485 8.22 11.93 -6.35
N LEU A 486 9.12 11.27 -5.63
CA LEU A 486 9.66 11.85 -4.41
C LEU A 486 10.40 13.15 -4.70
N TRP A 487 11.24 13.16 -5.73
CA TRP A 487 11.95 14.36 -6.09
C TRP A 487 10.98 15.49 -6.42
N GLU A 488 10.05 15.22 -7.34
CA GLU A 488 9.14 16.26 -7.79
C GLU A 488 8.28 16.78 -6.64
N THR A 489 8.05 15.96 -5.62
CA THR A 489 7.11 16.34 -4.57
C THR A 489 7.77 16.96 -3.36
N TYR A 490 9.04 16.65 -3.09
CA TYR A 490 9.68 17.07 -1.86
C TYR A 490 11.02 17.78 -2.05
N PHE A 491 11.61 17.75 -3.24
CA PHE A 491 12.95 18.24 -3.45
C PHE A 491 13.05 19.39 -4.46
N SER A 492 12.13 19.45 -5.43
CA SER A 492 12.35 20.27 -6.60
C SER A 492 12.50 21.75 -6.29
N THR A 493 11.67 22.28 -5.40
CA THR A 493 11.59 23.72 -5.20
C THR A 493 11.68 24.06 -3.72
N ALA A 494 11.94 25.34 -3.46
CA ALA A 494 11.95 25.82 -2.08
C ALA A 494 10.56 25.75 -1.47
N ASP A 495 9.54 26.02 -2.28
CA ASP A 495 8.17 25.92 -1.78
C ASP A 495 7.89 24.51 -1.29
N SER A 496 8.31 23.51 -2.06
CA SER A 496 8.12 22.13 -1.65
C SER A 496 8.84 21.84 -0.34
N ILE A 497 10.07 22.33 -0.20
CA ILE A 497 10.85 22.08 1.01
C ILE A 497 10.17 22.69 2.23
N PHE A 498 9.74 23.95 2.10
CA PHE A 498 9.11 24.63 3.22
C PHE A 498 7.80 23.95 3.60
N ASN A 499 7.00 23.57 2.60
CA ASN A 499 5.75 22.89 2.87
C ASN A 499 6.01 21.54 3.52
N THR A 500 7.05 20.84 3.09
CA THR A 500 7.40 19.56 3.69
C THR A 500 7.80 19.71 5.15
N VAL A 501 8.59 20.73 5.45
CA VAL A 501 8.99 20.97 6.84
C VAL A 501 7.74 21.19 7.69
N LEU A 502 6.86 22.07 7.23
CA LEU A 502 5.66 22.36 8.00
C LEU A 502 4.80 21.11 8.15
N ALA A 503 4.71 20.30 7.09
CA ALA A 503 3.90 19.09 7.16
C ALA A 503 4.48 18.08 8.14
N MET A 504 5.80 17.90 8.14
CA MET A 504 6.43 17.04 9.13
C MET A 504 6.09 17.49 10.54
N ILE A 505 6.30 18.78 10.83
CA ILE A 505 6.07 19.26 12.18
C ILE A 505 4.60 19.12 12.56
N ARG A 506 3.70 19.40 11.61
CA ARG A 506 2.28 19.27 11.87
C ARG A 506 1.89 17.83 12.15
N THR A 507 2.43 16.90 11.37
CA THR A 507 2.12 15.49 11.55
C THR A 507 2.61 14.99 12.90
N ARG A 508 3.80 15.42 13.31
CA ARG A 508 4.34 14.96 14.59
C ARG A 508 3.44 15.35 15.75
N ILE A 509 2.88 16.55 15.72
CA ILE A 509 2.01 17.02 16.79
C ILE A 509 0.56 16.67 16.46
N GLN A 510 0.37 15.92 15.38
CA GLN A 510 -0.92 15.29 15.07
C GLN A 510 -2.02 16.32 14.84
N ILE A 511 -1.80 17.19 13.86
CA ILE A 511 -2.82 18.17 13.47
C ILE A 511 -3.16 17.97 11.99
N PRO A 512 -4.42 18.12 11.59
CA PRO A 512 -4.77 17.91 10.19
C PRO A 512 -4.30 19.04 9.30
N ALA A 513 -4.21 18.74 8.01
CA ALA A 513 -3.73 19.69 7.03
C ALA A 513 -4.82 20.68 6.65
N ALA A 514 -4.42 21.69 5.90
CA ALA A 514 -5.36 22.72 5.49
C ALA A 514 -6.24 22.22 4.35
N PRO A 515 -7.52 22.58 4.35
CA PRO A 515 -8.38 22.18 3.24
C PRO A 515 -7.95 22.84 1.95
N ILE A 516 -8.22 22.15 0.85
CA ILE A 516 -7.88 22.65 -0.47
C ILE A 516 -8.96 23.60 -0.94
N ARG A 517 -8.59 24.52 -1.82
CA ARG A 517 -9.47 25.61 -2.21
C ARG A 517 -10.46 25.16 -3.28
N GLU A 518 -11.68 25.69 -3.16
CA GLU A 518 -12.71 25.45 -4.14
C GLU A 518 -12.66 26.52 -5.24
N GLU A 519 -13.45 26.30 -6.28
CA GLU A 519 -13.57 27.26 -7.38
C GLU A 519 -14.89 28.00 -7.21
N ALA A 520 -14.85 29.04 -6.39
CA ALA A 520 -16.02 29.89 -6.21
C ALA A 520 -16.44 30.48 -7.55
N ALA A 521 -17.74 30.47 -7.81
CA ALA A 521 -18.25 30.78 -9.14
C ALA A 521 -19.42 31.74 -9.04
N ALA A 522 -19.66 32.46 -10.12
CA ALA A 522 -20.77 33.40 -10.22
C ALA A 522 -21.88 32.75 -11.02
N GLU A 523 -23.07 32.67 -10.40
CA GLU A 523 -24.21 32.03 -11.02
C GLU A 523 -24.97 33.04 -11.86
N ILE A 524 -25.12 32.75 -13.15
CA ILE A 524 -25.90 33.58 -14.05
C ILE A 524 -27.37 33.33 -13.79
N PRO A 525 -28.17 34.34 -13.46
CA PRO A 525 -29.59 34.11 -13.22
C PRO A 525 -30.34 33.79 -14.51
N HIS A 526 -31.47 33.12 -14.35
CA HIS A 526 -32.29 32.76 -15.50
C HIS A 526 -33.73 32.52 -15.05
N ARG A 527 -34.78 32.52 -16.16
CA ARG A 527 -36.21 32.32 -15.94
C ARG A 527 -36.62 30.96 -16.50
N SER A 528 -37.33 30.19 -15.69
CA SER A 528 -37.76 28.86 -16.09
C SER A 528 -38.82 28.93 -17.17
N PRO A 553 -35.77 13.83 -2.87
CA PRO A 553 -35.18 15.13 -2.54
C PRO A 553 -33.66 15.13 -2.66
N PRO A 554 -33.08 16.27 -3.03
CA PRO A 554 -31.61 16.34 -3.13
C PRO A 554 -30.95 16.04 -1.81
N TYR A 555 -30.09 15.01 -1.81
CA TYR A 555 -29.36 14.58 -0.63
C TYR A 555 -27.88 14.87 -0.85
N ALA A 556 -27.29 15.60 0.08
CA ALA A 556 -25.89 16.00 -0.04
C ALA A 556 -24.98 15.03 0.71
N SER A 557 -23.80 14.83 0.16
CA SER A 557 -22.84 13.92 0.76
C SER A 557 -22.10 14.59 1.90
N PRO A 558 -21.99 13.95 3.06
CA PRO A 558 -21.22 14.54 4.16
C PRO A 558 -19.74 14.61 3.83
N ARG A 559 -19.06 15.58 4.45
CA ARG A 559 -17.72 15.97 4.06
C ARG A 559 -16.78 15.94 5.27
N TYR A 560 -15.50 15.71 4.97
CA TYR A 560 -14.43 15.87 5.95
C TYR A 560 -14.69 15.02 7.20
N LEU A 561 -14.69 13.70 6.99
CA LEU A 561 -15.00 12.75 8.04
C LEU A 561 -13.78 12.00 8.54
N ARG A 562 -12.62 12.15 7.90
CA ARG A 562 -11.45 11.35 8.20
C ARG A 562 -10.23 12.22 8.52
N ASN A 563 -10.46 13.41 9.05
CA ASN A 563 -9.37 14.36 9.30
C ASN A 563 -8.18 13.69 9.95
N PHE A 564 -8.36 13.14 11.15
CA PHE A 564 -7.26 12.53 11.88
C PHE A 564 -6.73 11.31 11.14
N THR A 565 -7.63 10.48 10.60
CA THR A 565 -7.22 9.21 10.02
C THR A 565 -6.19 9.41 8.91
N LEU A 566 -6.41 10.40 8.04
CA LEU A 566 -5.49 10.57 6.91
C LEU A 566 -4.10 10.97 7.39
N THR A 567 -4.01 11.87 8.37
CA THR A 567 -2.71 12.37 8.78
C THR A 567 -1.92 11.32 9.54
N VAL A 568 -2.59 10.44 10.27
CA VAL A 568 -1.95 9.50 11.19
C VAL A 568 -2.05 8.07 10.71
N THR A 569 -3.27 7.56 10.57
CA THR A 569 -3.46 6.14 10.27
C THR A 569 -3.02 5.80 8.84
N ASP A 570 -3.29 6.70 7.90
CA ASP A 570 -2.88 6.51 6.50
C ASP A 570 -1.55 7.17 6.22
N PHE A 571 -0.66 7.13 7.20
CA PHE A 571 0.64 7.79 7.11
C PHE A 571 1.38 7.37 5.85
N TYR A 572 1.46 6.06 5.61
CA TYR A 572 2.27 5.56 4.50
C TYR A 572 1.67 5.99 3.16
N ARG A 573 0.38 5.77 2.96
CA ARG A 573 -0.24 6.15 1.70
C ARG A 573 -0.17 7.65 1.50
N SER A 574 -0.37 8.41 2.58
CA SER A 574 -0.36 9.87 2.47
C SER A 574 0.99 10.37 1.99
N TRP A 575 2.08 9.80 2.48
CA TRP A 575 3.40 10.34 2.21
C TRP A 575 4.12 9.69 1.04
N ASN A 576 3.82 8.42 0.74
CA ASN A 576 4.54 7.69 -0.28
C ASN A 576 3.73 7.43 -1.54
N CYS A 577 2.47 7.83 -1.57
CA CYS A 577 1.62 7.64 -2.73
C CYS A 577 1.05 8.99 -3.15
N ALA A 578 0.88 9.16 -4.46
CA ALA A 578 0.38 10.41 -4.99
C ALA A 578 -1.05 10.65 -4.51
N PRO A 579 -1.48 11.91 -4.38
CA PRO A 579 -0.74 13.13 -4.70
C PRO A 579 0.26 13.56 -3.63
N GLY A 580 -0.11 13.37 -2.36
CA GLY A 580 0.75 13.74 -1.27
C GLY A 580 -0.01 14.19 -0.05
N PRO A 581 0.71 14.62 0.98
CA PRO A 581 0.11 14.97 2.26
C PRO A 581 -0.22 16.44 2.46
N PHE A 582 0.07 17.29 1.48
CA PHE A 582 0.01 18.73 1.72
C PHE A 582 -1.41 19.26 1.80
N HIS A 583 -2.39 18.52 1.29
CA HIS A 583 -3.76 19.01 1.20
C HIS A 583 -4.71 18.02 1.84
N LEU A 584 -5.88 18.54 2.21
CA LEU A 584 -6.95 17.76 2.81
C LEU A 584 -8.17 17.84 1.92
N PHE A 585 -8.71 16.68 1.56
CA PHE A 585 -9.81 16.59 0.62
C PHE A 585 -11.09 16.17 1.33
N PRO A 586 -12.23 16.74 0.92
CA PRO A 586 -13.50 16.35 1.58
C PRO A 586 -13.84 14.88 1.41
N HIS A 587 -13.55 14.31 0.24
CA HIS A 587 -13.77 12.90 -0.01
C HIS A 587 -12.59 12.35 -0.80
N THR A 588 -12.41 11.05 -0.72
CA THR A 588 -11.46 10.34 -1.56
C THR A 588 -12.09 9.05 -2.04
N PRO A 589 -11.74 8.60 -3.25
CA PRO A 589 -12.22 7.31 -3.73
C PRO A 589 -11.56 6.12 -3.06
N PHE A 590 -10.51 6.35 -2.28
CA PHE A 590 -9.79 5.29 -1.60
C PHE A 590 -10.26 5.09 -0.18
N ASP A 591 -11.36 5.72 0.21
CA ASP A 591 -11.88 5.53 1.54
C ASP A 591 -12.33 4.08 1.72
N PRO A 592 -12.06 3.48 2.87
CA PRO A 592 -12.43 2.08 3.07
C PRO A 592 -13.95 1.92 3.12
N VAL A 593 -14.40 0.74 2.69
CA VAL A 593 -15.82 0.42 2.64
C VAL A 593 -16.12 -0.64 3.69
N LEU A 594 -17.26 -0.47 4.36
CA LEU A 594 -17.66 -1.39 5.39
C LEU A 594 -17.96 -2.77 4.80
N PRO A 595 -17.80 -3.83 5.59
CA PRO A 595 -18.23 -5.15 5.12
C PRO A 595 -19.75 -5.27 5.06
N SER A 596 -20.24 -6.44 4.67
CA SER A 596 -21.67 -6.60 4.46
C SER A 596 -22.45 -6.59 5.77
N GLU A 597 -21.91 -7.25 6.80
CA GLU A 597 -22.63 -7.40 8.06
C GLU A 597 -22.73 -6.09 8.84
N ALA A 598 -22.01 -5.06 8.43
CA ALA A 598 -21.98 -3.82 9.21
C ALA A 598 -23.32 -3.12 9.18
N LYS A 599 -23.94 -3.03 8.00
CA LYS A 599 -25.19 -2.30 7.88
C LYS A 599 -26.32 -2.93 8.68
N PHE A 600 -26.35 -4.26 8.74
CA PHE A 600 -27.40 -4.97 9.44
C PHE A 600 -27.17 -5.04 10.95
N LEU A 601 -26.03 -4.57 11.44
CA LEU A 601 -25.65 -4.74 12.83
C LEU A 601 -25.31 -3.43 13.54
N GLY A 602 -25.61 -2.29 12.94
CA GLY A 602 -25.43 -1.02 13.63
C GLY A 602 -24.93 0.11 12.76
N SER A 603 -24.30 -0.20 11.63
CA SER A 603 -23.77 0.80 10.72
C SER A 603 -24.59 0.90 9.45
N GLY A 604 -25.91 0.76 9.56
CA GLY A 604 -26.80 0.75 8.43
C GLY A 604 -27.27 2.11 7.98
N THR A 605 -26.72 3.18 8.54
CA THR A 605 -27.12 4.53 8.16
C THR A 605 -26.82 4.80 6.69
N GLY A 606 -27.87 4.97 5.89
CA GLY A 606 -27.73 5.31 4.49
C GLY A 606 -27.71 4.13 3.54
N PHE A 607 -27.62 2.90 4.05
CA PHE A 607 -27.59 1.74 3.19
C PHE A 607 -29.00 1.37 2.73
N ARG A 608 -29.12 0.96 1.48
CA ARG A 608 -30.40 0.58 0.88
C ARG A 608 -30.24 -0.79 0.23
N PRO A 609 -30.33 -1.85 1.02
CA PRO A 609 -30.14 -3.20 0.47
C PRO A 609 -31.22 -3.57 -0.53
N ILE A 610 -30.85 -4.44 -1.46
CA ILE A 610 -31.78 -4.99 -2.43
C ILE A 610 -32.65 -6.04 -1.74
N GLY A 611 -33.95 -5.84 -1.75
CA GLY A 611 -34.87 -6.78 -1.13
C GLY A 611 -34.67 -6.94 0.36
N GLY A 612 -34.28 -5.86 1.05
CA GLY A 612 -34.06 -5.94 2.48
C GLY A 612 -32.98 -6.92 2.89
N GLY A 613 -32.06 -7.23 1.99
CA GLY A 613 -31.00 -8.18 2.26
C GLY A 613 -31.21 -9.55 1.67
N ALA A 614 -32.40 -9.84 1.13
CA ALA A 614 -32.69 -11.14 0.55
C ALA A 614 -32.37 -11.22 -0.93
N GLY A 615 -32.00 -10.11 -1.56
CA GLY A 615 -31.73 -10.10 -2.99
C GLY A 615 -33.00 -10.18 -3.80
N GLY A 616 -32.82 -10.33 -5.10
CA GLY A 616 -33.95 -10.47 -5.99
C GLY A 616 -33.60 -10.10 -7.41
N SER A 617 -34.63 -10.15 -8.25
CA SER A 617 -34.51 -9.86 -9.68
C SER A 617 -34.79 -8.37 -9.92
N GLY A 618 -35.05 -8.01 -11.18
CA GLY A 618 -35.15 -6.60 -11.53
C GLY A 618 -36.10 -5.81 -10.67
N LYS A 619 -37.20 -6.43 -10.25
CA LYS A 619 -38.17 -5.72 -9.42
C LYS A 619 -37.51 -5.16 -8.17
N GLU A 620 -36.79 -6.02 -7.44
CA GLU A 620 -36.08 -5.57 -6.26
C GLU A 620 -34.83 -4.80 -6.61
N PHE A 621 -34.22 -5.09 -7.75
CA PHE A 621 -32.98 -4.42 -8.14
C PHE A 621 -33.19 -2.94 -8.40
N GLN A 622 -34.27 -2.59 -9.08
CA GLN A 622 -34.53 -1.21 -9.45
C GLN A 622 -35.12 -0.39 -8.31
N ALA A 623 -35.56 -1.03 -7.24
CA ALA A 623 -36.11 -0.33 -6.10
C ALA A 623 -35.05 0.18 -5.14
N ALA A 624 -33.81 -0.30 -5.26
CA ALA A 624 -32.75 0.09 -4.34
C ALA A 624 -31.41 -0.03 -5.04
N LEU A 625 -30.50 0.89 -4.72
CA LEU A 625 -29.16 0.85 -5.28
C LEU A 625 -28.43 -0.41 -4.85
N GLY A 626 -28.54 -0.79 -3.58
CA GLY A 626 -27.79 -1.93 -3.10
C GLY A 626 -26.31 -1.66 -3.12
N GLY A 627 -25.54 -2.73 -3.29
CA GLY A 627 -24.09 -2.61 -3.39
C GLY A 627 -23.39 -2.67 -2.05
N ASN A 628 -22.22 -2.03 -1.98
CA ASN A 628 -21.37 -2.08 -0.80
C ASN A 628 -21.20 -0.71 -0.15
N VAL A 629 -21.89 0.31 -0.63
CA VAL A 629 -21.79 1.65 -0.07
C VAL A 629 -23.17 2.27 0.06
N PRO A 630 -23.31 3.29 0.90
CA PRO A 630 -24.64 3.83 1.19
C PRO A 630 -25.32 4.50 0.01
N ARG A 631 -26.52 5.02 0.26
CA ARG A 631 -27.28 5.75 -0.74
C ARG A 631 -26.52 6.98 -1.19
N GLU A 632 -26.68 7.34 -2.47
CA GLU A 632 -25.88 8.39 -3.07
C GLU A 632 -26.61 8.95 -4.28
N GLN A 633 -26.20 10.15 -4.67
CA GLN A 633 -26.71 10.82 -5.86
C GLN A 633 -25.54 11.27 -6.72
N PHE A 634 -25.85 11.84 -7.89
CA PHE A 634 -24.84 12.33 -8.79
C PHE A 634 -25.26 13.66 -9.38
N THR A 635 -24.30 14.35 -9.98
CA THR A 635 -24.48 15.68 -10.53
C THR A 635 -23.97 15.70 -11.97
N VAL A 636 -24.63 16.50 -12.80
CA VAL A 636 -24.30 16.59 -14.20
C VAL A 636 -23.57 17.90 -14.47
N VAL A 637 -22.59 17.84 -15.36
CA VAL A 637 -21.82 19.01 -15.78
C VAL A 637 -21.79 19.02 -17.30
N MET A 638 -22.15 20.16 -17.89
CA MET A 638 -22.32 20.26 -19.32
C MET A 638 -21.69 21.57 -19.81
N LEU A 639 -20.77 21.46 -20.76
CA LEU A 639 -20.24 22.64 -21.44
C LEU A 639 -21.20 23.12 -22.53
N THR A 640 -21.06 24.41 -22.86
CA THR A 640 -21.87 25.01 -23.91
C THR A 640 -21.04 26.07 -24.62
N TYR A 641 -21.17 26.12 -25.94
CA TYR A 641 -20.50 27.16 -26.72
C TYR A 641 -21.28 27.34 -28.02
N GLU A 642 -22.12 28.36 -28.06
CA GLU A 642 -22.80 28.77 -29.29
C GLU A 642 -23.70 27.68 -29.84
N ARG A 643 -24.40 26.98 -28.94
CA ARG A 643 -25.25 25.86 -29.32
C ARG A 643 -26.55 25.88 -28.51
N GLU A 644 -27.19 27.06 -28.45
CA GLU A 644 -28.19 27.32 -27.42
C GLU A 644 -29.38 26.35 -27.49
N GLU A 645 -29.91 26.10 -28.69
CA GLU A 645 -31.16 25.35 -28.78
C GLU A 645 -30.94 23.87 -28.46
N VAL A 646 -29.89 23.28 -29.04
CA VAL A 646 -29.57 21.88 -28.75
C VAL A 646 -29.41 21.70 -27.24
N LEU A 647 -28.85 22.71 -26.57
CA LEU A 647 -28.76 22.68 -25.12
C LEU A 647 -30.13 22.48 -24.49
N MET A 648 -31.12 23.25 -24.93
CA MET A 648 -32.43 23.16 -24.29
C MET A 648 -33.04 21.78 -24.50
N ASN A 649 -32.89 21.23 -25.70
CA ASN A 649 -33.43 19.89 -25.95
C ASN A 649 -32.73 18.86 -25.09
N SER A 650 -31.40 18.88 -25.06
CA SER A 650 -30.66 17.90 -24.27
C SER A 650 -31.01 18.02 -22.80
N LEU A 651 -31.14 19.25 -22.30
CA LEU A 651 -31.58 19.43 -20.92
C LEU A 651 -32.94 18.79 -20.69
N GLU A 652 -33.87 19.00 -21.62
CA GLU A 652 -35.20 18.40 -21.47
C GLU A 652 -35.12 16.88 -21.44
N ARG A 653 -34.13 16.30 -22.13
CA ARG A 653 -33.98 14.85 -22.11
C ARG A 653 -33.63 14.31 -20.73
N LEU A 654 -33.19 15.17 -19.82
CA LEU A 654 -32.82 14.74 -18.48
C LEU A 654 -34.01 14.69 -17.54
N ASN A 655 -35.19 15.07 -17.99
CA ASN A 655 -36.36 15.13 -17.12
C ASN A 655 -36.76 13.72 -16.73
N GLY A 656 -36.65 13.41 -15.43
CA GLY A 656 -37.06 12.13 -14.91
C GLY A 656 -35.95 11.21 -14.44
N LEU A 657 -34.71 11.66 -14.41
CA LEU A 657 -33.63 10.82 -13.93
C LEU A 657 -33.78 10.57 -12.43
N PRO A 658 -33.67 9.32 -11.96
CA PRO A 658 -33.98 9.03 -10.56
C PRO A 658 -33.07 9.72 -9.55
N TYR A 659 -31.76 9.49 -9.66
CA TYR A 659 -30.82 9.89 -8.61
C TYR A 659 -30.06 11.17 -8.95
N LEU A 660 -30.61 11.99 -9.84
CA LEU A 660 -29.98 13.25 -10.18
C LEU A 660 -30.13 14.25 -9.05
N ASN A 661 -29.03 14.95 -8.73
CA ASN A 661 -29.05 15.98 -7.71
C ASN A 661 -29.33 17.36 -8.31
N LYS A 662 -28.52 17.75 -9.29
CA LYS A 662 -28.76 19.00 -10.01
C LYS A 662 -27.93 18.96 -11.28
N VAL A 663 -28.10 20.00 -12.10
CA VAL A 663 -27.35 20.17 -13.33
C VAL A 663 -26.57 21.47 -13.24
N VAL A 664 -25.31 21.41 -13.63
CA VAL A 664 -24.43 22.57 -13.65
C VAL A 664 -24.05 22.84 -15.09
N VAL A 665 -24.46 24.00 -15.60
CA VAL A 665 -24.20 24.39 -16.97
C VAL A 665 -23.03 25.36 -16.95
N VAL A 666 -22.01 25.07 -17.75
CA VAL A 666 -20.79 25.86 -17.80
C VAL A 666 -20.89 26.72 -19.05
N TRP A 667 -21.25 27.98 -18.88
CA TRP A 667 -21.35 28.91 -20.00
C TRP A 667 -19.94 29.33 -20.40
N ASN A 668 -19.42 28.69 -21.45
CA ASN A 668 -18.06 28.89 -21.89
C ASN A 668 -17.97 29.90 -23.03
N SER A 669 -19.07 30.58 -23.34
CA SER A 669 -19.10 31.57 -24.42
C SER A 669 -18.79 32.96 -23.88
N PRO A 670 -18.18 33.82 -24.70
CA PRO A 670 -17.83 35.15 -24.22
C PRO A 670 -19.02 35.96 -23.75
N LYS A 671 -20.15 35.85 -24.44
CA LYS A 671 -21.31 36.68 -24.19
C LYS A 671 -22.37 35.93 -23.41
N LEU A 672 -23.15 36.68 -22.63
CA LEU A 672 -24.15 36.08 -21.77
C LEU A 672 -25.29 35.51 -22.60
N PRO A 673 -26.03 34.55 -22.04
CA PRO A 673 -27.21 34.05 -22.74
C PRO A 673 -28.29 35.12 -22.84
N SER A 674 -29.07 35.03 -23.92
CA SER A 674 -30.12 35.99 -24.16
C SER A 674 -31.25 35.83 -23.13
N GLU A 675 -31.87 36.95 -22.77
CA GLU A 675 -32.94 36.94 -21.78
C GLU A 675 -34.25 36.42 -22.35
N ASP A 676 -34.41 36.41 -23.68
CA ASP A 676 -35.59 35.78 -24.27
C ASP A 676 -35.56 34.27 -24.16
N LEU A 677 -34.43 33.71 -23.73
CA LEU A 677 -34.26 32.26 -23.63
C LEU A 677 -34.98 31.77 -22.38
N LEU A 678 -35.94 30.86 -22.56
CA LEU A 678 -36.71 30.31 -21.46
C LEU A 678 -36.16 28.92 -21.14
N TRP A 679 -35.53 28.78 -19.98
CA TRP A 679 -34.95 27.51 -19.63
C TRP A 679 -36.03 26.55 -19.13
N PRO A 680 -35.90 25.26 -19.44
CA PRO A 680 -36.93 24.30 -19.03
C PRO A 680 -36.89 24.02 -17.54
N ASP A 681 -37.82 23.16 -17.12
CA ASP A 681 -37.89 22.66 -15.76
C ASP A 681 -37.86 21.14 -15.79
N ILE A 682 -37.02 20.55 -14.96
CA ILE A 682 -36.75 19.12 -15.02
C ILE A 682 -36.85 18.50 -13.64
N GLY A 683 -37.39 19.25 -12.68
CA GLY A 683 -37.55 18.76 -11.33
C GLY A 683 -36.36 18.98 -10.43
N VAL A 684 -35.24 19.46 -10.96
CA VAL A 684 -34.06 19.74 -10.16
C VAL A 684 -33.44 21.05 -10.60
N PRO A 685 -32.65 21.68 -9.74
CA PRO A 685 -32.07 22.97 -10.07
C PRO A 685 -31.16 22.88 -11.30
N ILE A 686 -31.14 23.97 -12.06
CA ILE A 686 -30.18 24.18 -13.13
C ILE A 686 -29.41 25.44 -12.79
N MET A 687 -28.09 25.32 -12.68
CA MET A 687 -27.23 26.43 -12.28
C MET A 687 -26.24 26.72 -13.40
N VAL A 688 -26.19 27.98 -13.82
CA VAL A 688 -25.31 28.42 -14.89
C VAL A 688 -24.18 29.22 -14.26
N VAL A 689 -22.95 28.84 -14.55
CA VAL A 689 -21.77 29.43 -13.95
C VAL A 689 -20.98 30.14 -15.04
N ARG A 690 -20.55 31.36 -14.75
CA ARG A 690 -19.77 32.12 -15.71
C ARG A 690 -18.30 31.75 -15.62
N THR A 691 -17.62 31.82 -16.75
CA THR A 691 -16.21 31.47 -16.86
C THR A 691 -15.41 32.70 -17.25
N GLU A 692 -14.21 32.81 -16.70
CA GLU A 692 -13.35 33.94 -17.03
C GLU A 692 -13.02 33.96 -18.53
N LYS A 693 -12.72 32.80 -19.10
CA LYS A 693 -12.41 32.72 -20.51
C LYS A 693 -12.72 31.32 -21.01
N ASN A 694 -12.79 31.19 -22.33
CA ASN A 694 -13.10 29.92 -22.97
C ASN A 694 -11.93 28.96 -22.79
N SER A 695 -12.23 27.77 -22.29
CA SER A 695 -11.22 26.74 -22.12
C SER A 695 -11.91 25.44 -21.75
N LEU A 696 -11.47 24.35 -22.37
CA LEU A 696 -11.99 23.03 -22.03
C LEU A 696 -11.62 22.62 -20.61
N ASN A 697 -10.67 23.30 -19.98
CA ASN A 697 -10.30 22.98 -18.62
C ASN A 697 -11.38 23.38 -17.61
N ASN A 698 -12.40 24.10 -18.05
CA ASN A 698 -13.43 24.58 -17.15
C ASN A 698 -14.44 23.50 -16.79
N ARG A 699 -14.51 22.41 -17.56
CA ARG A 699 -15.41 21.32 -17.23
C ARG A 699 -14.88 20.48 -16.08
N PHE A 700 -13.59 20.58 -15.76
CA PHE A 700 -12.99 19.83 -14.67
C PHE A 700 -12.69 20.69 -13.46
N LEU A 701 -13.20 21.91 -13.42
CA LEU A 701 -13.00 22.75 -12.25
C LEU A 701 -13.89 22.26 -11.11
N PRO A 702 -13.40 22.30 -9.88
CA PRO A 702 -14.24 21.89 -8.74
C PRO A 702 -15.21 22.97 -8.30
N TRP A 703 -16.28 23.13 -9.09
CA TRP A 703 -17.25 24.16 -8.83
C TRP A 703 -17.87 23.99 -7.45
N ASN A 704 -17.99 25.10 -6.72
CA ASN A 704 -18.55 25.05 -5.38
C ASN A 704 -19.97 24.52 -5.38
N GLU A 705 -20.67 24.65 -6.50
CA GLU A 705 -22.07 24.22 -6.58
C GLU A 705 -22.22 22.72 -6.59
N ILE A 706 -21.15 21.97 -6.80
CA ILE A 706 -21.21 20.52 -6.86
C ILE A 706 -21.17 19.98 -5.44
N GLU A 707 -22.22 19.28 -5.02
CA GLU A 707 -22.34 18.76 -3.68
C GLU A 707 -22.40 17.24 -3.67
N THR A 708 -21.77 16.61 -4.65
CA THR A 708 -21.72 15.16 -4.75
C THR A 708 -20.32 14.70 -5.11
N GLU A 709 -19.98 13.49 -4.68
CA GLU A 709 -18.71 12.90 -5.06
C GLU A 709 -18.67 12.61 -6.55
N ALA A 710 -19.78 12.14 -7.11
CA ALA A 710 -19.83 11.72 -8.50
C ALA A 710 -20.17 12.89 -9.41
N ILE A 711 -19.62 12.83 -10.62
CA ILE A 711 -19.88 13.82 -11.66
C ILE A 711 -20.09 13.08 -12.97
N LEU A 712 -21.10 13.49 -13.72
CA LEU A 712 -21.35 12.94 -15.05
C LEU A 712 -20.98 14.01 -16.06
N SER A 713 -19.79 13.88 -16.63
CA SER A 713 -19.32 14.82 -17.63
C SER A 713 -19.95 14.49 -18.97
N ILE A 714 -20.73 15.42 -19.50
CA ILE A 714 -21.52 15.19 -20.70
C ILE A 714 -21.49 16.44 -21.56
N ASP A 715 -21.36 16.25 -22.87
CA ASP A 715 -21.45 17.35 -23.80
C ASP A 715 -22.90 17.76 -23.97
N ASP A 716 -23.11 18.91 -24.60
CA ASP A 716 -24.44 19.46 -24.79
C ASP A 716 -25.17 18.84 -25.97
N ASP A 717 -24.49 18.02 -26.78
CA ASP A 717 -25.08 17.46 -27.99
C ASP A 717 -25.12 15.93 -27.97
N ALA A 718 -24.97 15.31 -26.79
CA ALA A 718 -24.92 13.87 -26.71
C ALA A 718 -26.27 13.30 -26.29
N HIS A 719 -26.60 12.14 -26.84
CA HIS A 719 -27.85 11.45 -26.58
C HIS A 719 -27.57 10.19 -25.77
N LEU A 720 -28.19 10.10 -24.60
CA LEU A 720 -28.04 8.94 -23.73
C LEU A 720 -29.39 8.58 -23.13
N ARG A 721 -29.66 7.29 -23.06
CA ARG A 721 -30.91 6.80 -22.49
C ARG A 721 -30.77 6.69 -20.98
N HIS A 722 -31.92 6.74 -20.30
CA HIS A 722 -31.92 6.70 -18.84
C HIS A 722 -31.33 5.40 -18.32
N ASP A 723 -31.66 4.28 -18.96
CA ASP A 723 -31.20 2.99 -18.47
C ASP A 723 -29.68 2.92 -18.48
N GLU A 724 -29.05 3.45 -19.52
CA GLU A 724 -27.59 3.42 -19.62
C GLU A 724 -26.96 4.16 -18.45
N ILE A 725 -27.47 5.33 -18.13
CA ILE A 725 -26.89 6.17 -17.09
C ILE A 725 -26.99 5.48 -15.73
N MET A 726 -28.14 4.87 -15.45
CA MET A 726 -28.33 4.18 -14.19
C MET A 726 -27.30 3.07 -14.01
N PHE A 727 -27.09 2.26 -15.05
CA PHE A 727 -26.13 1.17 -14.96
C PHE A 727 -24.71 1.70 -14.78
N GLY A 728 -24.36 2.76 -15.51
CA GLY A 728 -23.05 3.36 -15.33
C GLY A 728 -22.84 3.87 -13.93
N PHE A 729 -23.89 4.45 -13.34
CA PHE A 729 -23.79 4.96 -11.98
C PHE A 729 -23.55 3.82 -10.99
N ARG A 730 -24.27 2.71 -11.16
CA ARG A 730 -24.07 1.57 -10.28
C ARG A 730 -22.63 1.04 -10.41
N VAL A 731 -22.16 0.89 -11.64
CA VAL A 731 -20.81 0.40 -11.86
C VAL A 731 -19.80 1.32 -11.20
N TRP A 732 -19.99 2.63 -11.34
CA TRP A 732 -19.09 3.57 -10.70
C TRP A 732 -19.13 3.43 -9.19
N ARG A 733 -20.33 3.23 -8.63
CA ARG A 733 -20.43 2.98 -7.20
C ARG A 733 -19.58 1.79 -6.79
N GLU A 734 -19.39 0.84 -7.69
CA GLU A 734 -18.47 -0.27 -7.42
C GLU A 734 -17.02 0.06 -7.74
N ALA A 735 -16.76 1.10 -8.53
CA ALA A 735 -15.43 1.39 -9.04
C ALA A 735 -15.11 2.88 -8.91
N ARG A 736 -15.28 3.42 -7.71
CA ARG A 736 -15.17 4.86 -7.52
C ARG A 736 -13.84 5.42 -8.00
N ASP A 737 -12.79 4.61 -8.03
CA ASP A 737 -11.46 5.08 -8.37
C ASP A 737 -11.18 5.11 -9.87
N ARG A 738 -12.12 4.68 -10.70
CA ARG A 738 -11.92 4.56 -12.13
C ARG A 738 -12.76 5.59 -12.87
N ILE A 739 -12.51 5.69 -14.17
CA ILE A 739 -13.38 6.39 -15.09
C ILE A 739 -14.32 5.38 -15.71
N VAL A 740 -15.62 5.69 -15.68
CA VAL A 740 -16.65 4.79 -16.17
C VAL A 740 -17.42 5.54 -17.24
N GLY A 741 -17.18 5.20 -18.50
CA GLY A 741 -17.80 5.93 -19.59
C GLY A 741 -18.05 5.06 -20.79
N PHE A 742 -18.91 5.56 -21.65
CA PHE A 742 -19.41 4.86 -22.82
C PHE A 742 -18.48 4.93 -24.02
N PRO A 743 -17.98 6.12 -24.38
CA PRO A 743 -17.12 6.21 -25.58
C PRO A 743 -15.72 5.70 -25.29
N GLY A 744 -15.15 4.98 -26.26
CA GLY A 744 -13.86 4.34 -26.09
C GLY A 744 -12.91 4.65 -27.23
N ARG A 745 -11.62 4.67 -26.90
CA ARG A 745 -10.56 4.89 -27.87
C ARG A 745 -9.37 4.03 -27.45
N TYR A 746 -8.30 4.11 -28.24
CA TYR A 746 -7.09 3.37 -27.93
C TYR A 746 -5.90 4.02 -28.60
N HIS A 747 -4.73 3.79 -28.02
CA HIS A 747 -3.48 4.34 -28.50
C HIS A 747 -2.64 3.24 -29.14
N ALA A 748 -1.82 3.64 -30.11
CA ALA A 748 -1.09 2.71 -30.94
C ALA A 748 0.34 3.18 -31.13
N TRP A 749 1.21 2.23 -31.46
CA TRP A 749 2.61 2.47 -31.67
C TRP A 749 2.90 2.68 -33.16
N ASP A 750 3.84 3.58 -33.44
CA ASP A 750 4.28 3.85 -34.80
C ASP A 750 5.75 3.46 -34.89
N ILE A 751 6.01 2.23 -35.37
CA ILE A 751 7.37 1.71 -35.38
C ILE A 751 8.30 2.58 -36.22
N PRO A 752 7.93 3.01 -37.43
CA PRO A 752 8.87 3.83 -38.22
C PRO A 752 9.34 5.07 -37.48
N HIS A 753 8.43 5.72 -36.74
CA HIS A 753 8.74 6.95 -36.05
C HIS A 753 8.95 6.78 -34.55
N GLN A 754 8.77 5.57 -34.03
CA GLN A 754 8.98 5.29 -32.62
C GLN A 754 8.16 6.24 -31.75
N SER A 755 6.91 6.46 -32.16
CA SER A 755 6.04 7.39 -31.47
C SER A 755 4.65 6.78 -31.37
N TRP A 756 3.78 7.47 -30.65
CA TRP A 756 2.43 7.00 -30.37
C TRP A 756 1.43 7.65 -31.31
N LEU A 757 0.24 7.04 -31.37
CA LEU A 757 -0.84 7.52 -32.22
C LEU A 757 -2.16 7.47 -31.47
N TYR A 758 -3.09 8.31 -31.91
CA TYR A 758 -4.46 8.29 -31.42
C TYR A 758 -5.33 7.64 -32.47
N ASN A 759 -6.09 6.62 -32.05
CA ASN A 759 -6.94 5.86 -32.95
C ASN A 759 -8.36 5.84 -32.43
N SER A 760 -9.31 5.78 -33.37
CA SER A 760 -10.72 5.81 -33.02
C SER A 760 -11.52 4.73 -33.75
N ASN A 761 -10.87 3.81 -34.44
CA ASN A 761 -11.59 2.75 -35.12
C ASN A 761 -12.27 1.83 -34.12
N TYR A 762 -13.14 0.97 -34.63
CA TYR A 762 -13.64 -0.15 -33.86
C TYR A 762 -12.49 -1.09 -33.54
N SER A 763 -12.39 -1.50 -32.28
CA SER A 763 -11.27 -2.32 -31.86
C SER A 763 -11.72 -3.30 -30.78
N CYS A 764 -10.96 -4.37 -30.63
CA CYS A 764 -11.21 -5.36 -29.61
C CYS A 764 -10.64 -4.97 -28.25
N GLU A 765 -9.76 -3.97 -28.19
CA GLU A 765 -9.16 -3.54 -26.95
C GLU A 765 -9.16 -2.02 -26.90
N LEU A 766 -9.17 -1.48 -25.68
CA LEU A 766 -9.26 -0.04 -25.46
C LEU A 766 -8.26 0.39 -24.40
N SER A 767 -7.95 1.68 -24.41
CA SER A 767 -7.08 2.27 -23.40
C SER A 767 -7.55 3.63 -22.92
N MET A 768 -8.64 4.17 -23.46
CA MET A 768 -9.14 5.47 -23.05
C MET A 768 -10.65 5.47 -23.10
N VAL A 769 -11.24 6.34 -22.28
CA VAL A 769 -12.67 6.57 -22.26
C VAL A 769 -12.88 8.07 -22.20
N LEU A 770 -13.42 8.64 -23.27
CA LEU A 770 -13.55 10.08 -23.36
C LEU A 770 -14.59 10.60 -22.37
N THR A 771 -14.35 11.80 -21.86
CA THR A 771 -15.21 12.40 -20.84
C THR A 771 -16.43 13.07 -21.43
N GLY A 772 -16.62 13.01 -22.75
CA GLY A 772 -17.85 13.49 -23.34
C GLY A 772 -19.07 12.78 -22.81
N ALA A 773 -18.89 11.59 -22.25
CA ALA A 773 -19.95 10.90 -21.53
C ALA A 773 -19.26 9.91 -20.58
N ALA A 774 -19.16 10.29 -19.31
CA ALA A 774 -18.39 9.46 -18.38
C ALA A 774 -18.63 9.93 -16.97
N PHE A 775 -18.42 9.01 -16.03
CA PHE A 775 -18.47 9.28 -14.60
C PHE A 775 -17.05 9.38 -14.05
N PHE A 776 -16.88 10.24 -13.05
CA PHE A 776 -15.62 10.29 -12.33
C PHE A 776 -15.83 11.02 -11.02
N HIS A 777 -14.85 10.91 -10.14
CA HIS A 777 -14.91 11.49 -8.81
C HIS A 777 -14.39 12.92 -8.83
N LYS A 778 -15.04 13.77 -8.04
CA LYS A 778 -14.64 15.17 -7.95
C LYS A 778 -13.19 15.32 -7.48
N TYR A 779 -12.66 14.33 -6.79
CA TYR A 779 -11.28 14.35 -6.34
C TYR A 779 -10.33 14.64 -7.50
N TYR A 780 -10.56 13.98 -8.63
CA TYR A 780 -9.72 14.18 -9.79
C TYR A 780 -9.88 15.57 -10.39
N ALA A 781 -11.01 16.23 -10.13
CA ALA A 781 -11.17 17.60 -10.58
C ALA A 781 -10.21 18.53 -9.85
N TYR A 782 -10.12 18.38 -8.53
CA TYR A 782 -9.13 19.13 -7.76
C TYR A 782 -7.73 18.84 -8.29
N LEU A 783 -7.40 17.57 -8.47
CA LEU A 783 -6.06 17.22 -8.93
C LEU A 783 -5.76 17.86 -10.27
N TYR A 784 -6.69 17.74 -11.22
CA TYR A 784 -6.49 18.31 -12.54
C TYR A 784 -6.29 19.82 -12.47
N SER A 785 -7.15 20.50 -11.71
CA SER A 785 -7.14 21.94 -11.70
C SER A 785 -5.88 22.51 -11.04
N TYR A 786 -5.45 21.91 -9.94
CA TYR A 786 -4.45 22.53 -9.09
C TYR A 786 -3.14 21.77 -8.99
N VAL A 787 -3.19 20.45 -8.91
CA VAL A 787 -1.99 19.67 -8.63
C VAL A 787 -1.28 19.26 -9.91
N MET A 788 -2.03 18.96 -10.96
CA MET A 788 -1.42 18.50 -12.19
C MET A 788 -0.55 19.61 -12.80
N PRO A 789 0.51 19.26 -13.51
CA PRO A 789 1.40 20.28 -14.05
C PRO A 789 0.67 21.29 -14.93
N GLN A 790 1.11 22.54 -14.84
CA GLN A 790 0.46 23.62 -15.58
C GLN A 790 0.68 23.49 -17.08
N ALA A 791 1.79 22.87 -17.49
CA ALA A 791 2.09 22.78 -18.92
C ALA A 791 0.95 22.11 -19.68
N ILE A 792 0.38 21.06 -19.11
CA ILE A 792 -0.71 20.35 -19.76
C ILE A 792 -1.91 21.28 -19.94
N ARG A 793 -2.26 22.02 -18.89
CA ARG A 793 -3.38 22.93 -18.96
C ARG A 793 -3.12 24.02 -19.99
N ASP A 794 -1.90 24.54 -20.02
CA ASP A 794 -1.56 25.59 -20.98
C ASP A 794 -1.69 25.09 -22.41
N MET A 795 -1.25 23.85 -22.65
CA MET A 795 -1.37 23.29 -23.99
C MET A 795 -2.82 23.08 -24.37
N VAL A 796 -3.64 22.63 -23.42
CA VAL A 796 -5.06 22.45 -23.69
C VAL A 796 -5.70 23.80 -24.03
N ASP A 797 -5.26 24.86 -23.38
CA ASP A 797 -5.74 26.19 -23.75
C ASP A 797 -5.27 26.56 -25.15
N GLU A 798 -3.99 26.31 -25.44
CA GLU A 798 -3.43 26.60 -26.75
C GLU A 798 -4.13 25.80 -27.84
N TYR A 799 -3.96 24.48 -27.81
CA TYR A 799 -4.77 23.59 -28.62
C TYR A 799 -6.06 23.35 -27.89
N ILE A 800 -7.16 23.87 -28.42
CA ILE A 800 -8.44 23.88 -27.71
C ILE A 800 -8.98 22.46 -27.58
N ASN A 801 -8.21 21.48 -28.07
CA ASN A 801 -8.53 20.07 -27.95
C ASN A 801 -7.79 19.44 -26.78
N CYS A 802 -7.96 18.12 -26.62
CA CYS A 802 -7.07 17.27 -25.83
C CYS A 802 -7.27 17.41 -24.32
N GLU A 803 -8.48 17.67 -23.84
CA GLU A 803 -8.67 17.71 -22.40
C GLU A 803 -8.95 16.31 -21.83
N ASP A 804 -9.73 15.51 -22.54
CA ASP A 804 -10.07 14.17 -22.07
C ASP A 804 -8.85 13.28 -21.98
N ILE A 805 -7.96 13.36 -22.97
CA ILE A 805 -6.75 12.56 -22.96
C ILE A 805 -5.95 12.84 -21.70
N ALA A 806 -5.84 14.10 -21.31
CA ALA A 806 -5.10 14.45 -20.11
C ALA A 806 -5.72 13.81 -18.88
N MET A 807 -7.05 13.80 -18.82
CA MET A 807 -7.72 13.23 -17.66
C MET A 807 -7.45 11.74 -17.56
N ASN A 808 -7.52 11.03 -18.69
CA ASN A 808 -7.20 9.61 -18.68
C ASN A 808 -5.77 9.38 -18.24
N PHE A 809 -4.84 10.19 -18.73
CA PHE A 809 -3.45 10.10 -18.29
C PHE A 809 -3.37 10.23 -16.78
N LEU A 810 -4.05 11.22 -16.23
CA LEU A 810 -3.99 11.47 -14.79
C LEU A 810 -4.49 10.26 -14.02
N VAL A 811 -5.68 9.78 -14.34
CA VAL A 811 -6.29 8.72 -13.56
C VAL A 811 -5.46 7.44 -13.65
N SER A 812 -4.99 7.10 -14.86
CA SER A 812 -4.16 5.91 -14.98
C SER A 812 -2.85 6.06 -14.23
N HIS A 813 -2.32 7.29 -14.15
CA HIS A 813 -1.11 7.52 -13.37
C HIS A 813 -1.36 7.28 -11.89
N ILE A 814 -2.50 7.76 -11.38
CA ILE A 814 -2.79 7.62 -9.96
C ILE A 814 -3.05 6.16 -9.60
N THR A 815 -3.90 5.49 -10.37
CA THR A 815 -4.39 4.16 -10.01
C THR A 815 -3.62 3.03 -10.66
N ARG A 816 -3.04 3.25 -11.83
CA ARG A 816 -2.38 2.19 -12.59
C ARG A 816 -3.37 1.13 -13.05
N LYS A 817 -4.63 1.50 -13.21
CA LYS A 817 -5.67 0.62 -13.71
C LYS A 817 -6.40 1.28 -14.86
N PRO A 818 -6.83 0.49 -15.85
CA PRO A 818 -7.47 1.07 -17.02
C PRO A 818 -8.89 1.49 -16.74
N PRO A 819 -9.51 2.22 -17.66
CA PRO A 819 -10.91 2.62 -17.48
C PRO A 819 -11.89 1.50 -17.77
N ILE A 820 -13.18 1.83 -17.75
CA ILE A 820 -14.24 0.85 -17.92
C ILE A 820 -15.21 1.36 -18.98
N LYS A 821 -15.60 0.49 -19.89
CA LYS A 821 -16.63 0.77 -20.89
C LYS A 821 -17.87 -0.04 -20.58
N VAL A 822 -19.04 0.54 -20.84
CA VAL A 822 -20.27 0.08 -20.24
C VAL A 822 -21.27 -0.50 -21.24
N THR A 823 -21.28 -0.03 -22.48
CA THR A 823 -22.29 -0.47 -23.44
C THR A 823 -21.64 -0.75 -24.78
N SER A 824 -22.46 -1.25 -25.71
CA SER A 824 -22.01 -1.58 -27.05
C SER A 824 -22.01 -0.37 -27.98
N ARG A 825 -22.65 0.72 -27.59
CA ARG A 825 -22.75 1.87 -28.48
C ARG A 825 -21.41 2.59 -28.59
N TRP A 826 -21.12 3.08 -29.79
CA TRP A 826 -19.88 3.78 -30.07
C TRP A 826 -20.07 5.22 -30.50
N THR A 827 -21.25 5.60 -30.97
CA THR A 827 -21.57 6.96 -31.35
C THR A 827 -22.82 7.41 -30.61
N PHE A 828 -22.85 8.67 -30.22
CA PHE A 828 -23.89 9.21 -29.35
C PHE A 828 -24.47 10.48 -29.93
N ARG A 829 -24.82 10.43 -31.21
CA ARG A 829 -25.44 11.56 -31.89
C ARG A 829 -26.96 11.42 -31.89
N ASP A 840 -11.98 16.68 -37.72
CA ASP A 840 -11.31 16.82 -39.00
C ASP A 840 -9.83 16.46 -38.88
N ASP A 841 -9.07 16.68 -39.95
CA ASP A 841 -7.67 16.26 -39.97
C ASP A 841 -6.86 17.00 -38.92
N SER A 842 -7.03 18.32 -38.81
CA SER A 842 -6.29 19.08 -37.81
C SER A 842 -6.67 18.62 -36.41
N HIS A 843 -7.95 18.45 -36.15
CA HIS A 843 -8.41 17.91 -34.89
C HIS A 843 -7.78 16.55 -34.61
N PHE A 844 -7.41 15.83 -35.66
CA PHE A 844 -6.84 14.49 -35.49
C PHE A 844 -5.37 14.57 -35.11
N HIS A 845 -4.58 15.34 -35.87
CA HIS A 845 -3.14 15.39 -35.65
C HIS A 845 -2.80 16.16 -34.37
N GLU A 846 -3.63 17.12 -34.00
CA GLU A 846 -3.45 17.79 -32.72
C GLU A 846 -3.38 16.78 -31.59
N ARG A 847 -4.16 15.71 -31.68
CA ARG A 847 -4.21 14.72 -30.62
C ARG A 847 -2.96 13.84 -30.60
N HIS A 848 -2.41 13.52 -31.77
CA HIS A 848 -1.10 12.86 -31.80
C HIS A 848 -0.08 13.69 -31.03
N LYS A 849 -0.02 14.98 -31.34
CA LYS A 849 0.93 15.84 -30.66
C LYS A 849 0.66 15.90 -29.17
N CYS A 850 -0.62 15.96 -28.79
CA CYS A 850 -0.98 16.01 -27.38
C CYS A 850 -0.48 14.77 -26.64
N ILE A 851 -0.71 13.59 -27.21
CA ILE A 851 -0.26 12.36 -26.56
C ILE A 851 1.24 12.36 -26.39
N ASN A 852 1.96 12.70 -27.45
CA ASN A 852 3.42 12.66 -27.36
C ASN A 852 3.94 13.64 -26.33
N PHE A 853 3.37 14.84 -26.28
CA PHE A 853 3.82 15.83 -25.31
C PHE A 853 3.52 15.38 -23.89
N PHE A 854 2.34 14.82 -23.65
CA PHE A 854 1.99 14.36 -22.31
C PHE A 854 2.94 13.26 -21.87
N VAL A 855 3.29 12.35 -22.78
CA VAL A 855 4.27 11.32 -22.46
C VAL A 855 5.59 11.97 -22.07
N LYS A 856 6.01 12.97 -22.83
CA LYS A 856 7.25 13.67 -22.51
C LYS A 856 7.20 14.26 -21.11
N VAL A 857 6.04 14.78 -20.72
CA VAL A 857 5.90 15.37 -19.39
C VAL A 857 6.02 14.29 -18.32
N TYR A 858 5.10 13.32 -18.34
CA TYR A 858 5.08 12.33 -17.28
C TYR A 858 6.33 11.47 -17.26
N GLY A 859 7.06 11.41 -18.37
CA GLY A 859 8.24 10.58 -18.48
C GLY A 859 7.98 9.17 -18.94
N TYR A 860 6.71 8.76 -19.03
CA TYR A 860 6.36 7.42 -19.45
C TYR A 860 4.91 7.43 -19.90
N MET A 861 4.50 6.32 -20.49
CA MET A 861 3.12 6.16 -20.94
C MET A 861 2.33 5.43 -19.86
N PRO A 862 1.38 6.08 -19.18
CA PRO A 862 0.62 5.41 -18.12
C PRO A 862 -0.64 4.70 -18.58
N LEU A 863 -1.02 4.82 -19.84
CA LEU A 863 -2.24 4.19 -20.31
C LEU A 863 -2.08 2.67 -20.36
N LEU A 864 -3.18 1.98 -20.11
CA LEU A 864 -3.20 0.53 -20.05
C LEU A 864 -4.39 0.00 -20.84
N TYR A 865 -4.16 -1.14 -21.50
CA TYR A 865 -5.18 -1.73 -22.34
C TYR A 865 -6.15 -2.58 -21.53
N THR A 866 -7.41 -2.56 -21.94
CA THR A 866 -8.44 -3.46 -21.44
C THR A 866 -9.14 -4.09 -22.62
N GLN A 867 -9.38 -5.41 -22.53
CA GLN A 867 -9.96 -6.17 -23.63
C GLN A 867 -11.39 -6.60 -23.33
N PHE A 868 -12.11 -5.87 -22.49
CA PHE A 868 -13.47 -6.25 -22.17
C PHE A 868 -14.27 -5.03 -21.76
N ARG A 869 -15.58 -5.21 -21.76
CA ARG A 869 -16.55 -4.22 -21.28
C ARG A 869 -17.48 -4.92 -20.30
N VAL A 870 -18.30 -4.12 -19.62
CA VAL A 870 -19.16 -4.62 -18.56
C VAL A 870 -20.61 -4.43 -18.96
N ASP A 871 -21.41 -5.48 -18.73
CA ASP A 871 -22.83 -5.46 -18.98
C ASP A 871 -23.54 -6.04 -17.76
N SER A 872 -24.86 -5.90 -17.73
CA SER A 872 -25.63 -6.38 -16.61
C SER A 872 -25.57 -7.90 -16.52
N VAL A 873 -25.78 -8.41 -15.30
CA VAL A 873 -25.61 -9.83 -15.05
C VAL A 873 -26.57 -10.65 -15.92
N LEU A 874 -27.84 -10.28 -15.91
CA LEU A 874 -28.88 -11.02 -16.61
C LEU A 874 -29.05 -10.57 -18.05
N PHE A 875 -28.02 -9.96 -18.62
CA PHE A 875 -28.07 -9.51 -20.00
C PHE A 875 -28.15 -10.70 -20.95
N LYS A 876 -29.12 -10.65 -21.87
CA LYS A 876 -29.28 -11.68 -22.89
C LYS A 876 -29.32 -13.08 -22.26
N THR A 877 -30.18 -13.24 -21.25
CA THR A 877 -30.31 -14.49 -20.53
C THR A 877 -31.75 -14.98 -20.64
N ARG A 878 -31.90 -16.28 -20.89
CA ARG A 878 -33.21 -16.91 -21.01
C ARG A 878 -33.71 -17.25 -19.62
N LEU A 879 -34.40 -16.30 -19.00
CA LEU A 879 -34.92 -16.49 -17.66
C LEU A 879 -36.21 -17.30 -17.68
N PRO A 880 -36.54 -17.97 -16.58
CA PRO A 880 -37.90 -18.48 -16.42
C PRO A 880 -38.87 -17.33 -16.13
N HIS A 881 -40.15 -17.64 -16.29
CA HIS A 881 -41.17 -16.60 -16.16
C HIS A 881 -41.43 -16.18 -14.72
N ASP A 882 -40.72 -16.78 -13.75
CA ASP A 882 -40.77 -16.32 -12.37
C ASP A 882 -39.79 -15.19 -12.08
N LYS A 883 -39.04 -14.74 -13.09
CA LYS A 883 -37.98 -13.75 -12.92
C LYS A 883 -38.09 -12.70 -14.02
N THR A 884 -37.55 -11.53 -13.75
CA THR A 884 -37.50 -10.44 -14.72
C THR A 884 -36.09 -9.88 -14.78
N LYS A 885 -35.70 -9.43 -15.97
CA LYS A 885 -34.36 -8.94 -16.19
C LYS A 885 -34.12 -7.63 -15.46
N CYS A 886 -32.85 -7.40 -15.12
CA CYS A 886 -32.50 -6.18 -14.40
C CYS A 886 -32.90 -4.94 -15.20
N PHE A 887 -32.56 -4.92 -16.48
CA PHE A 887 -32.95 -3.85 -17.38
C PHE A 887 -33.54 -4.47 -18.64
N LYS A 888 -34.05 -3.61 -19.52
CA LYS A 888 -34.72 -4.08 -20.73
C LYS A 888 -33.83 -3.96 -21.96
N PHE A 889 -32.94 -2.96 -21.99
CA PHE A 889 -32.05 -2.75 -23.15
C PHE A 889 -30.58 -2.80 -22.71
N ILE A 890 -30.31 -3.32 -21.51
CA ILE A 890 -28.95 -3.39 -20.99
C ILE A 890 -28.65 -4.81 -20.55
N GLY B 147 27.25 -0.05 22.39
CA GLY B 147 27.65 0.80 21.29
C GLY B 147 27.66 0.10 19.94
N CYS B 148 27.63 -1.23 19.97
CA CYS B 148 27.60 -1.99 18.73
C CYS B 148 26.37 -1.67 17.90
N ARG B 149 26.58 -1.65 16.60
CA ARG B 149 25.52 -1.61 15.61
C ARG B 149 25.81 -2.71 14.59
N LEU B 150 24.79 -3.03 13.80
CA LEU B 150 24.88 -4.20 12.94
C LEU B 150 26.02 -4.11 11.94
N HIS B 151 26.53 -2.91 11.69
CA HIS B 151 27.59 -2.72 10.71
C HIS B 151 28.99 -2.91 11.28
N ASN B 152 29.13 -3.07 12.60
CA ASN B 152 30.45 -3.15 13.20
C ASN B 152 30.61 -4.26 14.21
N CYS B 153 29.55 -4.93 14.66
CA CYS B 153 29.64 -6.08 15.54
C CYS B 153 28.88 -7.27 14.96
N PHE B 154 28.90 -7.42 13.64
CA PHE B 154 28.33 -8.57 12.96
C PHE B 154 29.24 -8.96 11.81
N ASP B 155 29.40 -10.25 11.60
CA ASP B 155 30.30 -10.78 10.58
C ASP B 155 29.48 -11.22 9.37
N TYR B 156 29.69 -10.55 8.25
CA TYR B 156 28.98 -10.88 7.02
C TYR B 156 29.68 -11.96 6.20
N SER B 157 30.94 -12.26 6.49
CA SER B 157 31.67 -13.24 5.71
C SER B 157 31.07 -14.64 5.83
N ARG B 158 30.32 -14.89 6.90
CA ARG B 158 29.67 -16.18 7.08
C ARG B 158 28.35 -16.29 6.32
N CYS B 159 27.87 -15.21 5.71
CA CYS B 159 26.54 -15.16 5.11
C CYS B 159 26.59 -14.62 3.69
N PRO B 160 27.05 -15.42 2.74
CA PRO B 160 26.82 -15.07 1.34
C PRO B 160 25.33 -15.08 1.03
N LEU B 161 24.93 -14.17 0.14
CA LEU B 161 23.51 -14.05 -0.19
C LEU B 161 22.98 -15.32 -0.82
N THR B 162 23.86 -16.17 -1.37
CA THR B 162 23.47 -17.30 -2.18
C THR B 162 23.52 -18.62 -1.41
N SER B 163 23.96 -18.62 -0.16
CA SER B 163 24.16 -19.85 0.60
C SER B 163 23.02 -20.11 1.58
N GLY B 164 21.94 -19.35 1.52
CA GLY B 164 20.85 -19.54 2.45
C GLY B 164 21.12 -18.89 3.78
N PHE B 165 20.30 -19.26 4.76
CA PHE B 165 20.34 -18.69 6.10
C PHE B 165 20.35 -19.81 7.13
N PRO B 166 21.42 -20.58 7.19
CA PRO B 166 21.51 -21.65 8.19
C PRO B 166 21.56 -21.08 9.60
N VAL B 167 20.97 -21.82 10.53
CA VAL B 167 20.87 -21.40 11.92
C VAL B 167 21.22 -22.58 12.81
N TYR B 168 21.99 -22.31 13.86
CA TYR B 168 22.37 -23.32 14.83
C TYR B 168 21.79 -22.93 16.19
N VAL B 169 21.15 -23.90 16.85
CA VAL B 169 20.53 -23.69 18.15
C VAL B 169 21.30 -24.51 19.18
N TYR B 170 21.76 -23.83 20.22
CA TYR B 170 22.37 -24.53 21.35
C TYR B 170 21.31 -25.28 22.13
N ASP B 171 21.64 -26.51 22.52
CA ASP B 171 20.76 -27.31 23.37
C ASP B 171 21.03 -26.92 24.82
N SER B 172 20.06 -26.26 25.44
CA SER B 172 20.28 -25.72 26.77
C SER B 172 20.24 -26.78 27.86
N ASP B 173 19.79 -27.99 27.55
CA ASP B 173 19.91 -29.08 28.50
C ASP B 173 21.36 -29.47 28.75
N GLN B 174 22.25 -29.10 27.83
CA GLN B 174 23.67 -29.37 27.95
C GLN B 174 24.41 -28.24 28.64
N PHE B 175 23.70 -27.33 29.28
CA PHE B 175 24.31 -26.17 29.92
C PHE B 175 23.55 -25.85 31.20
N VAL B 176 24.15 -25.00 32.02
CA VAL B 176 23.61 -24.71 33.35
C VAL B 176 22.29 -23.97 33.30
N PHE B 177 21.95 -23.31 32.18
CA PHE B 177 20.67 -22.64 32.08
C PHE B 177 19.52 -23.62 32.22
N GLY B 178 19.64 -24.80 31.60
CA GLY B 178 18.47 -25.61 31.33
C GLY B 178 17.66 -25.95 32.56
N SER B 179 18.34 -26.24 33.67
CA SER B 179 17.64 -26.81 34.80
C SER B 179 16.77 -25.77 35.50
N TYR B 180 17.16 -24.51 35.41
CA TYR B 180 16.37 -23.43 35.99
C TYR B 180 15.40 -22.78 35.02
N LEU B 181 15.40 -23.16 33.76
CA LEU B 181 14.46 -22.55 32.82
C LEU B 181 13.03 -22.94 33.17
N ASP B 182 12.11 -22.06 32.84
CA ASP B 182 10.71 -22.38 33.03
C ASP B 182 10.35 -23.56 32.13
N PRO B 183 9.72 -24.61 32.66
CA PRO B 183 9.51 -25.81 31.84
C PRO B 183 8.75 -25.56 30.56
N LEU B 184 7.70 -24.73 30.62
CA LEU B 184 6.86 -24.52 29.44
C LEU B 184 7.61 -23.77 28.36
N VAL B 185 8.33 -22.71 28.75
CA VAL B 185 9.13 -21.95 27.79
C VAL B 185 10.13 -22.87 27.11
N LYS B 186 10.86 -23.65 27.90
CA LYS B 186 11.88 -24.54 27.37
C LYS B 186 11.26 -25.54 26.40
N GLN B 187 10.16 -26.16 26.80
CA GLN B 187 9.54 -27.18 25.96
C GLN B 187 9.07 -26.58 24.64
N ALA B 188 8.37 -25.44 24.70
CA ALA B 188 7.85 -24.83 23.48
C ALA B 188 8.98 -24.39 22.56
N PHE B 189 10.02 -23.78 23.11
CA PHE B 189 11.12 -23.32 22.27
C PHE B 189 11.84 -24.49 21.62
N GLN B 190 12.10 -25.55 22.38
CA GLN B 190 12.75 -26.72 21.80
C GLN B 190 11.89 -27.32 20.70
N ALA B 191 10.58 -27.42 20.94
CA ALA B 191 9.70 -27.98 19.94
C ALA B 191 9.73 -27.18 18.66
N THR B 192 9.53 -25.87 18.75
CA THR B 192 9.49 -25.06 17.53
C THR B 192 10.83 -25.05 16.83
N ALA B 193 11.93 -24.97 17.58
CA ALA B 193 13.24 -24.95 16.95
C ALA B 193 13.56 -26.28 16.28
N ARG B 194 13.02 -27.38 16.80
CA ARG B 194 13.24 -28.67 16.15
C ARG B 194 12.60 -28.71 14.77
N ALA B 195 11.42 -28.12 14.61
CA ALA B 195 10.66 -28.24 13.39
C ALA B 195 10.96 -27.15 12.36
N ASN B 196 11.69 -26.11 12.73
CA ASN B 196 11.92 -25.02 11.80
C ASN B 196 12.83 -25.48 10.67
N VAL B 197 12.75 -24.75 9.55
CA VAL B 197 13.40 -25.17 8.32
C VAL B 197 14.82 -24.63 8.19
N TYR B 198 15.09 -23.43 8.72
CA TYR B 198 16.42 -22.86 8.61
C TYR B 198 17.43 -23.58 9.48
N VAL B 199 16.97 -24.29 10.50
CA VAL B 199 17.87 -24.84 11.50
C VAL B 199 18.69 -25.99 10.92
N THR B 200 19.92 -26.12 11.42
CA THR B 200 20.83 -27.17 11.02
C THR B 200 21.62 -27.62 12.23
N GLU B 201 22.29 -28.77 12.09
CA GLU B 201 23.16 -29.28 13.13
C GLU B 201 24.63 -28.98 12.88
N ASN B 202 25.00 -28.64 11.65
CA ASN B 202 26.39 -28.34 11.30
C ASN B 202 26.69 -26.91 11.75
N ALA B 203 27.32 -26.79 12.91
CA ALA B 203 27.65 -25.49 13.46
C ALA B 203 28.78 -24.79 12.70
N ASP B 204 29.44 -25.49 11.78
CA ASP B 204 30.58 -24.88 11.08
C ASP B 204 30.13 -23.89 10.02
N ILE B 205 28.92 -24.05 9.47
CA ILE B 205 28.46 -23.24 8.35
C ILE B 205 27.47 -22.18 8.77
N ALA B 206 27.04 -22.18 10.03
CA ALA B 206 25.93 -21.33 10.43
C ALA B 206 26.34 -19.86 10.48
N CYS B 207 25.45 -19.00 9.98
CA CYS B 207 25.50 -17.58 10.31
C CYS B 207 25.16 -17.28 11.75
N LEU B 208 24.14 -17.93 12.31
CA LEU B 208 23.53 -17.42 13.52
C LEU B 208 23.44 -18.53 14.54
N TYR B 209 23.86 -18.23 15.77
CA TYR B 209 23.84 -19.16 16.88
C TYR B 209 22.85 -18.66 17.91
N VAL B 210 21.90 -19.50 18.27
CA VAL B 210 20.78 -19.13 19.13
C VAL B 210 20.93 -19.89 20.44
N ILE B 211 20.86 -19.15 21.56
CA ILE B 211 20.92 -19.73 22.89
C ILE B 211 19.78 -19.13 23.70
N LEU B 212 18.99 -20.00 24.33
CA LEU B 212 17.84 -19.57 25.12
C LEU B 212 18.23 -19.56 26.60
N VAL B 213 18.40 -18.37 27.16
CA VAL B 213 18.50 -18.22 28.59
C VAL B 213 17.13 -18.06 29.23
N GLY B 214 16.15 -17.55 28.48
CA GLY B 214 14.75 -17.61 28.87
C GLY B 214 14.43 -17.01 30.20
N GLU B 215 13.15 -17.09 30.57
CA GLU B 215 12.71 -16.73 31.91
C GLU B 215 13.01 -17.87 32.85
N MET B 216 13.77 -17.60 33.90
CA MET B 216 14.16 -18.62 34.86
C MET B 216 13.17 -18.64 36.02
N GLN B 217 13.16 -19.77 36.72
CA GLN B 217 12.27 -19.95 37.85
C GLN B 217 12.54 -18.90 38.92
N GLU B 218 11.47 -18.40 39.52
CA GLU B 218 11.62 -17.41 40.57
C GLU B 218 11.65 -18.08 41.94
N PRO B 219 12.55 -17.67 42.85
CA PRO B 219 13.54 -16.61 42.68
C PRO B 219 14.72 -17.05 41.83
N VAL B 220 15.36 -16.10 41.16
CA VAL B 220 16.51 -16.42 40.30
C VAL B 220 17.65 -16.91 41.17
N VAL B 221 18.27 -18.01 40.74
CA VAL B 221 19.36 -18.61 41.50
C VAL B 221 20.72 -18.17 40.97
N LEU B 222 20.89 -18.17 39.66
CA LEU B 222 22.18 -17.81 39.08
C LEU B 222 22.50 -16.35 39.34
N ARG B 223 23.75 -16.08 39.55
CA ARG B 223 24.23 -14.72 39.67
C ARG B 223 24.72 -14.23 38.31
N PRO B 224 24.69 -12.92 38.08
CA PRO B 224 25.10 -12.42 36.75
C PRO B 224 26.49 -12.89 36.34
N ALA B 225 27.42 -12.95 37.28
CA ALA B 225 28.77 -13.40 36.94
C ALA B 225 28.77 -14.86 36.46
N GLU B 226 27.98 -15.71 37.12
CA GLU B 226 27.89 -17.10 36.72
C GLU B 226 27.33 -17.22 35.31
N LEU B 227 26.26 -16.46 35.04
CA LEU B 227 25.66 -16.49 33.71
C LEU B 227 26.65 -16.02 32.65
N GLU B 228 27.36 -14.93 32.93
CA GLU B 228 28.35 -14.42 32.00
C GLU B 228 29.44 -15.44 31.75
N LYS B 229 29.91 -16.10 32.81
CA LYS B 229 30.95 -17.10 32.64
C LYS B 229 30.45 -18.25 31.77
N GLN B 230 29.21 -18.68 31.96
CA GLN B 230 28.66 -19.72 31.12
C GLN B 230 28.60 -19.27 29.67
N LEU B 231 28.22 -18.02 29.44
CA LEU B 231 28.12 -17.52 28.07
C LEU B 231 29.45 -17.62 27.35
N TYR B 232 30.51 -17.07 27.95
CA TYR B 232 31.82 -17.06 27.30
C TYR B 232 32.42 -18.45 27.20
N SER B 233 31.84 -19.44 27.87
CA SER B 233 32.33 -20.81 27.82
C SER B 233 31.67 -21.62 26.71
N LEU B 234 30.81 -21.01 25.90
CA LEU B 234 30.12 -21.75 24.87
C LEU B 234 31.10 -22.20 23.78
N PRO B 235 30.83 -23.33 23.13
CA PRO B 235 31.81 -23.87 22.17
C PRO B 235 32.18 -22.91 21.06
N HIS B 236 31.20 -22.19 20.51
CA HIS B 236 31.41 -21.33 19.36
C HIS B 236 31.36 -19.85 19.73
N TRP B 237 31.40 -19.54 21.02
CA TRP B 237 31.52 -18.16 21.44
C TRP B 237 32.95 -17.69 21.21
N ARG B 238 33.35 -17.60 19.94
CA ARG B 238 34.66 -17.03 19.64
C ARG B 238 34.76 -15.71 20.39
N THR B 239 35.98 -15.27 20.68
CA THR B 239 36.26 -14.41 21.82
C THR B 239 35.15 -13.43 22.16
N ASP B 240 34.58 -12.77 21.15
CA ASP B 240 33.62 -11.69 21.37
C ASP B 240 32.17 -12.14 21.23
N GLY B 241 31.93 -13.40 20.87
CA GLY B 241 30.57 -13.88 20.74
C GLY B 241 29.79 -13.24 19.63
N HIS B 242 30.42 -13.06 18.47
CA HIS B 242 29.74 -12.45 17.34
C HIS B 242 28.75 -13.44 16.72
N ASN B 243 27.77 -12.88 16.01
CA ASN B 243 26.77 -13.66 15.31
C ASN B 243 25.96 -14.54 16.25
N HIS B 244 25.78 -14.07 17.47
CA HIS B 244 24.98 -14.75 18.48
C HIS B 244 23.80 -13.89 18.85
N VAL B 245 22.65 -14.52 19.07
CA VAL B 245 21.45 -13.85 19.55
C VAL B 245 21.00 -14.55 20.83
N ILE B 246 20.76 -13.75 21.86
CA ILE B 246 20.37 -14.25 23.17
C ILE B 246 18.90 -13.97 23.38
N ILE B 247 18.14 -15.00 23.76
CA ILE B 247 16.69 -14.95 23.81
C ILE B 247 16.24 -15.10 25.25
N ASN B 248 15.36 -14.20 25.69
CA ASN B 248 14.82 -14.21 27.05
C ASN B 248 13.34 -13.90 26.95
N LEU B 249 12.53 -14.94 26.85
CA LEU B 249 11.08 -14.81 26.70
C LEU B 249 10.42 -14.72 28.06
N SER B 250 9.45 -13.82 28.18
CA SER B 250 8.73 -13.60 29.42
C SER B 250 7.36 -14.26 29.36
N ARG B 251 7.04 -15.04 30.39
CA ARG B 251 5.76 -15.72 30.49
C ARG B 251 4.99 -15.34 31.75
N LYS B 252 5.65 -15.35 32.90
CA LYS B 252 4.99 -15.21 34.19
C LYS B 252 5.39 -13.97 34.96
N SER B 253 6.67 -13.62 34.95
CA SER B 253 7.19 -12.53 35.76
C SER B 253 7.45 -11.32 34.88
N ASP B 254 6.91 -10.17 35.29
CA ASP B 254 7.13 -8.92 34.59
C ASP B 254 8.21 -8.07 35.24
N THR B 255 8.90 -8.58 36.26
CA THR B 255 9.90 -7.85 37.01
C THR B 255 11.29 -8.48 36.91
N GLN B 256 11.49 -9.41 36.00
CA GLN B 256 12.74 -10.13 35.86
C GLN B 256 13.59 -9.48 34.78
N ASN B 257 14.85 -9.18 35.11
CA ASN B 257 15.80 -8.57 34.17
C ASN B 257 17.15 -9.24 34.42
N LEU B 258 17.43 -10.29 33.65
CA LEU B 258 18.60 -11.13 33.90
C LEU B 258 19.89 -10.47 33.42
N LEU B 259 19.83 -9.76 32.30
CA LEU B 259 21.02 -9.33 31.57
C LEU B 259 21.44 -7.91 31.90
N TYR B 260 20.86 -7.30 32.94
CA TYR B 260 21.20 -5.91 33.26
C TYR B 260 22.66 -5.78 33.66
N ASN B 261 23.16 -6.71 34.46
CA ASN B 261 24.53 -6.67 34.97
C ASN B 261 25.46 -7.58 34.20
N VAL B 262 25.06 -8.06 33.03
CA VAL B 262 25.83 -9.02 32.25
C VAL B 262 26.46 -8.30 31.07
N SER B 263 27.62 -8.79 30.65
CA SER B 263 28.30 -8.31 29.45
C SER B 263 28.09 -9.34 28.35
N THR B 264 27.32 -8.97 27.33
CA THR B 264 26.99 -9.86 26.24
C THR B 264 27.97 -9.76 25.08
N GLY B 265 28.98 -8.92 25.19
CA GLY B 265 29.92 -8.78 24.08
C GLY B 265 29.24 -8.21 22.87
N ARG B 266 29.40 -8.91 21.74
CA ARG B 266 28.81 -8.49 20.47
C ARG B 266 27.53 -9.23 20.15
N ALA B 267 26.99 -9.98 21.10
CA ALA B 267 25.77 -10.73 20.86
C ALA B 267 24.56 -9.81 20.87
N MET B 268 23.53 -10.20 20.12
CA MET B 268 22.26 -9.51 20.13
C MET B 268 21.35 -10.10 21.19
N VAL B 269 20.41 -9.28 21.65
CA VAL B 269 19.54 -9.62 22.76
C VAL B 269 18.10 -9.46 22.30
N ALA B 270 17.27 -10.45 22.58
CA ALA B 270 15.85 -10.43 22.24
C ALA B 270 15.05 -10.66 23.52
N GLN B 271 14.36 -9.63 23.98
CA GLN B 271 13.54 -9.74 25.17
C GLN B 271 12.50 -8.64 25.15
N SER B 272 11.55 -8.73 26.07
CA SER B 272 10.41 -7.83 26.13
C SER B 272 10.62 -6.66 27.07
N THR B 273 11.79 -6.56 27.71
CA THR B 273 12.08 -5.48 28.64
C THR B 273 13.44 -4.89 28.31
N PHE B 274 13.57 -3.58 28.48
CA PHE B 274 14.80 -2.89 28.13
C PHE B 274 14.95 -1.62 28.94
N TYR B 275 16.19 -1.23 29.16
CA TYR B 275 16.58 0.07 29.66
C TYR B 275 17.46 0.74 28.63
N THR B 276 17.39 2.07 28.57
CA THR B 276 18.15 2.80 27.56
C THR B 276 19.63 2.44 27.61
N VAL B 277 20.14 2.18 28.81
CA VAL B 277 21.55 1.85 28.95
C VAL B 277 21.89 0.53 28.25
N GLN B 278 20.90 -0.33 28.01
CA GLN B 278 21.15 -1.65 27.45
C GLN B 278 20.34 -1.91 26.19
N TYR B 279 19.79 -0.88 25.57
CA TYR B 279 19.06 -1.01 24.31
C TYR B 279 19.87 -0.37 23.20
N ARG B 280 20.06 -1.12 22.12
CA ARG B 280 20.87 -0.70 20.97
C ARG B 280 20.00 -0.78 19.72
N PRO B 281 19.33 0.30 19.35
CA PRO B 281 18.38 0.22 18.24
C PRO B 281 19.07 -0.19 16.94
N GLY B 282 18.36 -1.00 16.16
CA GLY B 282 18.92 -1.58 14.95
C GLY B 282 19.76 -2.81 15.18
N PHE B 283 20.07 -3.14 16.41
CA PHE B 283 20.85 -4.32 16.76
C PHE B 283 20.06 -5.27 17.63
N ASP B 284 19.50 -4.80 18.73
CA ASP B 284 18.68 -5.63 19.60
C ASP B 284 17.26 -5.71 19.06
N LEU B 285 16.46 -6.58 19.69
CA LEU B 285 15.10 -6.85 19.25
C LEU B 285 14.16 -6.81 20.43
N VAL B 286 12.93 -6.35 20.18
CA VAL B 286 11.87 -6.34 21.16
C VAL B 286 10.81 -7.32 20.69
N VAL B 287 10.57 -8.35 21.50
CA VAL B 287 9.69 -9.44 21.12
C VAL B 287 8.52 -9.50 22.10
N SER B 288 7.46 -10.12 21.66
CA SER B 288 6.28 -10.24 22.49
C SER B 288 6.47 -11.31 23.54
N PRO B 289 5.77 -11.22 24.66
CA PRO B 289 5.83 -12.26 25.67
C PRO B 289 5.17 -13.54 25.21
N LEU B 290 5.62 -14.65 25.76
CA LEU B 290 5.07 -15.96 25.42
C LEU B 290 3.92 -16.26 26.37
N VAL B 291 2.72 -16.33 25.82
CA VAL B 291 1.51 -16.56 26.62
C VAL B 291 0.98 -17.95 26.33
N HIS B 292 0.66 -18.22 25.07
CA HIS B 292 0.04 -19.48 24.68
C HIS B 292 1.11 -20.56 24.58
N ALA B 293 1.67 -20.89 25.74
CA ALA B 293 2.63 -21.96 25.85
C ALA B 293 1.90 -23.28 26.04
N MET B 294 2.12 -24.23 25.13
CA MET B 294 1.49 -25.54 25.20
C MET B 294 -0.03 -25.43 25.12
N SER B 295 -0.51 -24.41 24.40
CA SER B 295 -1.93 -24.18 24.26
C SER B 295 -2.22 -23.63 22.86
N GLU B 296 -3.49 -23.72 22.47
CA GLU B 296 -3.89 -23.33 21.13
C GLU B 296 -4.57 -21.97 21.15
N PRO B 297 -4.13 -21.00 20.35
CA PRO B 297 -4.86 -19.72 20.26
C PRO B 297 -6.06 -19.81 19.34
N ASN B 298 -7.00 -20.68 19.70
CA ASN B 298 -8.17 -20.90 18.86
C ASN B 298 -9.02 -19.65 18.78
N PHE B 299 -9.61 -19.43 17.61
CA PHE B 299 -10.36 -18.21 17.32
C PHE B 299 -11.79 -18.26 17.84
N MET B 300 -12.23 -19.37 18.41
CA MET B 300 -13.64 -19.52 18.77
C MET B 300 -14.03 -18.59 19.91
N GLU B 301 -13.10 -18.27 20.81
CA GLU B 301 -13.43 -17.41 21.93
C GLU B 301 -13.43 -15.94 21.58
N ILE B 302 -12.85 -15.57 20.43
CA ILE B 302 -12.74 -14.15 20.07
C ILE B 302 -14.13 -13.64 19.71
N PRO B 303 -14.53 -12.46 20.18
CA PRO B 303 -15.81 -11.89 19.77
C PRO B 303 -15.74 -11.35 18.35
N PRO B 304 -16.88 -11.14 17.71
CA PRO B 304 -16.88 -10.66 16.34
C PRO B 304 -16.37 -9.24 16.22
N GLN B 305 -15.78 -8.93 15.06
CA GLN B 305 -15.37 -7.58 14.76
C GLN B 305 -16.54 -6.63 14.65
N VAL B 306 -17.75 -7.16 14.49
CA VAL B 306 -18.96 -6.35 14.35
C VAL B 306 -19.96 -6.85 15.39
N PRO B 307 -20.70 -5.97 16.08
CA PRO B 307 -20.78 -4.50 15.94
C PRO B 307 -19.50 -3.77 16.26
N VAL B 308 -19.40 -2.54 15.75
CA VAL B 308 -18.18 -1.76 15.91
C VAL B 308 -18.08 -1.21 17.32
N LYS B 309 -19.06 -0.40 17.72
CA LYS B 309 -19.10 0.10 19.08
C LYS B 309 -19.55 -1.01 20.03
N ARG B 310 -18.99 -0.98 21.23
CA ARG B 310 -19.28 -1.96 22.26
C ARG B 310 -19.79 -1.22 23.50
N LYS B 311 -19.94 -1.97 24.59
CA LYS B 311 -20.54 -1.39 25.80
C LYS B 311 -19.73 -0.20 26.30
N TYR B 312 -18.41 -0.33 26.33
CA TYR B 312 -17.53 0.69 26.87
C TYR B 312 -16.68 1.30 25.76
N LEU B 313 -16.53 2.62 25.80
CA LEU B 313 -15.67 3.30 24.85
C LEU B 313 -14.21 2.92 25.08
N PHE B 314 -13.75 3.01 26.33
CA PHE B 314 -12.42 2.56 26.68
C PHE B 314 -12.41 2.19 28.16
N THR B 315 -11.42 1.39 28.54
CA THR B 315 -11.33 0.87 29.89
C THR B 315 -9.87 0.80 30.31
N PHE B 316 -9.67 0.72 31.62
CA PHE B 316 -8.33 0.62 32.17
C PHE B 316 -8.41 -0.01 33.54
N GLN B 317 -7.33 -0.72 33.91
CA GLN B 317 -7.24 -1.37 35.21
C GLN B 317 -5.77 -1.43 35.58
N GLY B 318 -5.36 -0.66 36.58
CA GLY B 318 -3.97 -0.67 36.99
C GLY B 318 -3.80 -0.10 38.38
N GLU B 319 -2.58 -0.23 38.89
CA GLU B 319 -2.23 0.29 40.20
C GLU B 319 -0.75 0.64 40.19
N LYS B 320 -0.40 1.70 40.90
CA LYS B 320 0.97 2.20 40.91
C LYS B 320 1.50 2.28 42.33
N ASP B 345 5.27 15.48 35.66
CA ASP B 345 4.43 14.83 36.67
C ASP B 345 3.01 14.66 36.14
N TYR B 346 2.91 14.10 34.93
CA TYR B 346 1.65 14.07 34.20
C TYR B 346 0.63 13.10 34.79
N ASP B 347 1.02 12.27 35.76
CA ASP B 347 0.14 11.21 36.23
C ASP B 347 -1.15 11.76 36.80
N ASP B 348 -1.05 12.73 37.70
CA ASP B 348 -2.23 13.23 38.40
C ASP B 348 -3.22 13.86 37.44
N ARG B 349 -2.72 14.63 36.47
CA ARG B 349 -3.61 15.25 35.49
C ARG B 349 -4.33 14.19 34.67
N ILE B 350 -3.61 13.14 34.28
CA ILE B 350 -4.23 12.04 33.54
C ILE B 350 -5.35 11.44 34.36
N ILE B 351 -5.08 11.15 35.63
CA ILE B 351 -6.06 10.47 36.47
C ILE B 351 -7.30 11.35 36.63
N ALA B 352 -7.09 12.64 36.90
CA ALA B 352 -8.21 13.54 37.08
C ALA B 352 -9.04 13.65 35.80
N THR B 353 -8.36 13.76 34.65
CA THR B 353 -9.07 13.88 33.39
C THR B 353 -9.94 12.66 33.13
N LEU B 354 -9.37 11.48 33.35
CA LEU B 354 -10.12 10.25 33.06
C LEU B 354 -11.28 10.08 34.03
N LYS B 355 -11.07 10.41 35.30
CA LYS B 355 -12.17 10.34 36.26
C LYS B 355 -13.28 11.31 35.87
N ALA B 356 -12.91 12.51 35.42
CA ALA B 356 -13.92 13.45 34.95
C ALA B 356 -14.68 12.91 33.76
N VAL B 357 -13.98 12.29 32.82
CA VAL B 357 -14.64 11.71 31.66
C VAL B 357 -15.64 10.65 32.11
N GLN B 358 -15.24 9.80 33.07
CA GLN B 358 -16.16 8.78 33.56
C GLN B 358 -17.38 9.42 34.22
N ASP B 359 -17.16 10.48 34.99
CA ASP B 359 -18.28 11.15 35.65
C ASP B 359 -19.22 11.86 34.67
N SER B 360 -18.70 12.29 33.51
CA SER B 360 -19.51 13.06 32.58
C SER B 360 -20.54 12.22 31.84
N LYS B 361 -20.28 10.91 31.73
CA LYS B 361 -21.21 9.96 31.13
C LYS B 361 -21.80 10.46 29.81
N LEU B 362 -20.97 11.12 29.00
CA LEU B 362 -21.31 11.28 27.60
C LEU B 362 -21.34 9.92 26.90
N ASP B 363 -20.34 9.09 27.18
CA ASP B 363 -20.32 7.71 26.75
C ASP B 363 -19.76 6.88 27.90
N GLN B 364 -20.18 5.61 27.96
CA GLN B 364 -19.75 4.76 29.06
C GLN B 364 -18.26 4.47 28.98
N VAL B 365 -17.62 4.44 30.15
CA VAL B 365 -16.24 4.00 30.30
C VAL B 365 -16.12 3.29 31.65
N LEU B 366 -14.93 2.76 31.90
CA LEU B 366 -14.67 2.02 33.13
C LEU B 366 -13.17 2.11 33.40
N VAL B 367 -12.81 2.95 34.36
CA VAL B 367 -11.41 3.20 34.71
C VAL B 367 -11.21 2.86 36.18
N GLU B 368 -10.20 2.04 36.45
CA GLU B 368 -9.88 1.63 37.81
C GLU B 368 -8.39 1.83 38.04
N PHE B 369 -8.05 2.55 39.10
CA PHE B 369 -6.66 2.79 39.47
C PHE B 369 -6.25 2.02 40.71
N THR B 370 -7.08 1.08 41.16
CA THR B 370 -6.74 0.19 42.26
C THR B 370 -7.25 -1.21 41.95
N CYS B 371 -6.39 -2.20 42.13
CA CYS B 371 -6.73 -3.58 41.81
C CYS B 371 -7.31 -4.27 43.03
N LYS B 372 -8.55 -4.76 42.92
CA LYS B 372 -9.13 -5.55 43.99
C LYS B 372 -8.39 -6.87 44.14
N ASN B 373 -8.18 -7.58 43.04
CA ASN B 373 -7.26 -8.71 43.05
C ASN B 373 -5.86 -8.20 43.33
N GLN B 374 -5.12 -8.94 44.16
CA GLN B 374 -3.83 -8.48 44.63
C GLN B 374 -2.96 -8.09 43.44
N PRO B 375 -2.47 -6.85 43.38
CA PRO B 375 -1.73 -6.42 42.18
C PRO B 375 -0.50 -7.26 41.94
N LYS B 376 -0.26 -7.56 40.67
CA LYS B 376 0.91 -8.33 40.30
C LYS B 376 2.17 -7.49 40.48
N PRO B 377 3.30 -8.12 40.80
CA PRO B 377 4.54 -7.36 40.95
C PRO B 377 4.90 -6.63 39.67
N SER B 378 5.54 -5.47 39.84
CA SER B 378 5.84 -4.61 38.71
C SER B 378 7.11 -3.83 38.99
N LEU B 379 7.56 -3.10 37.97
CA LEU B 379 8.73 -2.26 38.08
C LEU B 379 8.41 -1.03 38.91
N PRO B 380 9.43 -0.28 39.34
CA PRO B 380 9.19 0.77 40.35
C PRO B 380 8.15 1.80 39.95
N THR B 381 8.13 2.21 38.68
CA THR B 381 7.22 3.27 38.25
C THR B 381 6.33 2.79 37.11
N GLU B 382 5.80 1.58 37.24
CA GLU B 382 4.96 0.98 36.22
C GLU B 382 3.58 0.70 36.79
N TRP B 383 2.57 0.81 35.94
CA TRP B 383 1.22 0.45 36.32
C TRP B 383 1.09 -1.07 36.39
N ALA B 384 0.60 -1.55 37.52
CA ALA B 384 0.54 -2.98 37.76
C ALA B 384 -0.73 -3.59 37.19
N LEU B 385 -0.62 -4.85 36.78
CA LEU B 385 -1.77 -5.57 36.27
C LEU B 385 -2.64 -6.08 37.41
N CYS B 386 -3.94 -6.11 37.18
CA CYS B 386 -4.90 -6.56 38.18
C CYS B 386 -5.39 -7.95 37.84
N GLY B 387 -5.33 -8.84 38.82
CA GLY B 387 -5.94 -10.14 38.68
C GLY B 387 -5.26 -11.03 37.65
N GLU B 388 -6.02 -12.03 37.23
CA GLU B 388 -5.54 -13.02 36.28
C GLU B 388 -5.82 -12.59 34.85
N ARG B 389 -5.30 -13.38 33.91
CA ARG B 389 -5.45 -13.07 32.50
C ARG B 389 -6.91 -13.06 32.08
N GLU B 390 -7.69 -14.04 32.55
CA GLU B 390 -9.08 -14.15 32.14
C GLU B 390 -9.91 -13.02 32.70
N ASP B 391 -9.63 -12.59 33.92
CA ASP B 391 -10.38 -11.50 34.53
C ASP B 391 -10.23 -10.20 33.76
N ARG B 392 -9.15 -10.06 32.99
CA ARG B 392 -8.95 -8.89 32.16
C ARG B 392 -9.62 -9.03 30.80
N LEU B 393 -9.52 -10.23 30.21
CA LEU B 393 -10.16 -10.47 28.92
C LEU B 393 -11.68 -10.34 29.03
N GLU B 394 -12.26 -10.81 30.13
CA GLU B 394 -13.71 -10.75 30.26
C GLU B 394 -14.22 -9.31 30.23
N LEU B 395 -13.35 -8.34 30.48
CA LEU B 395 -13.69 -6.93 30.38
C LEU B 395 -13.27 -6.32 29.05
N LEU B 396 -12.10 -6.67 28.54
CA LEU B 396 -11.66 -6.12 27.25
C LEU B 396 -12.62 -6.51 26.14
N LYS B 397 -13.29 -7.64 26.26
CA LYS B 397 -14.22 -8.07 25.23
C LYS B 397 -15.38 -7.10 25.07
N LEU B 398 -15.63 -6.25 26.07
CA LEU B 398 -16.73 -5.31 26.06
C LEU B 398 -16.28 -3.89 25.74
N SER B 399 -15.02 -3.68 25.40
CA SER B 399 -14.45 -2.35 25.25
C SER B 399 -14.02 -2.13 23.81
N THR B 400 -14.35 -0.94 23.28
CA THR B 400 -13.96 -0.56 21.94
C THR B 400 -12.48 -0.24 21.87
N PHE B 401 -11.97 0.52 22.84
CA PHE B 401 -10.58 0.90 22.91
C PHE B 401 -9.97 0.40 24.21
N ALA B 402 -8.68 0.08 24.14
CA ALA B 402 -7.92 -0.36 25.31
C ALA B 402 -6.85 0.67 25.61
N LEU B 403 -6.83 1.14 26.85
CA LEU B 403 -5.92 2.20 27.25
C LEU B 403 -4.60 1.63 27.72
N ILE B 404 -3.52 2.28 27.34
CA ILE B 404 -2.18 1.85 27.71
C ILE B 404 -1.35 3.07 28.09
N ILE B 405 -1.02 3.19 29.36
CA ILE B 405 -0.24 4.30 29.86
C ILE B 405 1.19 3.84 30.09
N THR B 406 2.14 4.56 29.53
CA THR B 406 3.53 4.18 29.62
C THR B 406 4.12 4.58 30.96
N PRO B 407 5.23 3.95 31.36
CA PRO B 407 5.84 4.28 32.65
C PRO B 407 6.36 5.70 32.68
N GLY B 408 6.39 6.26 33.89
CA GLY B 408 6.94 7.60 34.07
C GLY B 408 8.45 7.67 34.04
N ASP B 409 9.12 6.55 34.19
CA ASP B 409 10.58 6.55 34.16
C ASP B 409 11.05 6.78 32.73
N PRO B 410 11.80 7.84 32.45
CA PRO B 410 12.28 8.04 31.07
C PRO B 410 13.29 7.01 30.63
N ARG B 411 13.94 6.31 31.56
CA ARG B 411 14.95 5.32 31.20
C ARG B 411 14.34 3.99 30.78
N LEU B 412 13.06 3.77 31.03
CA LEU B 412 12.41 2.49 30.75
C LEU B 412 11.81 2.54 29.36
N VAL B 413 12.51 1.95 28.40
CA VAL B 413 12.07 1.99 27.01
C VAL B 413 10.76 1.23 26.83
N ILE B 414 10.71 0.00 27.35
CA ILE B 414 9.57 -0.87 27.14
C ILE B 414 9.55 -1.87 28.27
N SER B 415 8.34 -2.24 28.71
CA SER B 415 8.15 -3.17 29.81
C SER B 415 7.29 -4.34 29.36
N SER B 416 7.50 -5.48 30.02
CA SER B 416 6.70 -6.66 29.70
C SER B 416 5.23 -6.44 30.03
N GLY B 417 4.93 -5.55 30.98
CA GLY B 417 3.54 -5.31 31.32
C GLY B 417 2.78 -4.61 30.21
N CYS B 418 3.37 -3.56 29.65
CA CYS B 418 2.72 -2.86 28.54
C CYS B 418 2.56 -3.77 27.34
N ALA B 419 3.58 -4.57 27.06
CA ALA B 419 3.48 -5.54 25.97
C ALA B 419 2.37 -6.55 26.24
N THR B 420 2.22 -6.99 27.49
CA THR B 420 1.15 -7.90 27.83
C THR B 420 -0.21 -7.26 27.59
N ARG B 421 -0.37 -6.00 27.97
CA ARG B 421 -1.63 -5.31 27.74
C ARG B 421 -1.92 -5.21 26.25
N LEU B 422 -0.90 -4.88 25.46
CA LEU B 422 -1.07 -4.79 24.01
C LEU B 422 -1.49 -6.12 23.42
N PHE B 423 -0.82 -7.20 23.85
CA PHE B 423 -1.17 -8.55 23.44
C PHE B 423 -2.63 -8.84 23.72
N GLU B 424 -3.05 -8.60 24.97
CA GLU B 424 -4.42 -8.93 25.36
C GLU B 424 -5.42 -8.10 24.57
N ALA B 425 -5.12 -6.83 24.34
CA ALA B 425 -6.02 -5.97 23.58
C ALA B 425 -6.18 -6.47 22.15
N LEU B 426 -5.06 -6.76 21.49
CA LEU B 426 -5.14 -7.24 20.12
C LEU B 426 -5.87 -8.58 20.04
N GLU B 427 -5.74 -9.40 21.08
CA GLU B 427 -6.36 -10.73 21.03
C GLU B 427 -7.88 -10.67 20.95
N VAL B 428 -8.51 -9.59 21.43
CA VAL B 428 -9.96 -9.51 21.49
C VAL B 428 -10.49 -8.33 20.71
N GLY B 429 -9.68 -7.72 19.85
CA GLY B 429 -10.16 -6.69 18.96
C GLY B 429 -10.31 -5.31 19.56
N ALA B 430 -9.96 -5.13 20.83
CA ALA B 430 -9.95 -3.81 21.42
C ALA B 430 -8.78 -3.01 20.85
N VAL B 431 -9.07 -1.81 20.37
CA VAL B 431 -8.06 -1.00 19.69
C VAL B 431 -7.18 -0.33 20.73
N PRO B 432 -5.88 -0.58 20.73
CA PRO B 432 -5.01 0.06 21.72
C PRO B 432 -4.99 1.57 21.57
N VAL B 433 -4.91 2.25 22.70
CA VAL B 433 -4.66 3.69 22.75
C VAL B 433 -3.50 3.89 23.71
N VAL B 434 -2.40 4.41 23.19
CA VAL B 434 -1.14 4.49 23.92
C VAL B 434 -0.87 5.95 24.26
N LEU B 435 -0.53 6.18 25.52
CA LEU B 435 -0.19 7.51 25.99
C LEU B 435 1.32 7.56 26.20
N GLY B 436 2.01 8.32 25.36
CA GLY B 436 3.45 8.40 25.39
C GLY B 436 4.08 8.03 24.07
N GLU B 437 4.80 8.98 23.48
CA GLU B 437 5.44 8.78 22.18
C GLU B 437 6.79 8.09 22.28
N GLN B 438 7.38 8.04 23.47
CA GLN B 438 8.74 7.53 23.65
C GLN B 438 8.79 6.01 23.81
N VAL B 439 7.71 5.31 23.51
CA VAL B 439 7.64 3.87 23.73
C VAL B 439 8.08 3.13 22.48
N GLN B 440 8.87 2.07 22.67
CA GLN B 440 9.28 1.20 21.58
C GLN B 440 8.37 -0.01 21.57
N LEU B 441 7.54 -0.10 20.57
CA LEU B 441 6.64 -1.24 20.43
C LEU B 441 7.36 -2.40 19.75
N PRO B 442 6.86 -3.63 19.96
CA PRO B 442 7.54 -4.78 19.36
C PRO B 442 7.59 -4.69 17.84
N TYR B 443 8.72 -5.13 17.30
CA TYR B 443 8.92 -5.20 15.85
C TYR B 443 8.63 -3.86 15.18
N GLN B 444 8.79 -2.77 15.94
CA GLN B 444 8.39 -1.46 15.46
C GLN B 444 9.17 -1.02 14.23
N ASP B 445 10.42 -1.46 14.10
CA ASP B 445 11.20 -1.12 12.91
C ASP B 445 10.67 -1.78 11.66
N MET B 446 9.77 -2.76 11.78
CA MET B 446 9.21 -3.45 10.63
C MET B 446 7.74 -3.17 10.42
N LEU B 447 6.98 -2.92 11.48
CA LEU B 447 5.54 -2.79 11.41
C LEU B 447 5.13 -1.33 11.55
N GLN B 448 4.00 -0.98 10.93
CA GLN B 448 3.39 0.33 11.09
C GLN B 448 2.28 0.20 12.10
N TRP B 449 2.61 0.45 13.37
CA TRP B 449 1.66 0.34 14.44
C TRP B 449 0.59 1.42 14.38
N ASN B 450 0.85 2.50 13.62
CA ASN B 450 -0.15 3.52 13.43
C ASN B 450 -1.41 2.98 12.77
N GLU B 451 -1.29 1.94 11.97
CA GLU B 451 -2.44 1.32 11.32
C GLU B 451 -3.25 0.44 12.26
N ALA B 452 -2.72 0.13 13.44
CA ALA B 452 -3.39 -0.76 14.37
C ALA B 452 -3.60 -0.16 15.75
N ALA B 453 -2.90 0.92 16.09
CA ALA B 453 -3.01 1.52 17.41
C ALA B 453 -2.89 3.02 17.30
N LEU B 454 -3.41 3.70 18.31
CA LEU B 454 -3.31 5.15 18.41
C LEU B 454 -2.28 5.52 19.46
N VAL B 455 -1.31 6.33 19.06
CA VAL B 455 -0.27 6.82 19.96
C VAL B 455 -0.52 8.30 20.18
N VAL B 456 -0.72 8.68 21.43
CA VAL B 456 -1.07 10.05 21.78
C VAL B 456 -0.11 10.55 22.87
N PRO B 457 0.43 11.76 22.75
CA PRO B 457 1.23 12.30 23.84
C PRO B 457 0.39 12.55 25.09
N LYS B 458 1.04 12.39 26.23
CA LYS B 458 0.35 12.62 27.50
C LYS B 458 -0.22 14.02 27.61
N PRO B 459 0.44 15.08 27.16
CA PRO B 459 -0.16 16.41 27.24
C PRO B 459 -1.52 16.50 26.57
N ARG B 460 -1.73 15.75 25.48
CA ARG B 460 -2.98 15.77 24.76
C ARG B 460 -4.04 14.89 25.39
N VAL B 461 -3.84 14.49 26.65
CA VAL B 461 -4.80 13.60 27.30
C VAL B 461 -6.17 14.24 27.39
N THR B 462 -6.21 15.56 27.56
CA THR B 462 -7.49 16.26 27.71
C THR B 462 -8.30 16.26 26.42
N GLU B 463 -7.72 15.84 25.30
CA GLU B 463 -8.41 15.82 24.02
C GLU B 463 -8.70 14.40 23.53
N VAL B 464 -8.43 13.39 24.35
CA VAL B 464 -8.56 12.01 23.91
C VAL B 464 -10.03 11.65 23.72
N HIS B 465 -10.89 12.09 24.63
CA HIS B 465 -12.30 11.72 24.55
C HIS B 465 -12.91 12.20 23.23
N PHE B 466 -12.70 13.47 22.91
CA PHE B 466 -13.20 14.01 21.65
C PHE B 466 -12.58 13.29 20.46
N LEU B 467 -11.28 13.04 20.52
CA LEU B 467 -10.60 12.40 19.39
C LEU B 467 -11.16 11.02 19.13
N LEU B 468 -11.39 10.23 20.19
CA LEU B 468 -11.99 8.92 20.01
C LEU B 468 -13.40 9.02 19.47
N ARG B 469 -14.19 9.96 20.01
CA ARG B 469 -15.55 10.13 19.51
C ARG B 469 -15.58 10.54 18.05
N SER B 470 -14.51 11.15 17.55
CA SER B 470 -14.50 11.67 16.19
C SER B 470 -14.36 10.58 15.14
N LEU B 471 -13.63 9.51 15.45
CA LEU B 471 -13.28 8.53 14.43
C LEU B 471 -14.53 7.83 13.89
N SER B 472 -14.49 7.50 12.61
CA SER B 472 -15.59 6.84 11.94
C SER B 472 -15.52 5.33 12.15
N ASP B 473 -16.64 4.67 11.88
CA ASP B 473 -16.74 3.24 12.10
C ASP B 473 -15.81 2.47 11.16
N SER B 474 -15.72 2.90 9.90
CA SER B 474 -14.94 2.16 8.93
C SER B 474 -13.46 2.15 9.29
N ASP B 475 -12.92 3.31 9.68
CA ASP B 475 -11.51 3.38 10.04
C ASP B 475 -11.22 2.52 11.26
N LEU B 476 -12.10 2.58 12.26
CA LEU B 476 -11.90 1.81 13.48
C LEU B 476 -11.94 0.32 13.16
N LEU B 477 -12.87 -0.10 12.30
CA LEU B 477 -12.97 -1.49 11.91
C LEU B 477 -11.71 -1.93 11.17
N ALA B 478 -11.17 -1.05 10.33
CA ALA B 478 -9.93 -1.36 9.64
C ALA B 478 -8.78 -1.55 10.61
N MET B 479 -8.67 -0.67 11.61
CA MET B 479 -7.62 -0.85 12.60
C MET B 479 -7.79 -2.15 13.35
N ARG B 480 -9.02 -2.49 13.71
CA ARG B 480 -9.27 -3.75 14.41
C ARG B 480 -8.85 -4.94 13.56
N ARG B 481 -9.18 -4.91 12.27
CA ARG B 481 -8.82 -5.99 11.37
C ARG B 481 -7.30 -6.12 11.26
N GLN B 482 -6.60 -5.00 11.12
CA GLN B 482 -5.15 -5.05 11.00
C GLN B 482 -4.52 -5.55 12.29
N GLY B 483 -5.07 -5.16 13.44
CA GLY B 483 -4.57 -5.67 14.70
C GLY B 483 -4.77 -7.17 14.83
N ARG B 484 -5.92 -7.66 14.39
CA ARG B 484 -6.15 -9.09 14.33
C ARG B 484 -5.07 -9.78 13.50
N PHE B 485 -4.80 -9.23 12.31
CA PHE B 485 -3.78 -9.81 11.46
C PHE B 485 -2.43 -9.85 12.15
N LEU B 486 -2.03 -8.72 12.73
CA LEU B 486 -0.71 -8.63 13.35
C LEU B 486 -0.58 -9.61 14.50
N TRP B 487 -1.60 -9.69 15.36
CA TRP B 487 -1.57 -10.64 16.46
C TRP B 487 -1.46 -12.05 15.95
N GLU B 488 -2.35 -12.44 15.04
CA GLU B 488 -2.36 -13.82 14.55
C GLU B 488 -1.06 -14.18 13.86
N THR B 489 -0.36 -13.20 13.30
CA THR B 489 0.81 -13.50 12.49
C THR B 489 2.12 -13.40 13.24
N TYR B 490 2.19 -12.60 14.31
CA TYR B 490 3.45 -12.35 14.98
C TYR B 490 3.43 -12.59 16.49
N PHE B 491 2.27 -12.75 17.10
CA PHE B 491 2.15 -12.81 18.55
C PHE B 491 1.58 -14.12 19.08
N SER B 492 0.76 -14.81 18.30
CA SER B 492 -0.10 -15.86 18.86
C SER B 492 0.70 -16.99 19.48
N THR B 493 1.76 -17.45 18.83
CA THR B 493 2.44 -18.67 19.22
C THR B 493 3.94 -18.43 19.34
N ALA B 494 4.60 -19.38 20.00
CA ALA B 494 6.06 -19.33 20.09
C ALA B 494 6.70 -19.54 18.72
N ASP B 495 6.09 -20.39 17.90
CA ASP B 495 6.60 -20.60 16.55
C ASP B 495 6.61 -19.29 15.78
N SER B 496 5.53 -18.53 15.88
CA SER B 496 5.45 -17.24 15.21
C SER B 496 6.55 -16.31 15.70
N ILE B 497 6.76 -16.27 17.02
CA ILE B 497 7.77 -15.37 17.59
C ILE B 497 9.16 -15.74 17.09
N PHE B 498 9.49 -17.02 17.12
CA PHE B 498 10.81 -17.46 16.69
C PHE B 498 11.01 -17.17 15.21
N ASN B 499 10.00 -17.45 14.38
CA ASN B 499 10.09 -17.18 12.96
C ASN B 499 10.24 -15.69 12.71
N THR B 500 9.53 -14.87 13.48
CA THR B 500 9.64 -13.42 13.33
C THR B 500 11.03 -12.93 13.68
N VAL B 501 11.62 -13.45 14.75
CA VAL B 501 12.98 -13.07 15.11
C VAL B 501 13.94 -13.39 13.97
N LEU B 502 13.85 -14.61 13.46
CA LEU B 502 14.74 -15.01 12.38
C LEU B 502 14.51 -14.15 11.15
N ALA B 503 13.25 -13.83 10.85
CA ALA B 503 12.95 -13.02 9.68
C ALA B 503 13.49 -11.61 9.82
N MET B 504 13.36 -11.01 11.00
CA MET B 504 13.95 -9.70 11.24
C MET B 504 15.45 -9.73 10.99
N ILE B 505 16.14 -10.69 11.60
CA ILE B 505 17.59 -10.73 11.46
C ILE B 505 17.99 -10.98 10.02
N ARG B 506 17.25 -11.85 9.33
CA ARG B 506 17.53 -12.14 7.92
C ARG B 506 17.33 -10.91 7.06
N THR B 507 16.24 -10.17 7.30
CA THR B 507 15.96 -8.97 6.52
C THR B 507 17.04 -7.92 6.72
N ARG B 508 17.50 -7.75 7.97
CA ARG B 508 18.50 -6.74 8.24
C ARG B 508 19.78 -6.99 7.45
N ILE B 509 20.19 -8.24 7.34
CA ILE B 509 21.40 -8.59 6.61
C ILE B 509 21.06 -8.87 5.15
N GLN B 510 19.81 -8.65 4.78
CA GLN B 510 19.39 -8.64 3.38
C GLN B 510 19.58 -10.00 2.71
N ILE B 511 18.94 -11.02 3.26
CA ILE B 511 18.97 -12.35 2.66
C ILE B 511 17.54 -12.79 2.37
N PRO B 512 17.29 -13.49 1.27
CA PRO B 512 15.92 -13.89 0.95
C PRO B 512 15.44 -15.04 1.83
N ALA B 513 14.12 -15.17 1.90
CA ALA B 513 13.48 -16.18 2.73
C ALA B 513 13.54 -17.54 2.06
N ALA B 514 13.15 -18.55 2.82
CA ALA B 514 13.16 -19.91 2.32
C ALA B 514 11.99 -20.15 1.39
N PRO B 515 12.17 -20.90 0.31
CA PRO B 515 11.06 -21.21 -0.56
C PRO B 515 10.04 -22.09 0.13
N ILE B 516 8.79 -21.94 -0.28
CA ILE B 516 7.70 -22.71 0.29
C ILE B 516 7.65 -24.08 -0.38
N ARG B 517 7.10 -25.05 0.34
CA ARG B 517 7.16 -26.44 -0.09
C ARG B 517 6.07 -26.74 -1.11
N GLU B 518 6.42 -27.58 -2.08
CA GLU B 518 5.49 -28.05 -3.08
C GLU B 518 4.82 -29.34 -2.60
N GLU B 519 3.81 -29.77 -3.35
CA GLU B 519 3.11 -31.02 -3.07
C GLU B 519 3.61 -32.06 -4.07
N ALA B 520 4.72 -32.69 -3.73
CA ALA B 520 5.25 -33.77 -4.56
C ALA B 520 4.22 -34.88 -4.66
N ALA B 521 4.04 -35.40 -5.87
CA ALA B 521 2.94 -36.29 -6.17
C ALA B 521 3.43 -37.49 -6.95
N ALA B 522 2.67 -38.58 -6.86
CA ALA B 522 2.96 -39.82 -7.57
C ALA B 522 2.06 -39.88 -8.80
N GLU B 523 2.68 -40.01 -9.97
CA GLU B 523 1.95 -40.04 -11.23
C GLU B 523 1.55 -41.47 -11.54
N ILE B 524 0.25 -41.70 -11.71
CA ILE B 524 -0.27 -43.01 -12.10
C ILE B 524 -0.02 -43.18 -13.59
N PRO B 525 0.68 -44.24 -14.01
CA PRO B 525 0.91 -44.43 -15.44
C PRO B 525 -0.35 -44.84 -16.16
N HIS B 526 -0.37 -44.58 -17.47
CA HIS B 526 -1.52 -44.93 -18.29
C HIS B 526 -1.09 -45.06 -19.74
N ARG B 527 -2.07 -45.80 -20.67
CA ARG B 527 -1.85 -46.03 -22.10
C ARG B 527 -2.80 -45.17 -22.91
N SER B 528 -2.26 -44.44 -23.88
CA SER B 528 -3.07 -43.55 -24.71
C SER B 528 -4.00 -44.34 -25.62
N PRO B 553 4.14 -25.21 -28.74
CA PRO B 553 4.87 -26.04 -27.77
C PRO B 553 4.65 -25.57 -26.33
N PRO B 554 4.66 -26.51 -25.37
CA PRO B 554 4.49 -26.10 -23.97
C PRO B 554 5.60 -25.16 -23.52
N TYR B 555 5.20 -23.97 -23.08
CA TYR B 555 6.12 -22.95 -22.60
C TYR B 555 5.92 -22.77 -21.11
N ALA B 556 7.00 -22.91 -20.35
CA ALA B 556 6.94 -22.82 -18.90
C ALA B 556 7.25 -21.41 -18.42
N SER B 557 6.60 -21.02 -17.34
CA SER B 557 6.80 -19.69 -16.79
C SER B 557 8.06 -19.65 -15.93
N PRO B 558 8.92 -18.65 -16.13
CA PRO B 558 10.11 -18.54 -15.27
C PRO B 558 9.74 -18.22 -13.83
N ARG B 559 10.60 -18.62 -12.91
CA ARG B 559 10.29 -18.63 -11.50
C ARG B 559 11.35 -17.90 -10.69
N TYR B 560 10.92 -17.36 -9.55
CA TYR B 560 11.84 -16.81 -8.55
C TYR B 560 12.73 -15.73 -9.16
N LEU B 561 12.09 -14.64 -9.60
CA LEU B 561 12.77 -13.56 -10.27
C LEU B 561 12.91 -12.30 -9.40
N ARG B 562 12.29 -12.27 -8.23
CA ARG B 562 12.23 -11.06 -7.41
C ARG B 562 12.75 -11.31 -6.00
N ASN B 563 13.66 -12.25 -5.84
CA ASN B 563 14.16 -12.63 -4.52
C ASN B 563 14.47 -11.42 -3.65
N PHE B 564 15.42 -10.60 -4.10
CA PHE B 564 15.82 -9.44 -3.31
C PHE B 564 14.70 -8.44 -3.19
N THR B 565 13.96 -8.20 -4.27
CA THR B 565 12.96 -7.14 -4.27
C THR B 565 11.93 -7.34 -3.18
N LEU B 566 11.45 -8.57 -2.99
CA LEU B 566 10.41 -8.80 -2.01
C LEU B 566 10.90 -8.53 -0.60
N THR B 567 12.12 -8.95 -0.27
CA THR B 567 12.60 -8.81 1.09
C THR B 567 12.92 -7.36 1.45
N VAL B 568 13.34 -6.57 0.46
CA VAL B 568 13.85 -5.22 0.70
C VAL B 568 12.91 -4.16 0.14
N THR B 569 12.69 -4.17 -1.17
CA THR B 569 11.93 -3.09 -1.80
C THR B 569 10.46 -3.13 -1.41
N ASP B 570 9.87 -4.32 -1.31
CA ASP B 570 8.48 -4.49 -0.90
C ASP B 570 8.36 -4.73 0.59
N PHE B 571 9.22 -4.05 1.36
CA PHE B 571 9.28 -4.22 2.80
C PHE B 571 7.90 -4.02 3.44
N TYR B 572 7.23 -2.93 3.08
CA TYR B 572 5.97 -2.60 3.74
C TYR B 572 4.89 -3.62 3.41
N ARG B 573 4.71 -3.93 2.13
CA ARG B 573 3.70 -4.91 1.75
C ARG B 573 4.01 -6.27 2.33
N SER B 574 5.28 -6.65 2.35
CA SER B 574 5.67 -7.95 2.85
C SER B 574 5.32 -8.10 4.31
N TRP B 575 5.53 -7.06 5.11
CA TRP B 575 5.37 -7.19 6.56
C TRP B 575 4.01 -6.76 7.08
N ASN B 576 3.31 -5.86 6.40
CA ASN B 576 2.06 -5.30 6.89
C ASN B 576 0.84 -5.78 6.12
N CYS B 577 1.02 -6.57 5.06
CA CYS B 577 -0.08 -7.09 4.28
C CYS B 577 0.02 -8.61 4.22
N ALA B 578 -1.14 -9.25 4.20
CA ALA B 578 -1.18 -10.70 4.18
C ALA B 578 -0.57 -11.23 2.89
N PRO B 579 0.01 -12.44 2.91
CA PRO B 579 0.07 -13.37 4.04
C PRO B 579 1.16 -13.04 5.06
N GLY B 580 2.31 -12.57 4.57
CA GLY B 580 3.41 -12.24 5.43
C GLY B 580 4.76 -12.48 4.79
N PRO B 581 5.82 -12.26 5.56
CA PRO B 581 7.18 -12.34 5.02
C PRO B 581 7.88 -13.67 5.20
N PHE B 582 7.24 -14.66 5.82
CA PHE B 582 7.95 -15.86 6.24
C PHE B 582 8.29 -16.78 5.07
N HIS B 583 7.63 -16.63 3.94
CA HIS B 583 7.78 -17.55 2.83
C HIS B 583 8.11 -16.80 1.56
N LEU B 584 8.70 -17.53 0.61
CA LEU B 584 9.08 -17.00 -0.69
C LEU B 584 8.33 -17.78 -1.76
N PHE B 585 7.64 -17.07 -2.63
CA PHE B 585 6.78 -17.67 -3.63
C PHE B 585 7.38 -17.50 -5.03
N PRO B 586 7.27 -18.52 -5.89
CA PRO B 586 7.83 -18.38 -7.24
C PRO B 586 7.19 -17.27 -8.05
N HIS B 587 5.89 -17.07 -7.90
CA HIS B 587 5.19 -15.99 -8.56
C HIS B 587 4.19 -15.38 -7.60
N THR B 588 3.81 -14.14 -7.87
CA THR B 588 2.73 -13.48 -7.17
C THR B 588 1.87 -12.73 -8.17
N PRO B 589 0.57 -12.62 -7.90
CA PRO B 589 -0.29 -11.81 -8.78
C PRO B 589 -0.10 -10.33 -8.60
N PHE B 590 0.64 -9.91 -7.58
CA PHE B 590 0.88 -8.50 -7.29
C PHE B 590 2.18 -8.00 -7.91
N ASP B 591 2.82 -8.80 -8.75
CA ASP B 591 4.04 -8.36 -9.38
C ASP B 591 3.75 -7.17 -10.30
N PRO B 592 4.60 -6.15 -10.32
CA PRO B 592 4.33 -4.99 -11.17
C PRO B 592 4.42 -5.35 -12.63
N VAL B 593 3.65 -4.61 -13.44
CA VAL B 593 3.59 -4.83 -14.87
C VAL B 593 4.22 -3.65 -15.58
N LEU B 594 4.97 -3.96 -16.63
CA LEU B 594 5.65 -2.92 -17.38
C LEU B 594 4.65 -2.02 -18.11
N PRO B 595 5.02 -0.77 -18.36
CA PRO B 595 4.17 0.09 -19.17
C PRO B 595 4.17 -0.35 -20.63
N SER B 596 3.43 0.39 -21.47
CA SER B 596 3.26 -0.04 -22.86
C SER B 596 4.55 0.15 -23.66
N GLU B 597 5.25 1.26 -23.45
CA GLU B 597 6.43 1.56 -24.26
C GLU B 597 7.61 0.66 -23.95
N ALA B 598 7.54 -0.16 -22.89
CA ALA B 598 8.68 -0.97 -22.49
C ALA B 598 8.97 -2.05 -23.52
N LYS B 599 7.93 -2.73 -24.01
CA LYS B 599 8.14 -3.85 -24.92
C LYS B 599 8.74 -3.39 -26.23
N PHE B 600 8.35 -2.22 -26.73
CA PHE B 600 8.84 -1.72 -27.99
C PHE B 600 10.21 -1.07 -27.90
N LEU B 601 10.76 -0.93 -26.69
CA LEU B 601 11.99 -0.18 -26.48
C LEU B 601 13.08 -0.97 -25.76
N GLY B 602 12.93 -2.28 -25.62
CA GLY B 602 13.99 -3.10 -25.07
C GLY B 602 13.53 -4.22 -24.16
N SER B 603 12.33 -4.11 -23.60
CA SER B 603 11.77 -5.11 -22.70
C SER B 603 10.66 -5.92 -23.37
N GLY B 604 10.79 -6.19 -24.66
CA GLY B 604 9.78 -6.87 -25.44
C GLY B 604 9.85 -8.38 -25.38
N THR B 605 10.71 -8.95 -24.54
CA THR B 605 10.83 -10.39 -24.43
C THR B 605 9.53 -11.02 -23.97
N GLY B 606 8.89 -11.80 -24.85
CA GLY B 606 7.68 -12.52 -24.53
C GLY B 606 6.40 -11.80 -24.85
N PHE B 607 6.45 -10.53 -25.20
CA PHE B 607 5.24 -9.78 -25.52
C PHE B 607 4.78 -10.10 -26.93
N ARG B 608 3.47 -10.20 -27.11
CA ARG B 608 2.85 -10.50 -28.40
C ARG B 608 1.78 -9.46 -28.67
N PRO B 609 2.16 -8.28 -29.17
CA PRO B 609 1.18 -7.23 -29.41
C PRO B 609 0.18 -7.61 -30.49
N ILE B 610 -1.01 -7.02 -30.38
CA ILE B 610 -2.05 -7.20 -31.38
C ILE B 610 -1.70 -6.33 -32.59
N GLY B 611 -1.57 -6.96 -33.75
CA GLY B 611 -1.25 -6.22 -34.97
C GLY B 611 0.08 -5.52 -34.92
N GLY B 612 1.07 -6.10 -34.24
CA GLY B 612 2.37 -5.47 -34.14
C GLY B 612 2.36 -4.10 -33.49
N GLY B 613 1.35 -3.82 -32.68
CA GLY B 613 1.23 -2.54 -32.01
C GLY B 613 0.22 -1.60 -32.64
N ALA B 614 -0.32 -1.93 -33.81
CA ALA B 614 -1.28 -1.08 -34.49
C ALA B 614 -2.72 -1.42 -34.13
N GLY B 615 -2.96 -2.47 -33.37
CA GLY B 615 -4.31 -2.86 -33.02
C GLY B 615 -5.02 -3.50 -34.20
N GLY B 616 -6.32 -3.75 -34.00
CA GLY B 616 -7.12 -4.32 -35.06
C GLY B 616 -8.35 -5.00 -34.52
N SER B 617 -9.09 -5.60 -35.44
CA SER B 617 -10.34 -6.29 -35.15
C SER B 617 -10.04 -7.77 -34.89
N GLY B 618 -11.09 -8.60 -34.94
CA GLY B 618 -10.95 -9.99 -34.52
C GLY B 618 -9.81 -10.72 -35.21
N LYS B 619 -9.55 -10.40 -36.48
CA LYS B 619 -8.48 -11.08 -37.20
C LYS B 619 -7.16 -10.92 -36.47
N GLU B 620 -6.81 -9.68 -36.12
CA GLU B 620 -5.59 -9.43 -35.38
C GLU B 620 -5.72 -9.80 -33.91
N PHE B 621 -6.94 -9.74 -33.37
CA PHE B 621 -7.15 -10.02 -31.97
C PHE B 621 -6.88 -11.48 -31.64
N GLN B 622 -7.34 -12.39 -32.50
CA GLN B 622 -7.19 -13.82 -32.25
C GLN B 622 -5.81 -14.34 -32.60
N ALA B 623 -5.00 -13.57 -33.30
CA ALA B 623 -3.65 -13.99 -33.64
C ALA B 623 -2.64 -13.75 -32.54
N ALA B 624 -3.00 -12.96 -31.53
CA ALA B 624 -2.08 -12.62 -30.45
C ALA B 624 -2.86 -12.30 -29.19
N LEU B 625 -2.28 -12.69 -28.05
CA LEU B 625 -2.91 -12.39 -26.77
C LEU B 625 -2.98 -10.90 -26.53
N GLY B 626 -1.91 -10.18 -26.84
CA GLY B 626 -1.90 -8.76 -26.56
C GLY B 626 -1.91 -8.50 -25.06
N GLY B 627 -2.47 -7.35 -24.69
CA GLY B 627 -2.62 -6.99 -23.30
C GLY B 627 -1.42 -6.27 -22.74
N ASN B 628 -1.21 -6.40 -21.44
CA ASN B 628 -0.16 -5.67 -20.73
C ASN B 628 0.91 -6.60 -20.14
N VAL B 629 0.83 -7.89 -20.42
CA VAL B 629 1.82 -8.85 -19.89
C VAL B 629 2.22 -9.80 -21.00
N PRO B 630 3.37 -10.47 -20.83
CA PRO B 630 3.90 -11.30 -21.92
C PRO B 630 3.06 -12.52 -22.25
N ARG B 631 3.55 -13.29 -23.22
CA ARG B 631 2.90 -14.53 -23.63
C ARG B 631 2.84 -15.50 -22.46
N GLU B 632 1.78 -16.30 -22.42
CA GLU B 632 1.53 -17.16 -21.28
C GLU B 632 0.62 -18.31 -21.69
N GLN B 633 0.63 -19.36 -20.89
CA GLN B 633 -0.23 -20.52 -21.07
C GLN B 633 -0.96 -20.80 -19.75
N PHE B 634 -1.83 -21.80 -19.79
CA PHE B 634 -2.58 -22.20 -18.61
C PHE B 634 -2.66 -23.72 -18.53
N THR B 635 -3.04 -24.19 -17.35
CA THR B 635 -3.11 -25.61 -17.04
C THR B 635 -4.46 -25.95 -16.46
N VAL B 636 -4.94 -27.15 -16.76
CA VAL B 636 -6.26 -27.60 -16.33
C VAL B 636 -6.11 -28.58 -15.19
N VAL B 637 -7.03 -28.50 -14.23
CA VAL B 637 -7.07 -29.40 -13.09
C VAL B 637 -8.49 -29.92 -12.97
N MET B 638 -8.64 -31.25 -12.88
CA MET B 638 -9.94 -31.88 -12.91
C MET B 638 -9.99 -32.97 -11.86
N LEU B 639 -10.98 -32.90 -10.97
CA LEU B 639 -11.25 -33.98 -10.03
C LEU B 639 -12.05 -35.09 -10.70
N THR B 640 -11.94 -36.28 -10.12
CA THR B 640 -12.67 -37.45 -10.60
C THR B 640 -13.02 -38.33 -9.43
N TYR B 641 -14.24 -38.86 -9.45
CA TYR B 641 -14.66 -39.82 -8.43
C TYR B 641 -15.77 -40.68 -9.02
N GLU B 642 -15.41 -41.89 -9.46
CA GLU B 642 -16.40 -42.89 -9.88
C GLU B 642 -17.23 -42.42 -11.07
N ARG B 643 -16.58 -41.74 -12.01
CA ARG B 643 -17.26 -41.17 -13.16
C ARG B 643 -16.41 -41.36 -14.43
N GLU B 644 -15.93 -42.58 -14.63
CA GLU B 644 -14.81 -42.79 -15.55
C GLU B 644 -15.13 -42.38 -16.98
N GLU B 645 -16.30 -42.74 -17.50
CA GLU B 645 -16.57 -42.53 -18.91
C GLU B 645 -16.78 -41.05 -19.23
N VAL B 646 -17.59 -40.38 -18.41
CA VAL B 646 -17.80 -38.95 -18.61
C VAL B 646 -16.46 -38.22 -18.61
N LEU B 647 -15.53 -38.69 -17.78
CA LEU B 647 -14.18 -38.13 -17.80
C LEU B 647 -13.57 -38.21 -19.18
N MET B 648 -13.67 -39.37 -19.83
CA MET B 648 -13.02 -39.52 -21.13
C MET B 648 -13.64 -38.59 -22.15
N ASN B 649 -14.97 -38.46 -22.13
CA ASN B 649 -15.62 -37.56 -23.07
C ASN B 649 -15.21 -36.11 -22.82
N SER B 650 -15.25 -35.67 -21.56
CA SER B 650 -14.89 -34.30 -21.24
C SER B 650 -13.44 -34.03 -21.62
N LEU B 651 -12.54 -34.98 -21.37
CA LEU B 651 -11.17 -34.82 -21.80
C LEU B 651 -11.09 -34.64 -23.30
N GLU B 652 -11.83 -35.45 -24.06
CA GLU B 652 -11.81 -35.33 -25.50
C GLU B 652 -12.30 -33.96 -25.94
N ARG B 653 -13.20 -33.35 -25.17
CA ARG B 653 -13.69 -32.02 -25.52
C ARG B 653 -12.60 -30.96 -25.47
N LEU B 654 -11.48 -31.26 -24.81
CA LEU B 654 -10.39 -30.29 -24.70
C LEU B 654 -9.44 -30.33 -25.89
N ASN B 655 -9.66 -31.23 -26.85
CA ASN B 655 -8.76 -31.38 -27.97
C ASN B 655 -8.84 -30.13 -28.85
N GLY B 656 -7.74 -29.39 -28.93
CA GLY B 656 -7.66 -28.22 -29.78
C GLY B 656 -7.60 -26.89 -29.09
N LEU B 657 -7.49 -26.85 -27.77
CA LEU B 657 -7.39 -25.58 -27.07
C LEU B 657 -6.06 -24.91 -27.39
N PRO B 658 -6.05 -23.62 -27.73
CA PRO B 658 -4.81 -23.00 -28.20
C PRO B 658 -3.68 -22.95 -27.19
N TYR B 659 -3.93 -22.35 -26.01
CA TYR B 659 -2.88 -22.03 -25.06
C TYR B 659 -2.81 -23.00 -23.91
N LEU B 660 -3.33 -24.21 -24.08
CA LEU B 660 -3.27 -25.23 -23.04
C LEU B 660 -1.86 -25.76 -22.92
N ASN B 661 -1.39 -25.90 -21.68
CA ASN B 661 -0.07 -26.47 -21.40
C ASN B 661 -0.16 -27.97 -21.16
N LYS B 662 -1.00 -28.38 -20.21
CA LYS B 662 -1.23 -29.79 -19.96
C LYS B 662 -2.49 -29.92 -19.12
N VAL B 663 -2.89 -31.16 -18.88
CA VAL B 663 -4.04 -31.47 -18.05
C VAL B 663 -3.56 -32.31 -16.88
N VAL B 664 -4.03 -31.97 -15.69
CA VAL B 664 -3.70 -32.70 -14.47
C VAL B 664 -4.99 -33.30 -13.93
N VAL B 665 -5.05 -34.62 -13.90
CA VAL B 665 -6.22 -35.35 -13.42
C VAL B 665 -5.94 -35.80 -12.00
N VAL B 666 -6.85 -35.47 -11.10
CA VAL B 666 -6.71 -35.77 -9.69
C VAL B 666 -7.59 -36.97 -9.40
N TRP B 667 -6.98 -38.15 -9.33
CA TRP B 667 -7.71 -39.38 -9.04
C TRP B 667 -8.03 -39.40 -7.55
N ASN B 668 -9.25 -39.02 -7.22
CA ASN B 668 -9.69 -38.89 -5.84
C ASN B 668 -10.42 -40.12 -5.35
N SER B 669 -10.42 -41.20 -6.13
CA SER B 669 -11.09 -42.43 -5.76
C SER B 669 -10.14 -43.37 -5.03
N PRO B 670 -10.65 -44.20 -4.12
CA PRO B 670 -9.76 -45.10 -3.37
C PRO B 670 -8.98 -46.06 -4.24
N LYS B 671 -9.60 -46.55 -5.30
CA LYS B 671 -9.01 -47.60 -6.12
C LYS B 671 -8.47 -47.03 -7.42
N LEU B 672 -7.44 -47.69 -7.95
CA LEU B 672 -6.78 -47.21 -9.14
C LEU B 672 -7.67 -47.38 -10.36
N PRO B 673 -7.43 -46.60 -11.40
CA PRO B 673 -8.18 -46.79 -12.65
C PRO B 673 -7.86 -48.13 -13.29
N SER B 674 -8.85 -48.69 -13.98
CA SER B 674 -8.69 -49.96 -14.63
C SER B 674 -7.71 -49.86 -15.81
N GLU B 675 -6.96 -50.93 -16.03
CA GLU B 675 -5.97 -50.95 -17.10
C GLU B 675 -6.59 -51.13 -18.48
N ASP B 676 -7.84 -51.62 -18.55
CA ASP B 676 -8.54 -51.67 -19.83
C ASP B 676 -8.95 -50.29 -20.31
N LEU B 677 -8.80 -49.27 -19.47
CA LEU B 677 -9.20 -47.90 -19.81
C LEU B 677 -8.15 -47.29 -20.73
N LEU B 678 -8.58 -46.89 -21.92
CA LEU B 678 -7.68 -46.29 -22.90
C LEU B 678 -7.89 -44.78 -22.88
N TRP B 679 -6.88 -44.06 -22.41
CA TRP B 679 -7.01 -42.62 -22.32
C TRP B 679 -6.81 -41.98 -23.68
N PRO B 680 -7.53 -40.90 -23.98
CA PRO B 680 -7.42 -40.27 -25.29
C PRO B 680 -6.12 -39.50 -25.44
N ASP B 681 -5.96 -38.92 -26.63
CA ASP B 681 -4.84 -38.05 -26.95
C ASP B 681 -5.40 -36.72 -27.43
N ILE B 682 -4.86 -35.63 -26.88
CA ILE B 682 -5.42 -34.30 -27.12
C ILE B 682 -4.32 -33.32 -27.51
N GLY B 683 -3.14 -33.84 -27.82
CA GLY B 683 -2.03 -33.01 -28.22
C GLY B 683 -1.18 -32.49 -27.09
N VAL B 684 -1.58 -32.72 -25.84
CA VAL B 684 -0.81 -32.28 -24.69
C VAL B 684 -0.82 -33.38 -23.64
N PRO B 685 0.16 -33.37 -22.74
CA PRO B 685 0.24 -34.43 -21.72
C PRO B 685 -0.98 -34.46 -20.82
N ILE B 686 -1.34 -35.66 -20.40
CA ILE B 686 -2.33 -35.89 -19.35
C ILE B 686 -1.62 -36.62 -18.22
N MET B 687 -1.64 -36.03 -17.04
CA MET B 687 -0.95 -36.58 -15.88
C MET B 687 -1.96 -36.87 -14.79
N VAL B 688 -1.92 -38.10 -14.28
CA VAL B 688 -2.83 -38.56 -13.25
C VAL B 688 -2.04 -38.67 -11.96
N VAL B 689 -2.52 -38.00 -10.91
CA VAL B 689 -1.83 -37.93 -9.63
C VAL B 689 -2.66 -38.64 -8.59
N ARG B 690 -2.00 -39.48 -7.78
CA ARG B 690 -2.69 -40.21 -6.74
C ARG B 690 -2.82 -39.34 -5.49
N THR B 691 -3.90 -39.57 -4.76
CA THR B 691 -4.20 -38.82 -3.55
C THR B 691 -4.21 -39.76 -2.35
N GLU B 692 -3.72 -39.26 -1.22
CA GLU B 692 -3.70 -40.08 -0.01
C GLU B 692 -5.11 -40.49 0.39
N LYS B 693 -6.06 -39.57 0.32
CA LYS B 693 -7.43 -39.87 0.67
C LYS B 693 -8.36 -38.92 -0.06
N ASN B 694 -9.64 -39.27 -0.08
CA ASN B 694 -10.65 -38.47 -0.76
C ASN B 694 -10.88 -37.18 -0.01
N SER B 695 -10.79 -36.06 -0.72
CA SER B 695 -11.05 -34.75 -0.13
C SER B 695 -11.10 -33.72 -1.24
N LEU B 696 -12.07 -32.83 -1.15
CA LEU B 696 -12.17 -31.73 -2.11
C LEU B 696 -11.00 -30.77 -2.00
N ASN B 697 -10.23 -30.83 -0.91
CA ASN B 697 -9.08 -29.96 -0.76
C ASN B 697 -7.94 -30.34 -1.69
N ASN B 698 -8.05 -31.46 -2.38
CA ASN B 698 -6.97 -31.92 -3.25
C ASN B 698 -6.94 -31.20 -4.58
N ARG B 699 -8.03 -30.53 -4.96
CA ARG B 699 -8.03 -29.77 -6.20
C ARG B 699 -7.27 -28.46 -6.07
N PHE B 700 -7.01 -28.00 -4.83
CA PHE B 700 -6.28 -26.77 -4.59
C PHE B 700 -4.88 -27.02 -4.09
N LEU B 701 -4.39 -28.25 -4.16
CA LEU B 701 -3.02 -28.53 -3.76
C LEU B 701 -2.07 -28.00 -4.84
N PRO B 702 -0.92 -27.46 -4.44
CA PRO B 702 0.06 -26.99 -5.43
C PRO B 702 0.90 -28.13 -6.01
N TRP B 703 0.28 -28.89 -6.91
CA TRP B 703 0.93 -30.04 -7.49
C TRP B 703 2.20 -29.63 -8.21
N ASN B 704 3.27 -30.40 -7.98
CA ASN B 704 4.55 -30.10 -8.61
C ASN B 704 4.45 -30.11 -10.13
N GLU B 705 3.48 -30.84 -10.68
CA GLU B 705 3.35 -30.96 -12.13
C GLU B 705 2.84 -29.70 -12.78
N ILE B 706 2.32 -28.75 -12.01
CA ILE B 706 1.79 -27.51 -12.56
C ILE B 706 2.94 -26.54 -12.78
N GLU B 707 3.15 -26.15 -14.04
CA GLU B 707 4.25 -25.27 -14.42
C GLU B 707 3.74 -23.96 -14.98
N THR B 708 2.56 -23.52 -14.54
CA THR B 708 1.99 -22.26 -14.98
C THR B 708 1.41 -21.51 -13.79
N GLU B 709 1.38 -20.19 -13.91
CA GLU B 709 0.75 -19.37 -12.89
C GLU B 709 -0.76 -19.61 -12.86
N ALA B 710 -1.37 -19.75 -14.02
CA ALA B 710 -2.83 -19.87 -14.13
C ALA B 710 -3.26 -21.31 -14.01
N ILE B 711 -4.45 -21.50 -13.43
CA ILE B 711 -5.06 -22.81 -13.29
C ILE B 711 -6.54 -22.67 -13.64
N LEU B 712 -7.05 -23.61 -14.41
CA LEU B 712 -8.47 -23.68 -14.75
C LEU B 712 -9.07 -24.84 -13.97
N SER B 713 -9.73 -24.51 -12.87
CA SER B 713 -10.38 -25.51 -12.04
C SER B 713 -11.70 -25.88 -12.67
N ILE B 714 -11.84 -27.16 -13.05
CA ILE B 714 -13.00 -27.61 -13.79
C ILE B 714 -13.39 -29.00 -13.29
N ASP B 715 -14.69 -29.23 -13.15
CA ASP B 715 -15.18 -30.54 -12.81
C ASP B 715 -15.11 -31.46 -14.03
N ASP B 716 -15.30 -32.75 -13.79
CA ASP B 716 -15.22 -33.73 -14.85
C ASP B 716 -16.49 -33.85 -15.67
N ASP B 717 -17.57 -33.17 -15.25
CA ASP B 717 -18.86 -33.27 -15.93
C ASP B 717 -19.35 -31.95 -16.49
N ALA B 718 -18.47 -30.96 -16.62
CA ALA B 718 -18.89 -29.63 -17.07
C ALA B 718 -18.60 -29.45 -18.55
N HIS B 719 -19.49 -28.74 -19.22
CA HIS B 719 -19.40 -28.47 -20.65
C HIS B 719 -19.09 -26.99 -20.85
N LEU B 720 -17.97 -26.72 -21.54
CA LEU B 720 -17.57 -25.37 -21.85
C LEU B 720 -17.04 -25.31 -23.27
N ARG B 721 -17.40 -24.23 -23.97
CA ARG B 721 -16.95 -24.03 -25.34
C ARG B 721 -15.58 -23.37 -25.35
N HIS B 722 -14.86 -23.59 -26.45
CA HIS B 722 -13.50 -23.06 -26.55
C HIS B 722 -13.49 -21.53 -26.47
N ASP B 723 -14.45 -20.88 -27.12
CA ASP B 723 -14.45 -19.43 -27.14
C ASP B 723 -14.57 -18.86 -25.74
N GLU B 724 -15.42 -19.47 -24.91
CA GLU B 724 -15.61 -18.97 -23.55
C GLU B 724 -14.29 -19.00 -22.77
N ILE B 725 -13.56 -20.11 -22.88
CA ILE B 725 -12.34 -20.30 -22.11
C ILE B 725 -11.29 -19.26 -22.52
N MET B 726 -11.17 -19.02 -23.82
CA MET B 726 -10.20 -18.05 -24.32
C MET B 726 -10.47 -16.66 -23.74
N PHE B 727 -11.74 -16.24 -23.75
CA PHE B 727 -12.07 -14.92 -23.22
C PHE B 727 -11.81 -14.85 -21.72
N GLY B 728 -12.17 -15.91 -20.99
CA GLY B 728 -11.88 -15.93 -19.56
C GLY B 728 -10.39 -15.83 -19.29
N PHE B 729 -9.58 -16.51 -20.10
CA PHE B 729 -8.13 -16.45 -19.92
C PHE B 729 -7.61 -15.05 -20.15
N ARG B 730 -8.11 -14.36 -21.18
CA ARG B 730 -7.67 -12.99 -21.42
C ARG B 730 -8.06 -12.08 -20.27
N VAL B 731 -9.29 -12.21 -19.79
CA VAL B 731 -9.75 -11.40 -18.67
C VAL B 731 -8.87 -11.65 -17.45
N TRP B 732 -8.56 -12.91 -17.18
CA TRP B 732 -7.69 -13.21 -16.06
C TRP B 732 -6.32 -12.58 -16.24
N ARG B 733 -5.78 -12.63 -17.46
CA ARG B 733 -4.52 -11.96 -17.74
C ARG B 733 -4.58 -10.49 -17.36
N GLU B 734 -5.76 -9.90 -17.44
CA GLU B 734 -5.94 -8.52 -16.97
C GLU B 734 -6.22 -8.43 -15.49
N ALA B 735 -6.63 -9.52 -14.84
CA ALA B 735 -7.09 -9.49 -13.46
C ALA B 735 -6.48 -10.65 -12.67
N ARG B 736 -5.16 -10.78 -12.72
CA ARG B 736 -4.50 -11.94 -12.13
C ARG B 736 -4.84 -12.14 -10.67
N ASP B 737 -5.21 -11.09 -9.96
CA ASP B 737 -5.45 -11.17 -8.52
C ASP B 737 -6.86 -11.61 -8.16
N ARG B 738 -7.72 -11.81 -9.14
CA ARG B 738 -9.13 -12.14 -8.90
C ARG B 738 -9.42 -13.58 -9.30
N ILE B 739 -10.63 -14.02 -8.94
CA ILE B 739 -11.20 -15.25 -9.47
C ILE B 739 -12.07 -14.88 -10.66
N VAL B 740 -11.86 -15.58 -11.78
CA VAL B 740 -12.56 -15.31 -13.02
C VAL B 740 -13.26 -16.59 -13.42
N GLY B 741 -14.57 -16.63 -13.23
CA GLY B 741 -15.31 -17.85 -13.50
C GLY B 741 -16.72 -17.58 -13.95
N PHE B 742 -17.31 -18.60 -14.55
CA PHE B 742 -18.62 -18.54 -15.19
C PHE B 742 -19.77 -18.70 -14.20
N PRO B 743 -19.74 -19.70 -13.31
CA PRO B 743 -20.87 -19.90 -12.40
C PRO B 743 -20.88 -18.88 -11.27
N GLY B 744 -22.06 -18.38 -10.92
CA GLY B 744 -22.19 -17.32 -9.94
C GLY B 744 -23.21 -17.66 -8.88
N ARG B 745 -22.98 -17.12 -7.69
CA ARG B 745 -23.88 -17.28 -6.55
C ARG B 745 -23.85 -16.00 -5.74
N TYR B 746 -24.63 -15.97 -4.67
CA TYR B 746 -24.66 -14.80 -3.80
C TYR B 746 -25.15 -15.20 -2.43
N HIS B 747 -24.74 -14.41 -1.44
CA HIS B 747 -25.08 -14.62 -0.05
C HIS B 747 -26.11 -13.59 0.41
N ALA B 748 -26.93 -14.00 1.38
CA ALA B 748 -28.07 -13.21 1.80
C ALA B 748 -28.17 -13.21 3.31
N TRP B 749 -28.86 -12.19 3.83
CA TRP B 749 -29.06 -12.01 5.25
C TRP B 749 -30.40 -12.59 5.68
N ASP B 750 -30.42 -13.15 6.88
CA ASP B 750 -31.63 -13.70 7.47
C ASP B 750 -31.93 -12.89 8.72
N ILE B 751 -32.82 -11.90 8.57
CA ILE B 751 -33.10 -10.98 9.67
C ILE B 751 -33.64 -11.70 10.89
N PRO B 752 -34.61 -12.61 10.77
CA PRO B 752 -35.12 -13.29 11.98
C PRO B 752 -34.05 -13.97 12.79
N HIS B 753 -33.07 -14.59 12.12
CA HIS B 753 -32.02 -15.34 12.78
C HIS B 753 -30.69 -14.61 12.82
N GLN B 754 -30.60 -13.43 12.21
CA GLN B 754 -29.38 -12.64 12.23
C GLN B 754 -28.19 -13.46 11.73
N SER B 755 -28.43 -14.21 10.66
CA SER B 755 -27.42 -15.09 10.10
C SER B 755 -27.44 -14.99 8.59
N TRP B 756 -26.48 -15.65 7.96
CA TRP B 756 -26.30 -15.60 6.52
C TRP B 756 -26.91 -16.83 5.85
N LEU B 757 -27.09 -16.71 4.54
CA LEU B 757 -27.66 -17.79 3.74
C LEU B 757 -26.89 -17.94 2.44
N TYR B 758 -26.97 -19.14 1.87
CA TYR B 758 -26.43 -19.42 0.55
C TYR B 758 -27.58 -19.48 -0.43
N ASN B 759 -27.49 -18.71 -1.50
CA ASN B 759 -28.54 -18.64 -2.51
C ASN B 759 -27.98 -18.93 -3.89
N SER B 760 -28.81 -19.51 -4.73
CA SER B 760 -28.40 -19.89 -6.08
C SER B 760 -29.40 -19.47 -7.14
N ASN B 761 -30.41 -18.67 -6.80
CA ASN B 761 -31.36 -18.21 -7.79
C ASN B 761 -30.68 -17.29 -8.80
N TYR B 762 -31.40 -17.02 -9.88
CA TYR B 762 -31.02 -15.94 -10.78
C TYR B 762 -31.11 -14.61 -10.03
N SER B 763 -30.07 -13.79 -10.15
CA SER B 763 -30.02 -12.55 -9.41
C SER B 763 -29.32 -11.48 -10.22
N CYS B 764 -29.58 -10.23 -9.88
CA CYS B 764 -28.94 -9.10 -10.52
C CYS B 764 -27.56 -8.79 -9.94
N GLU B 765 -27.23 -9.35 -8.77
CA GLU B 765 -25.95 -9.11 -8.14
C GLU B 765 -25.39 -10.43 -7.63
N LEU B 766 -24.07 -10.49 -7.53
CA LEU B 766 -23.37 -11.71 -7.14
C LEU B 766 -22.28 -11.39 -6.13
N SER B 767 -21.87 -12.42 -5.39
CA SER B 767 -20.78 -12.30 -4.44
C SER B 767 -19.84 -13.49 -4.46
N MET B 768 -20.10 -14.52 -5.26
CA MET B 768 -19.24 -15.69 -5.31
C MET B 768 -19.19 -16.22 -6.73
N VAL B 769 -18.10 -16.91 -7.04
CA VAL B 769 -17.91 -17.59 -8.31
C VAL B 769 -17.34 -18.95 -8.00
N LEU B 770 -18.12 -19.99 -8.24
CA LEU B 770 -17.71 -21.34 -7.88
C LEU B 770 -16.53 -21.80 -8.74
N THR B 771 -15.67 -22.61 -8.14
CA THR B 771 -14.46 -23.08 -8.81
C THR B 771 -14.71 -24.29 -9.69
N GLY B 772 -15.96 -24.74 -9.80
CA GLY B 772 -16.28 -25.78 -10.76
C GLY B 772 -15.94 -25.39 -12.18
N ALA B 773 -15.84 -24.09 -12.45
CA ALA B 773 -15.32 -23.60 -13.73
C ALA B 773 -14.81 -22.18 -13.47
N ALA B 774 -13.50 -22.04 -13.33
CA ALA B 774 -12.95 -20.75 -12.94
C ALA B 774 -11.45 -20.76 -13.10
N PHE B 775 -10.89 -19.57 -13.26
CA PHE B 775 -9.46 -19.33 -13.31
C PHE B 775 -9.00 -18.76 -11.98
N PHE B 776 -7.77 -19.11 -11.59
CA PHE B 776 -7.16 -18.49 -10.42
C PHE B 776 -5.66 -18.77 -10.46
N HIS B 777 -4.93 -18.02 -9.64
CA HIS B 777 -3.48 -18.11 -9.57
C HIS B 777 -3.05 -19.20 -8.60
N LYS B 778 -1.97 -19.90 -8.96
CA LYS B 778 -1.45 -20.96 -8.13
C LYS B 778 -1.04 -20.45 -6.74
N TYR B 779 -0.76 -19.17 -6.63
CA TYR B 779 -0.42 -18.55 -5.35
C TYR B 779 -1.46 -18.89 -4.29
N TYR B 780 -2.74 -18.77 -4.66
CA TYR B 780 -3.81 -19.05 -3.72
C TYR B 780 -3.88 -20.53 -3.36
N ALA B 781 -3.36 -21.41 -4.23
CA ALA B 781 -3.31 -22.81 -3.89
C ALA B 781 -2.36 -23.06 -2.71
N TYR B 782 -1.18 -22.45 -2.76
CA TYR B 782 -0.27 -22.51 -1.62
C TYR B 782 -0.94 -21.97 -0.37
N LEU B 783 -1.55 -20.79 -0.49
CA LEU B 783 -2.19 -20.19 0.69
C LEU B 783 -3.25 -21.10 1.27
N TYR B 784 -4.13 -21.63 0.41
CA TYR B 784 -5.19 -22.52 0.87
C TYR B 784 -4.61 -23.75 1.55
N SER B 785 -3.62 -24.38 0.93
CA SER B 785 -3.13 -25.64 1.44
C SER B 785 -2.40 -25.49 2.77
N TYR B 786 -1.58 -24.45 2.90
CA TYR B 786 -0.64 -24.37 4.00
C TYR B 786 -0.89 -23.22 4.96
N VAL B 787 -1.25 -22.05 4.47
CA VAL B 787 -1.33 -20.87 5.32
C VAL B 787 -2.72 -20.69 5.93
N MET B 788 -3.76 -21.05 5.18
CA MET B 788 -5.10 -20.85 5.67
C MET B 788 -5.34 -21.74 6.90
N PRO B 789 -6.20 -21.31 7.82
CA PRO B 789 -6.42 -22.08 9.04
C PRO B 789 -6.86 -23.52 8.75
N GLN B 790 -6.37 -24.44 9.58
CA GLN B 790 -6.66 -25.85 9.38
C GLN B 790 -8.13 -26.17 9.64
N ALA B 791 -8.79 -25.39 10.49
CA ALA B 791 -10.18 -25.69 10.83
C ALA B 791 -11.06 -25.75 9.58
N ILE B 792 -10.84 -24.82 8.65
CA ILE B 792 -11.63 -24.79 7.43
C ILE B 792 -11.41 -26.08 6.63
N ARG B 793 -10.15 -26.49 6.49
CA ARG B 793 -9.84 -27.69 5.75
C ARG B 793 -10.45 -28.91 6.42
N ASP B 794 -10.38 -28.97 7.74
CA ASP B 794 -10.95 -30.10 8.48
C ASP B 794 -12.45 -30.18 8.28
N MET B 795 -13.12 -29.02 8.29
CA MET B 795 -14.56 -29.03 8.07
C MET B 795 -14.90 -29.47 6.66
N VAL B 796 -14.12 -29.01 5.68
CA VAL B 796 -14.34 -29.44 4.30
C VAL B 796 -14.17 -30.94 4.17
N ASP B 797 -13.22 -31.52 4.91
CA ASP B 797 -13.09 -32.97 4.93
C ASP B 797 -14.31 -33.61 5.58
N GLU B 798 -14.75 -33.06 6.71
CA GLU B 798 -15.91 -33.57 7.42
C GLU B 798 -17.16 -33.47 6.56
N TYR B 799 -17.58 -32.25 6.27
CA TYR B 799 -18.61 -32.01 5.26
C TYR B 799 -17.92 -31.99 3.91
N ILE B 800 -18.17 -33.00 3.10
CA ILE B 800 -17.43 -33.20 1.85
C ILE B 800 -17.76 -32.08 0.86
N ASN B 801 -18.59 -31.13 1.28
CA ASN B 801 -18.94 -29.96 0.50
C ASN B 801 -18.10 -28.76 0.91
N CYS B 802 -18.39 -27.61 0.29
CA CYS B 802 -17.99 -26.30 0.77
C CYS B 802 -16.51 -25.97 0.56
N GLU B 803 -15.90 -26.45 -0.52
CA GLU B 803 -14.51 -26.06 -0.77
C GLU B 803 -14.44 -24.74 -1.54
N ASP B 804 -15.33 -24.54 -2.50
CA ASP B 804 -15.32 -23.32 -3.31
C ASP B 804 -15.61 -22.09 -2.47
N ILE B 805 -16.56 -22.20 -1.54
CA ILE B 805 -16.90 -21.08 -0.68
C ILE B 805 -15.67 -20.62 0.09
N ALA B 806 -14.89 -21.57 0.60
CA ALA B 806 -13.69 -21.22 1.34
C ALA B 806 -12.71 -20.45 0.46
N MET B 807 -12.57 -20.87 -0.79
CA MET B 807 -11.64 -20.20 -1.69
C MET B 807 -12.07 -18.77 -1.95
N ASN B 808 -13.37 -18.55 -2.18
CA ASN B 808 -13.85 -17.19 -2.36
C ASN B 808 -13.61 -16.35 -1.12
N PHE B 809 -13.85 -16.92 0.06
CA PHE B 809 -13.55 -16.22 1.30
C PHE B 809 -12.09 -15.79 1.33
N LEU B 810 -11.20 -16.72 1.00
CA LEU B 810 -9.77 -16.42 1.04
C LEU B 810 -9.42 -15.27 0.12
N VAL B 811 -9.82 -15.36 -1.14
CA VAL B 811 -9.40 -14.37 -2.12
C VAL B 811 -9.97 -13.00 -1.77
N SER B 812 -11.25 -12.95 -1.37
CA SER B 812 -11.82 -11.67 -0.98
C SER B 812 -11.14 -11.10 0.25
N HIS B 813 -10.68 -11.97 1.16
CA HIS B 813 -9.94 -11.50 2.33
C HIS B 813 -8.62 -10.88 1.92
N ILE B 814 -7.91 -11.51 0.98
CA ILE B 814 -6.61 -11.00 0.57
C ILE B 814 -6.75 -9.68 -0.18
N THR B 815 -7.65 -9.65 -1.17
CA THR B 815 -7.73 -8.53 -2.10
C THR B 815 -8.76 -7.49 -1.72
N ARG B 816 -9.82 -7.88 -1.03
CA ARG B 816 -10.93 -6.99 -0.72
C ARG B 816 -11.66 -6.54 -1.97
N LYS B 817 -11.62 -7.36 -3.03
CA LYS B 817 -12.31 -7.09 -4.26
C LYS B 817 -13.14 -8.31 -4.66
N PRO B 818 -14.30 -8.10 -5.27
CA PRO B 818 -15.17 -9.22 -5.60
C PRO B 818 -14.68 -9.97 -6.82
N PRO B 819 -15.26 -11.13 -7.10
CA PRO B 819 -14.87 -11.90 -8.28
C PRO B 819 -15.46 -11.35 -9.56
N ILE B 820 -15.26 -12.07 -10.66
CA ILE B 820 -15.69 -11.63 -11.98
C ILE B 820 -16.45 -12.77 -12.65
N LYS B 821 -17.57 -12.43 -13.26
CA LYS B 821 -18.35 -13.36 -14.06
C LYS B 821 -18.26 -12.96 -15.53
N VAL B 822 -18.24 -13.97 -16.41
CA VAL B 822 -17.76 -13.77 -17.77
C VAL B 822 -18.84 -13.93 -18.83
N THR B 823 -19.84 -14.78 -18.61
CA THR B 823 -20.82 -15.05 -19.64
C THR B 823 -22.22 -15.04 -19.05
N SER B 824 -23.21 -15.20 -19.93
CA SER B 824 -24.61 -15.21 -19.53
C SER B 824 -25.07 -16.58 -19.07
N ARG B 825 -24.30 -17.63 -19.33
CA ARG B 825 -24.74 -18.98 -18.98
C ARG B 825 -24.68 -19.19 -17.47
N TRP B 826 -25.66 -19.93 -16.95
CA TRP B 826 -25.76 -20.21 -15.53
C TRP B 826 -25.67 -21.70 -15.20
N THR B 827 -25.90 -22.58 -16.16
CA THR B 827 -25.78 -24.02 -15.97
C THR B 827 -24.86 -24.58 -17.04
N PHE B 828 -24.06 -25.57 -16.67
CA PHE B 828 -22.99 -26.10 -17.50
C PHE B 828 -23.09 -27.61 -17.59
N ARG B 829 -24.28 -28.11 -17.86
CA ARG B 829 -24.50 -29.54 -18.02
C ARG B 829 -24.45 -29.94 -19.49
N ASP B 840 -29.05 -31.46 -3.28
CA ASP B 840 -30.25 -31.79 -2.52
C ASP B 840 -30.34 -30.93 -1.26
N ASP B 841 -31.33 -31.23 -0.42
CA ASP B 841 -31.56 -30.40 0.76
C ASP B 841 -30.37 -30.42 1.70
N SER B 842 -29.82 -31.60 1.98
CA SER B 842 -28.67 -31.68 2.86
C SER B 842 -27.49 -30.92 2.28
N HIS B 843 -27.23 -31.12 0.99
CA HIS B 843 -26.19 -30.36 0.30
C HIS B 843 -26.43 -28.87 0.42
N PHE B 844 -27.69 -28.47 0.59
CA PHE B 844 -28.01 -27.04 0.67
C PHE B 844 -27.72 -26.48 2.05
N HIS B 845 -28.21 -27.15 3.10
CA HIS B 845 -28.07 -26.63 4.45
C HIS B 845 -26.63 -26.75 4.95
N GLU B 846 -25.91 -27.76 4.47
CA GLU B 846 -24.50 -27.86 4.79
C GLU B 846 -23.78 -26.56 4.45
N ARG B 847 -24.18 -25.92 3.36
CA ARG B 847 -23.51 -24.70 2.91
C ARG B 847 -23.87 -23.51 3.79
N HIS B 848 -25.11 -23.42 4.27
CA HIS B 848 -25.44 -22.42 5.27
C HIS B 848 -24.51 -22.54 6.46
N LYS B 849 -24.36 -23.76 6.98
CA LYS B 849 -23.48 -23.97 8.12
C LYS B 849 -22.05 -23.60 7.79
N CYS B 850 -21.60 -23.96 6.58
CA CYS B 850 -20.23 -23.65 6.18
C CYS B 850 -19.99 -22.15 6.19
N ILE B 851 -20.91 -21.38 5.60
CA ILE B 851 -20.75 -19.93 5.56
C ILE B 851 -20.67 -19.36 6.97
N ASN B 852 -21.60 -19.77 7.83
CA ASN B 852 -21.61 -19.21 9.18
C ASN B 852 -20.34 -19.54 9.94
N PHE B 853 -19.86 -20.78 9.80
CA PHE B 853 -18.64 -21.17 10.50
C PHE B 853 -17.44 -20.39 9.98
N PHE B 854 -17.34 -20.22 8.66
CA PHE B 854 -16.21 -19.48 8.10
C PHE B 854 -16.23 -18.05 8.58
N VAL B 855 -17.41 -17.44 8.67
CA VAL B 855 -17.51 -16.09 9.22
C VAL B 855 -17.01 -16.08 10.66
N LYS B 856 -17.42 -17.08 11.44
CA LYS B 856 -16.95 -17.17 12.82
C LYS B 856 -15.43 -17.23 12.88
N VAL B 857 -14.81 -17.95 11.95
CA VAL B 857 -13.36 -18.05 11.94
C VAL B 857 -12.72 -16.72 11.62
N TYR B 858 -13.01 -16.17 10.43
CA TYR B 858 -12.37 -14.95 9.99
C TYR B 858 -12.71 -13.76 10.89
N GLY B 859 -13.82 -13.84 11.62
CA GLY B 859 -14.27 -12.76 12.46
C GLY B 859 -15.16 -11.76 11.76
N TYR B 860 -15.31 -11.87 10.44
CA TYR B 860 -16.13 -10.94 9.68
C TYR B 860 -16.47 -11.60 8.35
N MET B 861 -17.37 -10.96 7.62
CA MET B 861 -17.76 -11.44 6.30
C MET B 861 -16.95 -10.69 5.25
N PRO B 862 -16.04 -11.35 4.53
CA PRO B 862 -15.22 -10.66 3.53
C PRO B 862 -15.81 -10.63 2.13
N LEU B 863 -16.94 -11.29 1.89
CA LEU B 863 -17.51 -11.31 0.56
C LEU B 863 -18.09 -9.94 0.20
N LEU B 864 -18.03 -9.62 -1.08
CA LEU B 864 -18.46 -8.33 -1.59
C LEU B 864 -19.31 -8.53 -2.83
N TYR B 865 -20.32 -7.68 -2.97
CA TYR B 865 -21.25 -7.79 -4.08
C TYR B 865 -20.71 -7.10 -5.32
N THR B 866 -21.03 -7.68 -6.47
CA THR B 866 -20.79 -7.07 -7.77
C THR B 866 -22.08 -7.15 -8.58
N GLN B 867 -22.42 -6.04 -9.25
CA GLN B 867 -23.67 -5.93 -9.99
C GLN B 867 -23.46 -5.95 -11.49
N PHE B 868 -22.38 -6.55 -11.97
CA PHE B 868 -22.12 -6.56 -13.40
C PHE B 868 -21.28 -7.77 -13.77
N ARG B 869 -21.26 -8.06 -15.05
CA ARG B 869 -20.41 -9.08 -15.65
C ARG B 869 -19.66 -8.46 -16.82
N VAL B 870 -18.72 -9.21 -17.37
CA VAL B 870 -17.83 -8.71 -18.41
C VAL B 870 -18.06 -9.49 -19.69
N ASP B 871 -18.16 -8.77 -20.80
CA ASP B 871 -18.30 -9.35 -22.12
C ASP B 871 -17.30 -8.66 -23.06
N SER B 872 -17.15 -9.22 -24.25
CA SER B 872 -16.20 -8.68 -25.20
C SER B 872 -16.65 -7.30 -25.67
N VAL B 873 -15.66 -6.52 -26.11
CA VAL B 873 -15.92 -5.13 -26.45
C VAL B 873 -16.94 -5.01 -27.56
N LEU B 874 -16.73 -5.76 -28.64
CA LEU B 874 -17.59 -5.71 -29.82
C LEU B 874 -18.77 -6.65 -29.73
N PHE B 875 -19.17 -7.03 -28.53
CA PHE B 875 -20.31 -7.92 -28.35
C PHE B 875 -21.59 -7.21 -28.76
N LYS B 876 -22.39 -7.89 -29.59
CA LYS B 876 -23.68 -7.38 -30.04
C LYS B 876 -23.55 -5.97 -30.58
N THR B 877 -22.62 -5.78 -31.51
CA THR B 877 -22.36 -4.48 -32.10
C THR B 877 -22.54 -4.56 -33.61
N ARG B 878 -23.20 -3.55 -34.18
CA ARG B 878 -23.44 -3.49 -35.61
C ARG B 878 -22.22 -2.88 -36.28
N LEU B 879 -21.28 -3.75 -36.64
CA LEU B 879 -20.06 -3.31 -37.28
C LEU B 879 -20.27 -3.04 -38.77
N PRO B 880 -19.45 -2.19 -39.37
CA PRO B 880 -19.39 -2.15 -40.82
C PRO B 880 -18.67 -3.38 -41.37
N HIS B 881 -18.84 -3.61 -42.67
CA HIS B 881 -18.31 -4.81 -43.28
C HIS B 881 -16.79 -4.78 -43.46
N ASP B 882 -16.13 -3.70 -43.06
CA ASP B 882 -14.67 -3.64 -43.04
C ASP B 882 -14.09 -4.22 -41.76
N LYS B 883 -14.92 -4.69 -40.84
CA LYS B 883 -14.50 -5.14 -39.53
C LYS B 883 -15.17 -6.47 -39.21
N THR B 884 -14.54 -7.23 -38.31
CA THR B 884 -15.09 -8.48 -37.84
C THR B 884 -15.04 -8.52 -36.32
N LYS B 885 -16.04 -9.19 -35.74
CA LYS B 885 -16.17 -9.25 -34.29
C LYS B 885 -15.03 -10.06 -33.67
N CYS B 886 -14.71 -9.73 -32.42
CA CYS B 886 -13.65 -10.44 -31.72
C CYS B 886 -13.95 -11.92 -31.63
N PHE B 887 -15.17 -12.26 -31.22
CA PHE B 887 -15.64 -13.64 -31.17
C PHE B 887 -17.00 -13.72 -31.86
N LYS B 888 -17.50 -14.95 -31.99
CA LYS B 888 -18.75 -15.17 -32.70
C LYS B 888 -19.93 -15.39 -31.76
N PHE B 889 -19.66 -15.97 -30.59
CA PHE B 889 -20.74 -16.26 -29.60
C PHE B 889 -20.43 -15.57 -28.26
N ILE B 890 -19.49 -14.61 -28.26
CA ILE B 890 -19.11 -13.92 -27.03
C ILE B 890 -19.20 -12.42 -27.27
#